data_9MQ7
#
_entry.id   9MQ7
#
_cell.length_a   1.00
_cell.length_b   1.00
_cell.length_c   1.00
_cell.angle_alpha   90.00
_cell.angle_beta   90.00
_cell.angle_gamma   90.00
#
_symmetry.space_group_name_H-M   'P 1'
#
loop_
_entity.id
_entity.type
_entity.pdbx_description
1 polymer '326-366.26 Fab heavy chain'
2 polymer '326-366.26 Fab light chain'
3 polymer 'Hemagglutinin HA1 chain'
4 polymer 'Hemagglutinin HA2 chain'
#
loop_
_entity_poly.entity_id
_entity_poly.type
_entity_poly.pdbx_seq_one_letter_code
_entity_poly.pdbx_strand_id
1 'polypeptide(L)'
;QMQLQESGPGLVKPSGTLSLTCAVSGGSISNSHWWSWVRQSPGKGLEWIGEIYHSGSTYYNPSLKSRLTISVDKSKNQFS
LKLTSVTAADTAVYFCARGLGWEQGGYRAFDMWGQGTTVTVSS
;
H,I,J
2 'polypeptide(L)'
;EIVMTQSPATLSVSPGERVTLSCRASQSVGSSLAWYQQKPGQAPRLLIYAASTRATGIPARFSGSGSGTEFTLTISSLQS
EDFAVYYCQQHYNWPPLTFGGGTKVEIK
;
L,M,N
3 'polypeptide(L)'
;MENIVLLLAIVSLVKSDQICIGYHANNSTEQVDTIMEKNVTVTHAQDILEKTHNGKLCDLNGVKPLILKDCSVAGWLLGN
PMCDEFIRVPEWSYIVERANPANDLCFPGSLNDYEELKHMLSRINHFEKIQIIPKSSWPNHETSLGVSAACPYQGAPSFF
RNVVWLIKKNDAYPTIKISYNNTNREDLLILWGIHHSNNAEEQTNLYKNPITYISVGTSTLNQRLAPKIATRSQVNGQRG
RMDFFWTILKPDDAIHFESNGNFIAPEYAYKIVKKGDSTIMKSGVEYGHCNTKCQTPVGAINSSMPFHNIHPLTIGECPK
YVKSNKLVLATGLRNSPLREKR
;
A,C,E
4 'polypeptide(L)'
;GLFGAIAGFIEGGWQGMVDGWYGYHHSNEQGSGYAADKESTQKAIDGVTNKVNSIIDKMNTQFEAVGREFNNLERRIENL
NKKMEDGFLDVWTYNAELLVLMENERTLDFHDSNVKNLYDKVRLQLRDNAKELGNGCFEFYHKCDNECMESVRNGTYDYP
QYSEEARLKREEISGSGYIPEAPRDGQAYVRKDGEWVLLSTFLGSGLNDIFEAQKIEWHEGHHHHHH
;
B,D,F
#
# COMPACT_ATOMS: atom_id res chain seq x y z
N MET A 2 -7.07 15.78 55.49
CA MET A 2 -6.94 17.21 55.68
C MET A 2 -8.24 17.81 56.23
N GLN A 3 -8.12 19.00 56.82
CA GLN A 3 -9.27 19.67 57.45
C GLN A 3 -10.18 20.22 56.36
N LEU A 4 -11.22 19.46 56.05
CA LEU A 4 -12.22 19.88 55.08
C LEU A 4 -13.43 20.45 55.82
N GLN A 5 -13.70 21.73 55.58
CA GLN A 5 -14.70 22.46 56.34
C GLN A 5 -15.86 22.82 55.40
N GLU A 6 -17.07 22.90 55.94
CA GLU A 6 -18.26 23.19 55.13
C GLU A 6 -18.92 24.44 55.69
N SER A 7 -19.10 25.45 54.83
CA SER A 7 -19.73 26.71 55.21
C SER A 7 -21.11 26.77 54.58
N GLY A 8 -22.15 26.64 55.41
CA GLY A 8 -23.51 26.66 54.95
C GLY A 8 -24.32 27.79 55.55
N PRO A 9 -25.33 28.27 54.82
CA PRO A 9 -26.12 29.40 55.32
C PRO A 9 -27.39 28.98 56.05
N GLY A 10 -27.71 27.69 56.02
CA GLY A 10 -28.98 27.24 56.58
C GLY A 10 -30.19 27.80 55.86
N LEU A 11 -30.15 27.82 54.53
CA LEU A 11 -31.21 28.43 53.75
C LEU A 11 -32.52 27.65 53.90
N VAL A 12 -33.62 28.38 54.05
CA VAL A 12 -34.92 27.78 54.34
C VAL A 12 -35.95 28.17 53.29
N LYS A 13 -35.94 29.45 52.89
CA LYS A 13 -36.95 30.11 52.08
C LYS A 13 -37.31 29.24 50.88
N PRO A 14 -38.53 28.72 50.83
CA PRO A 14 -38.92 27.85 49.71
C PRO A 14 -38.87 28.59 48.37
N SER A 15 -38.61 27.82 47.31
CA SER A 15 -38.37 28.36 45.98
C SER A 15 -37.16 29.30 45.97
N GLY A 16 -36.10 28.91 46.68
CA GLY A 16 -34.88 29.68 46.72
C GLY A 16 -33.73 29.01 45.98
N THR A 17 -32.51 29.37 46.33
CA THR A 17 -31.32 28.81 45.68
C THR A 17 -30.30 28.47 46.75
N LEU A 18 -30.07 27.17 46.97
CA LEU A 18 -29.13 26.77 48.01
C LEU A 18 -27.69 27.02 47.58
N SER A 19 -26.83 27.25 48.56
CA SER A 19 -25.41 27.49 48.28
C SER A 19 -24.55 27.14 49.49
N LEU A 20 -23.83 26.02 49.41
CA LEU A 20 -22.90 25.60 50.44
C LEU A 20 -21.49 25.58 49.87
N THR A 21 -20.54 26.18 50.62
CA THR A 21 -19.20 26.37 50.08
C THR A 21 -18.21 25.59 50.95
N CYS A 22 -17.67 24.51 50.39
CA CYS A 22 -16.69 23.71 51.09
C CYS A 22 -15.28 24.24 50.82
N ALA A 23 -14.54 24.47 51.90
CA ALA A 23 -13.18 25.00 51.84
C ALA A 23 -12.23 23.99 52.46
N VAL A 24 -11.04 23.88 51.90
CA VAL A 24 -10.03 22.94 52.36
C VAL A 24 -8.97 23.68 53.17
N SER A 25 -8.64 23.17 54.35
CA SER A 25 -7.64 23.75 55.22
C SER A 25 -6.43 22.84 55.30
N GLY A 26 -5.27 23.43 55.55
CA GLY A 26 -4.04 22.68 55.62
C GLY A 26 -3.51 22.34 54.24
N GLY A 27 -4.30 21.62 53.46
CA GLY A 27 -3.95 21.30 52.09
C GLY A 27 -4.37 22.42 51.14
N SER A 28 -4.20 22.13 49.85
CA SER A 28 -4.54 23.10 48.80
C SER A 28 -4.89 22.33 47.54
N ILE A 29 -5.50 23.04 46.59
CA ILE A 29 -5.89 22.43 45.32
C ILE A 29 -4.66 22.51 44.42
N SER A 30 -3.78 21.51 44.57
CA SER A 30 -2.55 21.47 43.79
C SER A 30 -2.20 20.05 43.36
N ASN A 31 -3.13 19.10 43.46
CA ASN A 31 -2.87 17.73 43.09
C ASN A 31 -4.08 17.16 42.37
N SER A 32 -3.92 15.97 41.81
CA SER A 32 -4.98 15.33 41.02
C SER A 32 -5.95 14.62 41.97
N HIS A 33 -7.15 15.18 42.11
CA HIS A 33 -8.17 14.60 42.96
C HIS A 33 -9.53 14.99 42.42
N TRP A 34 -10.58 14.32 42.91
CA TRP A 34 -11.95 14.60 42.50
C TRP A 34 -12.79 14.82 43.76
N TRP A 35 -12.98 16.08 44.12
CA TRP A 35 -13.82 16.43 45.26
C TRP A 35 -15.28 16.14 44.93
N SER A 36 -16.04 15.75 45.95
CA SER A 36 -17.39 15.26 45.71
C SER A 36 -18.31 15.68 46.84
N TRP A 37 -19.61 15.63 46.54
CA TRP A 37 -20.66 15.91 47.51
C TRP A 37 -21.51 14.66 47.70
N VAL A 38 -21.85 14.34 48.95
CA VAL A 38 -22.71 13.23 49.27
C VAL A 38 -23.83 13.74 50.16
N ARG A 39 -25.07 13.37 49.84
CA ARG A 39 -26.22 13.77 50.64
C ARG A 39 -26.90 12.54 51.22
N GLN A 40 -27.21 12.59 52.51
CA GLN A 40 -27.84 11.48 53.19
C GLN A 40 -29.24 11.89 53.62
N SER A 41 -30.23 11.08 53.26
CA SER A 41 -31.62 11.33 53.58
C SER A 41 -32.29 10.05 54.06
N PRO A 42 -33.20 10.15 55.03
CA PRO A 42 -33.95 8.98 55.46
C PRO A 42 -34.83 8.45 54.32
N GLY A 43 -34.92 7.12 54.23
CA GLY A 43 -35.72 6.46 53.23
C GLY A 43 -34.97 6.04 51.99
N LYS A 44 -33.84 6.68 51.67
CA LYS A 44 -33.05 6.29 50.52
C LYS A 44 -31.54 6.34 50.79
N GLY A 45 -31.13 6.63 52.01
CA GLY A 45 -29.72 6.51 52.35
C GLY A 45 -28.87 7.59 51.70
N LEU A 46 -27.84 7.16 50.97
CA LEU A 46 -26.81 8.06 50.46
C LEU A 46 -26.93 8.24 48.96
N GLU A 47 -26.90 9.50 48.52
CA GLU A 47 -26.90 9.86 47.11
C GLU A 47 -25.64 10.65 46.82
N TRP A 48 -25.11 10.45 45.61
CA TRP A 48 -23.90 11.13 45.16
C TRP A 48 -24.31 12.31 44.29
N ILE A 49 -23.86 13.51 44.67
CA ILE A 49 -24.32 14.72 44.00
C ILE A 49 -23.51 14.99 42.74
N GLY A 50 -22.20 15.11 42.87
CA GLY A 50 -21.36 15.36 41.72
C GLY A 50 -19.91 15.50 42.14
N GLU A 51 -19.05 15.56 41.13
CA GLU A 51 -17.61 15.72 41.33
C GLU A 51 -17.07 16.76 40.38
N ILE A 52 -15.88 17.27 40.69
CA ILE A 52 -15.25 18.27 39.84
C ILE A 52 -13.74 18.25 40.08
N TYR A 53 -12.98 18.26 38.99
CA TYR A 53 -11.52 18.30 39.03
C TYR A 53 -11.04 19.74 39.15
N HIS A 54 -9.75 19.90 39.41
CA HIS A 54 -9.21 21.24 39.59
C HIS A 54 -9.04 21.99 38.26
N SER A 55 -8.98 21.29 37.14
CA SER A 55 -8.82 21.95 35.86
C SER A 55 -10.11 22.53 35.30
N GLY A 56 -11.26 22.08 35.80
CA GLY A 56 -12.52 22.60 35.32
C GLY A 56 -13.51 21.53 34.92
N SER A 57 -13.06 20.28 34.83
CA SER A 57 -13.95 19.18 34.46
C SER A 57 -14.97 18.94 35.57
N THR A 58 -16.21 18.66 35.16
CA THR A 58 -17.29 18.47 36.11
C THR A 58 -18.14 17.26 35.70
N TYR A 59 -18.66 16.56 36.69
CA TYR A 59 -19.61 15.47 36.50
C TYR A 59 -20.77 15.69 37.45
N TYR A 60 -21.99 15.61 36.92
CA TYR A 60 -23.20 15.88 37.68
C TYR A 60 -24.10 14.66 37.74
N ASN A 61 -25.04 14.70 38.68
CA ASN A 61 -26.09 13.69 38.75
C ASN A 61 -27.07 13.91 37.61
N PRO A 62 -27.42 12.88 36.84
CA PRO A 62 -28.41 13.06 35.78
C PRO A 62 -29.78 13.49 36.29
N SER A 63 -30.10 13.22 37.55
CA SER A 63 -31.40 13.61 38.08
C SER A 63 -31.53 15.13 38.19
N LEU A 64 -30.48 15.81 38.61
CA LEU A 64 -30.52 17.25 38.85
C LEU A 64 -29.48 18.01 38.03
N LYS A 65 -29.11 17.46 36.87
CA LYS A 65 -28.10 18.12 36.04
C LYS A 65 -28.57 19.49 35.56
N SER A 66 -29.83 19.59 35.14
CA SER A 66 -30.35 20.83 34.59
C SER A 66 -30.52 21.92 35.62
N ARG A 67 -30.36 21.61 36.91
CA ARG A 67 -30.68 22.55 37.97
C ARG A 67 -29.51 22.76 38.94
N LEU A 68 -28.43 22.01 38.80
CA LEU A 68 -27.32 22.03 39.73
C LEU A 68 -26.07 22.54 39.03
N THR A 69 -25.23 23.27 39.75
CA THR A 69 -24.00 23.77 39.16
C THR A 69 -22.90 23.87 40.22
N ILE A 70 -21.70 23.44 39.86
CA ILE A 70 -20.54 23.53 40.74
C ILE A 70 -19.62 24.64 40.23
N SER A 71 -19.01 25.36 41.16
CA SER A 71 -18.01 26.36 40.82
C SER A 71 -16.83 26.21 41.77
N VAL A 72 -15.67 26.69 41.33
CA VAL A 72 -14.43 26.58 42.09
C VAL A 72 -13.67 27.88 42.08
N ASP A 73 -12.84 28.09 43.11
CA ASP A 73 -12.04 29.29 43.25
C ASP A 73 -10.61 28.88 43.64
N LYS A 74 -9.66 29.17 42.75
CA LYS A 74 -8.24 28.94 43.04
C LYS A 74 -7.71 29.92 44.07
N SER A 75 -8.23 31.14 44.09
CA SER A 75 -7.60 32.23 44.85
C SER A 75 -7.37 31.83 46.30
N LYS A 76 -8.40 31.27 46.93
CA LYS A 76 -8.28 30.76 48.31
C LYS A 76 -8.86 29.35 48.43
N ASN A 77 -8.84 28.60 47.33
CA ASN A 77 -9.19 27.17 47.26
C ASN A 77 -10.53 26.88 47.94
N GLN A 78 -11.57 27.41 47.31
CA GLN A 78 -12.94 27.31 47.83
C GLN A 78 -13.85 26.80 46.73
N PHE A 79 -14.51 25.65 46.96
CA PHE A 79 -15.37 25.08 45.93
C PHE A 79 -16.80 25.00 46.44
N SER A 80 -17.75 25.43 45.61
CA SER A 80 -19.11 25.68 46.03
C SER A 80 -20.12 25.02 45.11
N LEU A 81 -21.31 24.77 45.66
CA LEU A 81 -22.42 24.12 45.00
C LEU A 81 -23.61 25.06 45.00
N LYS A 82 -24.34 25.13 43.89
CA LYS A 82 -25.57 25.90 43.83
C LYS A 82 -26.66 25.08 43.17
N LEU A 83 -27.81 25.00 43.85
CA LEU A 83 -29.02 24.39 43.31
C LEU A 83 -30.09 25.48 43.25
N THR A 84 -30.64 25.69 42.06
CA THR A 84 -31.45 26.88 41.81
C THR A 84 -32.88 26.78 42.33
N SER A 85 -33.31 25.61 42.79
CA SER A 85 -34.65 25.46 43.36
C SER A 85 -34.57 24.57 44.59
N VAL A 86 -35.25 24.99 45.66
CA VAL A 86 -35.23 24.23 46.90
C VAL A 86 -36.49 23.39 47.10
N THR A 87 -37.48 23.51 46.20
CA THR A 87 -38.72 22.76 46.37
C THR A 87 -38.48 21.25 46.33
N ALA A 88 -37.45 20.81 45.60
CA ALA A 88 -37.10 19.40 45.53
C ALA A 88 -36.21 18.96 46.68
N ALA A 89 -35.68 19.89 47.47
CA ALA A 89 -34.82 19.52 48.59
C ALA A 89 -35.61 18.75 49.63
N ASP A 90 -35.00 17.69 50.14
CA ASP A 90 -35.61 16.82 51.14
C ASP A 90 -34.86 16.90 52.47
N THR A 91 -34.44 18.11 52.83
CA THR A 91 -33.69 18.43 54.05
C THR A 91 -32.62 17.39 54.38
N ALA A 92 -31.97 16.86 53.36
CA ALA A 92 -30.91 15.88 53.57
C ALA A 92 -29.68 16.56 54.15
N VAL A 93 -28.84 15.76 54.81
CA VAL A 93 -27.60 16.26 55.40
C VAL A 93 -26.49 16.09 54.38
N TYR A 94 -25.73 17.15 54.15
CA TYR A 94 -24.74 17.21 53.08
C TYR A 94 -23.32 17.07 53.63
N PHE A 95 -22.44 16.53 52.81
CA PHE A 95 -21.03 16.36 53.16
C PHE A 95 -20.19 16.58 51.92
N CYS A 96 -19.02 17.20 52.10
CA CYS A 96 -18.03 17.32 51.04
C CYS A 96 -16.85 16.43 51.38
N ALA A 97 -16.42 15.62 50.40
CA ALA A 97 -15.47 14.55 50.66
C ALA A 97 -14.46 14.46 49.52
N ARG A 98 -13.38 13.74 49.79
CA ARG A 98 -12.25 13.62 48.87
C ARG A 98 -11.95 12.16 48.60
N GLY A 99 -11.53 11.86 47.38
CA GLY A 99 -11.18 10.53 46.95
C GLY A 99 -9.70 10.22 47.13
N LEU A 100 -9.26 9.16 46.47
CA LEU A 100 -7.89 8.70 46.60
C LEU A 100 -7.00 9.30 45.51
N GLY A 101 -5.70 9.29 45.76
CA GLY A 101 -4.72 9.77 44.81
C GLY A 101 -4.30 8.69 43.83
N TRP A 102 -3.37 9.06 42.95
CA TRP A 102 -2.91 8.14 41.93
C TRP A 102 -2.10 6.99 42.50
N GLU A 103 -1.54 7.14 43.70
CA GLU A 103 -0.77 6.07 44.31
C GLU A 103 -1.62 4.84 44.59
N GLN A 104 -2.92 5.00 44.76
CA GLN A 104 -3.83 3.90 45.01
C GLN A 104 -4.49 3.36 43.74
N GLY A 105 -4.16 3.91 42.58
CA GLY A 105 -4.74 3.48 41.32
C GLY A 105 -5.83 4.38 40.80
N GLY A 106 -6.26 5.37 41.58
CA GLY A 106 -7.26 6.30 41.08
C GLY A 106 -8.67 5.77 41.01
N TYR A 107 -9.00 4.77 41.83
CA TYR A 107 -10.36 4.26 41.86
C TYR A 107 -11.33 5.31 42.38
N ARG A 108 -12.57 5.26 41.88
CA ARG A 108 -13.60 6.23 42.25
C ARG A 108 -14.25 5.82 43.57
N ALA A 109 -13.49 5.99 44.65
CA ALA A 109 -13.97 5.80 46.00
C ALA A 109 -13.67 7.04 46.81
N PHE A 110 -14.54 7.34 47.77
CA PHE A 110 -14.45 8.58 48.54
C PHE A 110 -13.78 8.26 49.88
N ASP A 111 -12.50 8.61 50.00
CA ASP A 111 -11.71 8.19 51.15
C ASP A 111 -11.95 9.09 52.36
N MET A 112 -11.63 10.38 52.23
CA MET A 112 -11.66 11.30 53.36
C MET A 112 -12.99 12.04 53.40
N TRP A 113 -13.50 12.24 54.60
CA TRP A 113 -14.81 12.85 54.80
C TRP A 113 -14.71 13.95 55.85
N GLY A 114 -15.66 14.89 55.79
CA GLY A 114 -15.71 16.02 56.68
C GLY A 114 -16.65 15.81 57.85
N GLN A 115 -16.97 16.91 58.54
CA GLN A 115 -17.83 16.83 59.71
C GLN A 115 -19.30 16.67 59.32
N GLY A 116 -19.73 17.31 58.23
CA GLY A 116 -21.10 17.21 57.81
C GLY A 116 -22.01 18.25 58.43
N THR A 117 -22.97 18.75 57.66
CA THR A 117 -23.91 19.76 58.14
C THR A 117 -25.24 19.57 57.43
N THR A 118 -26.32 19.77 58.17
CA THR A 118 -27.68 19.60 57.66
C THR A 118 -28.27 20.94 57.24
N VAL A 119 -29.42 20.88 56.57
CA VAL A 119 -30.17 22.05 56.15
C VAL A 119 -31.63 21.65 56.03
N THR A 120 -32.52 22.61 56.23
CA THR A 120 -33.96 22.35 56.17
C THR A 120 -34.63 23.45 55.37
N VAL A 121 -35.80 23.12 54.83
CA VAL A 121 -36.58 24.07 54.05
C VAL A 121 -37.66 24.71 54.92
N MET B 2 48.75 22.93 -24.64
CA MET B 2 47.47 23.22 -25.29
C MET B 2 47.53 24.52 -26.08
N GLN B 3 47.16 24.45 -27.35
CA GLN B 3 47.17 25.59 -28.25
C GLN B 3 45.76 25.80 -28.79
N LEU B 4 45.25 27.02 -28.66
CA LEU B 4 43.95 27.39 -29.20
C LEU B 4 44.13 28.60 -30.10
N GLN B 5 43.76 28.46 -31.37
CA GLN B 5 44.08 29.52 -32.33
C GLN B 5 42.82 29.90 -33.09
N GLU B 6 42.74 31.18 -33.45
CA GLU B 6 41.62 31.70 -34.23
C GLU B 6 42.13 32.18 -35.58
N SER B 7 41.40 31.83 -36.64
CA SER B 7 41.75 32.24 -38.00
C SER B 7 40.68 33.19 -38.51
N GLY B 8 40.92 34.49 -38.40
CA GLY B 8 39.94 35.48 -38.78
C GLY B 8 40.05 35.88 -40.24
N PRO B 9 38.99 35.61 -41.00
CA PRO B 9 38.99 35.95 -42.43
C PRO B 9 38.52 37.37 -42.71
N GLY B 10 38.43 38.20 -41.68
CA GLY B 10 38.04 39.59 -41.86
C GLY B 10 36.56 39.84 -41.76
N LEU B 11 35.80 39.47 -42.81
CA LEU B 11 34.35 39.61 -42.84
C LEU B 11 33.93 41.07 -42.64
N VAL B 12 34.29 41.94 -43.58
CA VAL B 12 33.99 43.36 -43.50
C VAL B 12 33.06 43.72 -44.64
N LYS B 13 31.75 43.61 -44.41
CA LYS B 13 30.80 44.02 -45.44
C LYS B 13 29.46 44.22 -44.73
N PRO B 14 28.88 45.42 -44.79
CA PRO B 14 27.58 45.65 -44.14
C PRO B 14 26.47 44.81 -44.75
N SER B 15 25.53 44.39 -43.92
CA SER B 15 24.47 43.45 -44.30
C SER B 15 25.08 42.17 -44.89
N GLY B 16 25.86 41.49 -44.06
CA GLY B 16 26.53 40.26 -44.45
C GLY B 16 26.63 39.31 -43.29
N THR B 17 27.31 38.19 -43.52
CA THR B 17 27.47 37.13 -42.54
C THR B 17 28.92 37.04 -42.10
N LEU B 18 29.13 36.76 -40.82
CA LEU B 18 30.47 36.60 -40.26
C LEU B 18 30.72 35.14 -39.90
N SER B 19 32.00 34.81 -39.73
CA SER B 19 32.39 33.45 -39.39
C SER B 19 33.74 33.49 -38.69
N LEU B 20 34.05 32.44 -37.93
CA LEU B 20 35.36 32.27 -37.33
C LEU B 20 35.53 30.79 -36.95
N THR B 21 36.76 30.29 -36.99
CA THR B 21 37.04 28.86 -37.13
C THR B 21 38.07 28.38 -36.10
N CYS B 22 37.81 28.62 -34.82
CA CYS B 22 38.79 28.29 -33.78
C CYS B 22 39.22 26.83 -33.86
N ALA B 23 40.53 26.63 -33.86
CA ALA B 23 41.16 25.32 -34.05
C ALA B 23 42.03 24.97 -32.85
N VAL B 24 42.18 23.67 -32.62
CA VAL B 24 42.88 23.11 -31.48
C VAL B 24 44.18 22.47 -31.96
N SER B 25 45.27 22.76 -31.28
CA SER B 25 46.56 22.15 -31.57
C SER B 25 47.16 21.63 -30.26
N GLY B 26 47.92 20.53 -30.38
CA GLY B 26 48.50 19.89 -29.22
C GLY B 26 47.58 18.96 -28.47
N GLY B 27 46.35 18.76 -28.96
CA GLY B 27 45.42 17.86 -28.30
C GLY B 27 44.22 17.52 -29.16
N SER B 28 43.12 17.12 -28.53
CA SER B 28 41.93 16.74 -29.25
C SER B 28 40.69 17.14 -28.45
N ILE B 29 39.57 17.27 -29.16
CA ILE B 29 38.31 17.62 -28.52
C ILE B 29 37.78 16.50 -27.65
N SER B 30 38.37 15.30 -27.74
CA SER B 30 37.86 14.15 -27.01
C SER B 30 38.18 14.28 -25.52
N ASN B 31 37.55 15.27 -24.87
CA ASN B 31 37.75 15.51 -23.45
C ASN B 31 36.50 16.17 -22.90
N SER B 32 36.38 16.18 -21.57
CA SER B 32 35.22 16.75 -20.89
C SER B 32 35.49 18.23 -20.63
N HIS B 33 35.19 19.05 -21.63
CA HIS B 33 35.38 20.49 -21.52
C HIS B 33 34.33 21.21 -22.36
N TRP B 34 34.06 22.45 -22.01
CA TRP B 34 33.14 23.29 -22.76
C TRP B 34 33.93 24.44 -23.39
N TRP B 35 33.80 24.59 -24.70
CA TRP B 35 34.53 25.64 -25.41
C TRP B 35 33.64 26.87 -25.56
N SER B 36 34.23 28.05 -25.35
CA SER B 36 33.44 29.26 -25.21
C SER B 36 34.02 30.37 -26.07
N TRP B 37 33.15 31.32 -26.41
CA TRP B 37 33.52 32.52 -27.15
C TRP B 37 33.25 33.74 -26.28
N VAL B 38 34.22 34.68 -26.26
CA VAL B 38 34.12 35.89 -25.46
C VAL B 38 34.43 37.08 -26.36
N ARG B 39 33.58 38.10 -26.32
CA ARG B 39 33.80 39.31 -27.09
C ARG B 39 33.93 40.51 -26.17
N GLN B 40 34.76 41.47 -26.57
CA GLN B 40 35.02 42.67 -25.81
C GLN B 40 34.93 43.88 -26.71
N SER B 41 34.36 44.96 -26.18
CA SER B 41 34.20 46.20 -26.94
C SER B 41 34.21 47.36 -25.96
N PRO B 42 34.73 48.52 -26.37
CA PRO B 42 34.66 49.71 -25.50
C PRO B 42 33.22 50.11 -25.24
N GLY B 43 32.96 50.56 -24.02
CA GLY B 43 31.62 51.00 -23.65
C GLY B 43 30.86 49.98 -22.84
N LYS B 44 30.97 48.70 -23.19
CA LYS B 44 30.28 47.64 -22.48
C LYS B 44 31.23 46.56 -21.95
N GLY B 45 32.53 46.82 -21.92
CA GLY B 45 33.46 45.85 -21.37
C GLY B 45 33.46 44.56 -22.16
N LEU B 46 33.34 43.45 -21.45
CA LEU B 46 33.35 42.12 -22.05
C LEU B 46 31.93 41.60 -22.21
N GLU B 47 31.80 40.53 -23.00
CA GLU B 47 30.51 39.89 -23.21
C GLU B 47 30.73 38.42 -23.51
N TRP B 48 29.90 37.57 -22.91
CA TRP B 48 29.97 36.13 -23.11
C TRP B 48 29.10 35.77 -24.32
N ILE B 49 29.69 35.08 -25.29
CA ILE B 49 29.01 34.82 -26.55
C ILE B 49 28.24 33.51 -26.50
N GLY B 50 28.94 32.43 -26.19
CA GLY B 50 28.27 31.13 -26.12
C GLY B 50 29.27 30.04 -25.81
N GLU B 51 28.74 28.88 -25.46
CA GLU B 51 29.54 27.71 -25.14
C GLU B 51 28.98 26.50 -25.85
N ILE B 52 29.85 25.50 -26.03
CA ILE B 52 29.44 24.28 -26.73
C ILE B 52 30.34 23.12 -26.28
N TYR B 53 29.73 21.96 -26.13
CA TYR B 53 30.37 20.70 -25.75
C TYR B 53 30.61 19.87 -27.00
N HIS B 54 31.41 18.81 -26.84
CA HIS B 54 31.75 17.97 -27.99
C HIS B 54 30.62 17.03 -28.40
N SER B 55 29.76 16.65 -27.45
CA SER B 55 28.69 15.71 -27.77
C SER B 55 27.60 16.31 -28.63
N GLY B 56 27.53 17.64 -28.73
CA GLY B 56 26.50 18.28 -29.51
C GLY B 56 25.52 19.07 -28.67
N SER B 57 26.01 19.67 -27.59
CA SER B 57 25.21 20.52 -26.72
C SER B 57 25.71 21.95 -26.83
N THR B 58 24.77 22.89 -26.92
CA THR B 58 25.11 24.30 -27.15
C THR B 58 24.31 25.19 -26.22
N TYR B 59 24.97 26.24 -25.72
CA TYR B 59 24.32 27.28 -24.94
C TYR B 59 24.64 28.62 -25.57
N TYR B 60 23.60 29.42 -25.83
CA TYR B 60 23.72 30.66 -26.57
C TYR B 60 23.35 31.86 -25.70
N ASN B 61 23.78 33.03 -26.13
CA ASN B 61 23.34 34.27 -25.50
C ASN B 61 21.89 34.52 -25.85
N PRO B 62 21.03 34.82 -24.88
CA PRO B 62 19.62 35.12 -25.20
C PRO B 62 19.46 36.33 -26.11
N SER B 63 20.41 37.26 -26.09
CA SER B 63 20.30 38.45 -26.95
C SER B 63 20.39 38.08 -28.43
N LEU B 64 21.30 37.18 -28.78
CA LEU B 64 21.53 36.80 -30.17
C LEU B 64 21.23 35.32 -30.40
N LYS B 65 20.30 34.75 -29.61
CA LYS B 65 19.99 33.34 -29.75
C LYS B 65 19.41 33.01 -31.11
N SER B 66 18.48 33.84 -31.59
CA SER B 66 17.80 33.57 -32.85
C SER B 66 18.69 33.83 -34.07
N ARG B 67 19.87 34.40 -33.87
CA ARG B 67 20.70 34.85 -34.97
C ARG B 67 22.05 34.15 -35.06
N LEU B 68 22.59 33.68 -33.95
CA LEU B 68 23.90 33.04 -33.90
C LEU B 68 23.76 31.52 -34.06
N THR B 69 24.85 30.89 -34.51
CA THR B 69 24.87 29.44 -34.55
C THR B 69 26.32 28.96 -34.41
N ILE B 70 26.50 27.86 -33.66
CA ILE B 70 27.80 27.25 -33.45
C ILE B 70 27.81 25.87 -34.10
N SER B 71 28.98 25.46 -34.58
CA SER B 71 29.11 24.14 -35.17
C SER B 71 30.51 23.59 -34.90
N VAL B 72 30.66 22.28 -35.08
CA VAL B 72 31.91 21.58 -34.82
C VAL B 72 32.26 20.64 -35.96
N ASP B 73 33.51 20.22 -35.98
CA ASP B 73 34.03 19.25 -36.94
C ASP B 73 35.12 18.45 -36.22
N LYS B 74 34.86 17.16 -36.03
CA LYS B 74 35.77 16.26 -35.31
C LYS B 74 36.87 15.69 -36.19
N SER B 75 36.89 16.00 -37.48
CA SER B 75 37.92 15.45 -38.35
C SER B 75 39.31 15.93 -37.91
N LYS B 76 39.44 17.22 -37.60
CA LYS B 76 40.73 17.78 -37.21
C LYS B 76 40.59 18.79 -36.08
N ASN B 77 39.59 18.62 -35.22
CA ASN B 77 39.39 19.46 -34.03
C ASN B 77 39.15 20.93 -34.43
N GLN B 78 38.03 21.17 -35.11
CA GLN B 78 37.66 22.49 -35.58
C GLN B 78 36.30 22.86 -34.99
N PHE B 79 36.14 24.13 -34.60
CA PHE B 79 34.81 24.56 -34.16
C PHE B 79 34.62 26.03 -34.53
N SER B 80 33.43 26.32 -35.06
CA SER B 80 33.20 27.55 -35.80
C SER B 80 31.93 28.23 -35.34
N LEU B 81 31.91 29.54 -35.55
CA LEU B 81 30.81 30.44 -35.23
C LEU B 81 30.29 31.07 -36.51
N LYS B 82 28.97 31.21 -36.60
CA LYS B 82 28.36 32.00 -37.68
C LYS B 82 27.34 32.96 -37.09
N LEU B 83 27.49 34.23 -37.45
CA LEU B 83 26.59 35.31 -37.05
C LEU B 83 26.01 35.89 -38.33
N THR B 84 24.69 35.79 -38.49
CA THR B 84 24.09 36.01 -39.80
C THR B 84 24.10 37.49 -40.21
N SER B 85 24.00 38.41 -39.26
CA SER B 85 23.98 39.83 -39.56
C SER B 85 25.20 40.50 -38.95
N VAL B 86 25.85 41.37 -39.73
CA VAL B 86 27.05 42.06 -39.25
C VAL B 86 26.70 43.22 -38.32
N THR B 87 25.49 43.77 -38.43
CA THR B 87 25.13 44.92 -37.60
C THR B 87 25.13 44.57 -36.13
N ALA B 88 24.87 43.31 -35.79
CA ALA B 88 24.88 42.88 -34.40
C ALA B 88 26.28 42.90 -33.79
N ALA B 89 27.32 42.89 -34.62
CA ALA B 89 28.71 42.93 -34.16
C ALA B 89 29.24 44.34 -34.39
N ASP B 90 29.46 45.07 -33.30
CA ASP B 90 29.97 46.43 -33.38
C ASP B 90 31.48 46.43 -33.18
N THR B 91 32.17 45.95 -34.21
CA THR B 91 33.63 45.96 -34.33
C THR B 91 34.33 45.44 -33.06
N ALA B 92 33.64 44.59 -32.30
CA ALA B 92 34.21 44.05 -31.09
C ALA B 92 35.31 43.05 -31.40
N VAL B 93 36.24 42.89 -30.47
CA VAL B 93 37.32 41.92 -30.60
C VAL B 93 36.86 40.60 -29.99
N TYR B 94 37.19 39.49 -30.66
CA TYR B 94 36.68 38.18 -30.29
C TYR B 94 37.81 37.26 -29.84
N PHE B 95 37.47 36.32 -28.97
CA PHE B 95 38.40 35.33 -28.46
C PHE B 95 37.66 34.02 -28.25
N CYS B 96 38.39 32.91 -28.41
CA CYS B 96 37.88 31.58 -28.10
C CYS B 96 38.72 30.98 -26.98
N ALA B 97 38.06 30.40 -25.98
CA ALA B 97 38.73 30.01 -24.76
C ALA B 97 38.11 28.73 -24.20
N ARG B 98 38.75 28.20 -23.17
CA ARG B 98 38.44 26.90 -22.58
C ARG B 98 38.09 27.06 -21.10
N GLY B 99 37.33 26.08 -20.59
CA GLY B 99 36.94 26.05 -19.20
C GLY B 99 37.78 25.09 -18.37
N LEU B 100 37.26 24.76 -17.19
CA LEU B 100 37.95 23.87 -16.27
C LEU B 100 37.63 22.42 -16.56
N GLY B 101 38.54 21.54 -16.16
CA GLY B 101 38.27 20.11 -16.17
C GLY B 101 37.55 19.67 -14.91
N TRP B 102 37.22 18.38 -14.87
CA TRP B 102 36.48 17.84 -13.74
C TRP B 102 37.34 17.74 -12.48
N GLU B 103 38.67 17.91 -12.61
CA GLU B 103 39.52 17.86 -11.42
C GLU B 103 39.23 19.00 -10.47
N GLN B 104 38.83 20.15 -10.99
CA GLN B 104 38.53 21.32 -10.17
C GLN B 104 37.05 21.45 -9.84
N GLY B 105 36.22 20.50 -10.24
CA GLY B 105 34.81 20.53 -9.92
C GLY B 105 33.91 20.99 -11.04
N GLY B 106 34.46 21.25 -12.23
CA GLY B 106 33.63 21.62 -13.36
C GLY B 106 32.92 22.95 -13.24
N TYR B 107 33.58 23.96 -12.69
CA TYR B 107 32.98 25.28 -12.60
C TYR B 107 33.04 25.98 -13.95
N ARG B 108 32.30 27.09 -14.05
CA ARG B 108 32.08 27.78 -15.31
C ARG B 108 33.08 28.92 -15.56
N ALA B 109 34.16 28.98 -14.79
CA ALA B 109 35.22 29.94 -15.10
C ALA B 109 35.96 29.52 -16.36
N PHE B 110 36.55 30.49 -17.04
CA PHE B 110 37.30 30.24 -18.27
C PHE B 110 38.80 30.37 -17.97
N ASP B 111 39.50 29.25 -17.99
CA ASP B 111 40.90 29.22 -17.54
C ASP B 111 41.88 29.68 -18.62
N MET B 112 41.93 28.96 -19.74
CA MET B 112 42.93 29.20 -20.76
C MET B 112 42.35 30.03 -21.89
N TRP B 113 43.12 31.03 -22.33
CA TRP B 113 42.67 31.95 -23.37
C TRP B 113 43.68 31.96 -24.51
N GLY B 114 43.21 32.36 -25.68
CA GLY B 114 44.01 32.39 -26.89
C GLY B 114 44.66 33.73 -27.14
N GLN B 115 44.79 34.07 -28.42
CA GLN B 115 45.48 35.28 -28.84
C GLN B 115 44.53 36.45 -29.06
N GLY B 116 43.39 36.22 -29.71
CA GLY B 116 42.44 37.28 -30.00
C GLY B 116 42.71 37.98 -31.31
N THR B 117 41.66 38.23 -32.08
CA THR B 117 41.76 38.92 -33.35
C THR B 117 40.61 39.90 -33.49
N THR B 118 40.91 41.11 -33.94
CA THR B 118 39.91 42.15 -34.09
C THR B 118 39.17 42.00 -35.42
N VAL B 119 37.89 42.37 -35.39
CA VAL B 119 37.03 42.36 -36.57
C VAL B 119 36.38 43.73 -36.68
N THR B 120 36.35 44.28 -37.89
CA THR B 120 35.77 45.59 -38.13
C THR B 120 34.73 45.50 -39.22
N VAL B 121 33.82 46.46 -39.23
CA VAL B 121 32.76 46.51 -40.25
C VAL B 121 32.94 47.73 -41.13
N MET C 2 -0.29 -59.33 -5.60
CA MET C 2 -1.61 -58.80 -5.90
C MET C 2 -2.23 -59.54 -7.08
N GLN C 3 -3.22 -60.40 -6.79
CA GLN C 3 -3.80 -61.23 -7.83
C GLN C 3 -4.55 -60.39 -8.86
N LEU C 4 -5.45 -59.51 -8.41
CA LEU C 4 -6.21 -58.62 -9.28
C LEU C 4 -6.99 -59.43 -10.33
N GLN C 5 -7.95 -60.21 -9.83
CA GLN C 5 -8.76 -61.05 -10.69
C GLN C 5 -9.77 -60.18 -11.45
N GLU C 6 -10.26 -60.68 -12.59
CA GLU C 6 -11.28 -59.99 -13.36
C GLU C 6 -12.38 -60.99 -13.71
N SER C 7 -13.64 -60.55 -13.64
CA SER C 7 -14.78 -61.42 -13.88
C SER C 7 -15.85 -60.71 -14.69
N GLY C 8 -16.38 -61.44 -15.68
CA GLY C 8 -17.45 -60.96 -16.51
C GLY C 8 -18.23 -62.12 -17.11
N PRO C 9 -19.51 -61.90 -17.42
CA PRO C 9 -20.37 -63.00 -17.87
C PRO C 9 -20.05 -63.48 -19.28
N GLY C 10 -19.75 -62.54 -20.18
CA GLY C 10 -19.54 -62.86 -21.59
C GLY C 10 -20.14 -61.80 -22.48
N LEU C 11 -21.24 -61.20 -22.03
CA LEU C 11 -21.71 -59.92 -22.57
C LEU C 11 -21.95 -59.98 -24.07
N VAL C 12 -22.87 -60.81 -24.52
CA VAL C 12 -23.02 -61.09 -25.95
C VAL C 12 -24.05 -60.19 -26.59
N LYS C 13 -25.28 -60.21 -26.07
CA LYS C 13 -26.46 -59.59 -26.66
C LYS C 13 -26.21 -58.13 -27.02
N PRO C 14 -26.16 -57.78 -28.30
CA PRO C 14 -25.95 -56.38 -28.69
C PRO C 14 -27.11 -55.49 -28.25
N SER C 15 -26.84 -54.19 -28.28
CA SER C 15 -27.80 -53.17 -27.85
C SER C 15 -28.25 -53.41 -26.41
N GLY C 16 -27.28 -53.76 -25.56
CA GLY C 16 -27.56 -54.01 -24.16
C GLY C 16 -26.61 -53.27 -23.23
N THR C 17 -26.18 -53.95 -22.16
CA THR C 17 -25.28 -53.36 -21.18
C THR C 17 -24.11 -54.29 -20.94
N LEU C 18 -22.91 -53.74 -20.89
CA LEU C 18 -21.70 -54.49 -20.61
C LEU C 18 -21.18 -54.13 -19.23
N SER C 19 -20.91 -55.15 -18.41
CA SER C 19 -20.45 -54.93 -17.05
C SER C 19 -19.37 -55.92 -16.63
N LEU C 20 -18.11 -55.55 -16.84
CA LEU C 20 -16.98 -56.28 -16.28
C LEU C 20 -16.68 -55.75 -14.89
N THR C 21 -16.10 -56.59 -14.03
CA THR C 21 -15.73 -56.14 -12.70
C THR C 21 -14.39 -56.74 -12.31
N CYS C 22 -13.49 -55.91 -11.77
CA CYS C 22 -12.22 -56.42 -11.30
C CYS C 22 -12.39 -56.90 -9.86
N ALA C 23 -11.29 -57.30 -9.23
CA ALA C 23 -11.34 -57.85 -7.88
C ALA C 23 -9.95 -57.79 -7.25
N VAL C 24 -9.86 -57.10 -6.12
CA VAL C 24 -8.59 -56.86 -5.44
C VAL C 24 -8.35 -57.99 -4.44
N SER C 25 -7.18 -58.61 -4.54
CA SER C 25 -6.79 -59.66 -3.62
C SER C 25 -5.33 -59.47 -3.23
N GLY C 26 -4.98 -59.93 -2.03
CA GLY C 26 -3.63 -59.77 -1.53
C GLY C 26 -3.31 -58.39 -1.01
N GLY C 27 -4.24 -57.45 -1.10
CA GLY C 27 -4.03 -56.11 -0.63
C GLY C 27 -5.37 -55.51 -0.29
N SER C 28 -5.42 -54.18 -0.28
CA SER C 28 -6.68 -53.51 0.05
C SER C 28 -6.68 -52.12 -0.56
N ILE C 29 -7.89 -51.60 -0.76
CA ILE C 29 -8.10 -50.23 -1.19
C ILE C 29 -7.76 -49.32 -0.02
N SER C 30 -7.77 -48.01 -0.25
CA SER C 30 -7.30 -46.96 0.65
C SER C 30 -5.77 -46.85 0.65
N ASN C 31 -5.15 -47.28 -0.44
CA ASN C 31 -3.75 -46.98 -0.73
C ASN C 31 -3.70 -46.11 -1.98
N SER C 32 -2.76 -45.16 -2.00
CA SER C 32 -2.75 -44.15 -3.05
C SER C 32 -2.35 -44.76 -4.39
N HIS C 33 -3.33 -45.15 -5.19
CA HIS C 33 -3.09 -45.71 -6.52
C HIS C 33 -4.27 -45.36 -7.41
N TRP C 34 -4.04 -45.47 -8.72
CA TRP C 34 -5.07 -45.22 -9.72
C TRP C 34 -5.24 -46.48 -10.56
N TRP C 35 -6.27 -47.26 -10.25
CA TRP C 35 -6.56 -48.46 -11.00
C TRP C 35 -7.05 -48.09 -12.40
N SER C 36 -6.75 -48.94 -13.38
CA SER C 36 -7.05 -48.60 -14.76
C SER C 36 -7.52 -49.83 -15.51
N TRP C 37 -8.18 -49.57 -16.63
CA TRP C 37 -8.61 -50.61 -17.56
C TRP C 37 -7.95 -50.37 -18.91
N VAL C 38 -7.48 -51.44 -19.54
CA VAL C 38 -6.83 -51.37 -20.84
C VAL C 38 -7.46 -52.42 -21.75
N ARG C 39 -7.78 -52.03 -22.98
CA ARG C 39 -8.35 -52.95 -23.95
C ARG C 39 -7.42 -53.08 -25.15
N GLN C 40 -7.20 -54.31 -25.59
CA GLN C 40 -6.33 -54.58 -26.73
C GLN C 40 -7.16 -55.21 -27.85
N SER C 41 -6.99 -54.68 -29.06
CA SER C 41 -7.72 -55.15 -30.22
C SER C 41 -6.82 -55.18 -31.44
N PRO C 42 -7.00 -56.15 -32.34
CA PRO C 42 -6.26 -56.14 -33.60
C PRO C 42 -6.59 -54.91 -34.43
N GLY C 43 -5.59 -54.35 -35.07
CA GLY C 43 -5.76 -53.18 -35.90
C GLY C 43 -5.75 -51.86 -35.16
N LYS C 44 -5.85 -51.87 -33.83
CA LYS C 44 -5.79 -50.65 -33.03
C LYS C 44 -4.80 -50.72 -31.88
N GLY C 45 -4.31 -51.90 -31.52
CA GLY C 45 -3.35 -51.98 -30.44
C GLY C 45 -4.02 -51.86 -29.08
N LEU C 46 -3.48 -50.98 -28.25
CA LEU C 46 -3.91 -50.83 -26.86
C LEU C 46 -4.57 -49.47 -26.65
N GLU C 47 -5.74 -49.48 -26.01
CA GLU C 47 -6.46 -48.28 -25.65
C GLU C 47 -6.65 -48.26 -24.13
N TRP C 48 -6.51 -47.07 -23.55
CA TRP C 48 -6.68 -46.83 -22.13
C TRP C 48 -8.11 -46.38 -21.89
N ILE C 49 -8.84 -47.10 -21.03
CA ILE C 49 -10.28 -46.86 -20.87
C ILE C 49 -10.53 -45.75 -19.87
N GLY C 50 -10.00 -45.88 -18.66
CA GLY C 50 -10.20 -44.87 -17.64
C GLY C 50 -9.52 -45.26 -16.35
N GLU C 51 -9.53 -44.32 -15.41
CA GLU C 51 -8.94 -44.49 -14.10
C GLU C 51 -9.88 -44.00 -13.03
N ILE C 52 -9.70 -44.55 -11.82
CA ILE C 52 -10.57 -44.22 -10.69
C ILE C 52 -9.75 -44.32 -9.41
N TYR C 53 -9.90 -43.32 -8.56
CA TYR C 53 -9.26 -43.28 -7.25
C TYR C 53 -10.26 -43.67 -6.18
N HIS C 54 -9.76 -44.04 -5.00
CA HIS C 54 -10.65 -44.53 -3.96
C HIS C 54 -11.53 -43.42 -3.38
N SER C 55 -11.05 -42.16 -3.43
CA SER C 55 -11.85 -41.06 -2.91
C SER C 55 -13.13 -40.87 -3.74
N GLY C 56 -13.03 -41.00 -5.06
CA GLY C 56 -14.19 -40.81 -5.91
C GLY C 56 -13.86 -40.14 -7.23
N SER C 57 -12.64 -39.62 -7.36
CA SER C 57 -12.22 -38.98 -8.59
C SER C 57 -12.13 -40.00 -9.72
N THR C 58 -12.57 -39.60 -10.91
CA THR C 58 -12.58 -40.48 -12.06
C THR C 58 -12.09 -39.74 -13.30
N TYR C 59 -11.42 -40.47 -14.18
CA TYR C 59 -11.00 -39.94 -15.47
C TYR C 59 -11.40 -40.94 -16.54
N TYR C 60 -11.97 -40.43 -17.64
CA TYR C 60 -12.55 -41.25 -18.68
C TYR C 60 -11.87 -40.98 -20.01
N ASN C 61 -12.10 -41.89 -20.96
CA ASN C 61 -11.69 -41.67 -22.34
C ASN C 61 -12.64 -40.67 -23.00
N PRO C 62 -12.13 -39.63 -23.65
CA PRO C 62 -13.03 -38.69 -24.33
C PRO C 62 -13.86 -39.34 -25.42
N SER C 63 -13.40 -40.45 -26.00
CA SER C 63 -14.17 -41.11 -27.05
C SER C 63 -15.47 -41.68 -26.51
N LEU C 64 -15.42 -42.28 -25.31
CA LEU C 64 -16.58 -42.93 -24.72
C LEU C 64 -16.95 -42.35 -23.37
N LYS C 65 -16.67 -41.07 -23.13
CA LYS C 65 -17.00 -40.45 -21.85
C LYS C 65 -18.50 -40.44 -21.61
N SER C 66 -19.29 -40.12 -22.64
CA SER C 66 -20.72 -39.97 -22.50
C SER C 66 -21.45 -41.31 -22.41
N ARG C 67 -20.73 -42.43 -22.40
CA ARG C 67 -21.38 -43.73 -22.46
C ARG C 67 -20.91 -44.64 -21.33
N LEU C 68 -19.64 -44.56 -20.97
CA LEU C 68 -19.05 -45.44 -19.99
C LEU C 68 -19.17 -44.86 -18.58
N THR C 69 -19.02 -45.72 -17.58
CA THR C 69 -19.05 -45.29 -16.19
C THR C 69 -18.32 -46.30 -15.33
N ILE C 70 -17.45 -45.80 -14.43
CA ILE C 70 -16.76 -46.64 -13.46
C ILE C 70 -17.46 -46.47 -12.12
N SER C 71 -17.51 -47.56 -11.35
CA SER C 71 -18.04 -47.48 -9.99
C SER C 71 -17.15 -48.30 -9.07
N VAL C 72 -17.14 -47.91 -7.80
CA VAL C 72 -16.33 -48.58 -6.78
C VAL C 72 -17.16 -48.72 -5.51
N ASP C 73 -17.03 -49.87 -4.86
CA ASP C 73 -17.62 -50.11 -3.54
C ASP C 73 -16.54 -50.70 -2.64
N LYS C 74 -16.44 -50.16 -1.42
CA LYS C 74 -15.39 -50.46 -0.46
C LYS C 74 -15.73 -51.63 0.44
N SER C 75 -16.87 -52.28 0.26
CA SER C 75 -17.29 -53.34 1.18
C SER C 75 -16.28 -54.48 1.19
N LYS C 76 -15.85 -54.93 0.02
CA LYS C 76 -14.86 -56.00 -0.09
C LYS C 76 -13.86 -55.68 -1.19
N ASN C 77 -13.51 -54.40 -1.33
CA ASN C 77 -12.50 -53.92 -2.28
C ASN C 77 -12.89 -54.30 -3.72
N GLN C 78 -14.00 -53.69 -4.17
CA GLN C 78 -14.58 -54.06 -5.46
C GLN C 78 -14.75 -52.82 -6.32
N PHE C 79 -14.54 -52.98 -7.63
CA PHE C 79 -14.81 -51.90 -8.57
C PHE C 79 -15.08 -52.49 -9.95
N SER C 80 -15.99 -51.83 -10.68
CA SER C 80 -16.55 -52.37 -11.90
C SER C 80 -16.71 -51.27 -12.95
N LEU C 81 -16.88 -51.71 -14.19
CA LEU C 81 -17.04 -50.85 -15.35
C LEU C 81 -18.36 -51.19 -16.03
N LYS C 82 -19.09 -50.17 -16.47
CA LYS C 82 -20.31 -50.39 -17.23
C LYS C 82 -20.26 -49.54 -18.50
N LEU C 83 -20.62 -50.16 -19.61
CA LEU C 83 -20.75 -49.49 -20.89
C LEU C 83 -22.16 -49.76 -21.40
N THR C 84 -22.81 -48.72 -21.94
CA THR C 84 -24.24 -48.76 -22.19
C THR C 84 -24.61 -49.02 -23.64
N SER C 85 -23.72 -49.65 -24.41
CA SER C 85 -24.06 -50.04 -25.78
C SER C 85 -23.14 -51.18 -26.20
N VAL C 86 -23.69 -52.39 -26.27
CA VAL C 86 -22.88 -53.54 -26.69
C VAL C 86 -22.50 -53.42 -28.16
N THR C 87 -23.34 -52.77 -28.98
CA THR C 87 -23.04 -52.62 -30.40
C THR C 87 -21.76 -51.84 -30.63
N ALA C 88 -21.35 -51.00 -29.68
CA ALA C 88 -20.10 -50.25 -29.81
C ALA C 88 -18.88 -51.06 -29.44
N ALA C 89 -19.05 -52.25 -28.87
CA ALA C 89 -17.91 -53.06 -28.48
C ALA C 89 -17.25 -53.69 -29.70
N ASP C 90 -15.92 -53.62 -29.75
CA ASP C 90 -15.13 -54.23 -30.80
C ASP C 90 -14.46 -55.52 -30.34
N THR C 91 -15.14 -56.29 -29.49
CA THR C 91 -14.71 -57.59 -28.97
C THR C 91 -13.23 -57.62 -28.56
N ALA C 92 -12.73 -56.50 -28.07
CA ALA C 92 -11.35 -56.43 -27.61
C ALA C 92 -11.19 -57.21 -26.30
N VAL C 93 -9.94 -57.53 -25.98
CA VAL C 93 -9.62 -58.22 -24.73
C VAL C 93 -9.28 -57.19 -23.67
N TYR C 94 -9.91 -57.32 -22.50
CA TYR C 94 -9.85 -56.31 -21.45
C TYR C 94 -8.95 -56.76 -20.30
N PHE C 95 -8.34 -55.80 -19.62
CA PHE C 95 -7.50 -56.06 -18.46
C PHE C 95 -7.69 -54.94 -17.46
N CYS C 96 -7.63 -55.27 -16.17
CA CYS C 96 -7.57 -54.29 -15.10
C CYS C 96 -6.18 -54.33 -14.48
N ALA C 97 -5.54 -53.16 -14.38
CA ALA C 97 -4.15 -53.08 -14.00
C ALA C 97 -3.94 -51.93 -13.02
N ARG C 98 -2.76 -51.91 -12.40
CA ARG C 98 -2.44 -51.01 -11.31
C ARG C 98 -1.32 -50.05 -11.72
N GLY C 99 -1.31 -48.88 -11.09
CA GLY C 99 -0.25 -47.91 -11.27
C GLY C 99 0.84 -48.02 -10.22
N LEU C 100 1.71 -47.01 -10.21
CA LEU C 100 2.82 -47.00 -9.27
C LEU C 100 2.48 -46.17 -8.04
N GLY C 101 3.17 -46.48 -6.93
CA GLY C 101 3.00 -45.75 -5.71
C GLY C 101 3.82 -44.47 -5.68
N TRP C 102 3.66 -43.73 -4.57
CA TRP C 102 4.34 -42.44 -4.45
C TRP C 102 5.84 -42.59 -4.25
N GLU C 103 6.33 -43.80 -3.98
CA GLU C 103 7.77 -43.99 -3.80
C GLU C 103 8.53 -43.68 -5.08
N GLN C 104 7.92 -43.92 -6.24
CA GLN C 104 8.55 -43.67 -7.52
C GLN C 104 8.14 -42.33 -8.13
N GLY C 105 7.37 -41.53 -7.42
CA GLY C 105 6.97 -40.22 -7.91
C GLY C 105 5.57 -40.14 -8.49
N GLY C 106 4.84 -41.26 -8.52
CA GLY C 106 3.47 -41.23 -8.98
C GLY C 106 3.27 -40.85 -10.43
N TYR C 107 4.11 -41.36 -11.32
CA TYR C 107 3.93 -41.12 -12.74
C TYR C 107 2.75 -41.92 -13.28
N ARG C 108 2.18 -41.43 -14.38
CA ARG C 108 1.02 -42.06 -15.01
C ARG C 108 1.46 -43.24 -15.89
N ALA C 109 1.98 -44.27 -15.21
CA ALA C 109 2.36 -45.51 -15.87
C ALA C 109 1.72 -46.67 -15.13
N PHE C 110 1.61 -47.80 -15.80
CA PHE C 110 0.96 -48.98 -15.26
C PHE C 110 2.01 -50.04 -14.97
N ASP C 111 2.10 -50.46 -13.71
CA ASP C 111 3.17 -51.34 -13.26
C ASP C 111 2.79 -52.81 -13.39
N MET C 112 1.73 -53.23 -12.71
CA MET C 112 1.34 -54.63 -12.68
C MET C 112 -0.01 -54.81 -13.35
N TRP C 113 -0.21 -56.00 -13.92
CA TRP C 113 -1.39 -56.30 -14.71
C TRP C 113 -2.00 -57.62 -14.24
N GLY C 114 -3.21 -57.87 -14.71
CA GLY C 114 -3.95 -59.07 -14.33
C GLY C 114 -3.77 -60.21 -15.31
N GLN C 115 -4.83 -61.00 -15.47
CA GLN C 115 -4.77 -62.18 -16.33
C GLN C 115 -5.36 -61.95 -17.71
N GLY C 116 -6.43 -61.17 -17.82
CA GLY C 116 -7.03 -60.88 -19.11
C GLY C 116 -8.20 -61.77 -19.45
N THR C 117 -9.23 -61.19 -20.04
CA THR C 117 -10.42 -61.95 -20.44
C THR C 117 -11.00 -61.30 -21.69
N THR C 118 -11.48 -62.13 -22.61
CA THR C 118 -12.05 -61.66 -23.86
C THR C 118 -13.56 -61.59 -23.77
N VAL C 119 -14.13 -60.71 -24.58
CA VAL C 119 -15.58 -60.53 -24.67
C VAL C 119 -15.98 -60.63 -26.14
N THR C 120 -17.01 -61.42 -26.41
CA THR C 120 -17.49 -61.65 -27.77
C THR C 120 -18.91 -61.11 -27.90
N VAL C 121 -19.12 -60.29 -28.93
CA VAL C 121 -20.43 -59.71 -29.18
C VAL C 121 -21.28 -60.69 -29.99
N GLU D 1 -29.96 1.56 34.34
CA GLU D 1 -28.65 1.68 34.99
C GLU D 1 -28.45 0.56 35.99
N ILE D 2 -27.24 0.49 36.56
CA ILE D 2 -26.93 -0.52 37.56
C ILE D 2 -27.68 -0.19 38.84
N VAL D 3 -28.38 -1.19 39.39
CA VAL D 3 -29.17 -1.02 40.60
C VAL D 3 -28.71 -2.06 41.62
N MET D 4 -28.59 -1.64 42.86
CA MET D 4 -28.06 -2.47 43.92
C MET D 4 -29.18 -2.88 44.88
N THR D 5 -29.05 -4.07 45.46
CA THR D 5 -30.06 -4.60 46.36
C THR D 5 -29.46 -5.70 47.23
N GLN D 6 -29.71 -5.64 48.53
CA GLN D 6 -29.31 -6.68 49.47
C GLN D 6 -30.55 -7.23 50.15
N SER D 7 -30.66 -8.56 50.21
CA SER D 7 -31.85 -9.21 50.72
C SER D 7 -31.98 -9.15 52.24
N PRO D 8 -31.01 -9.65 53.02
CA PRO D 8 -31.20 -9.68 54.48
C PRO D 8 -31.28 -8.28 55.06
N ALA D 9 -32.07 -8.15 56.13
CA ALA D 9 -32.32 -6.87 56.75
C ALA D 9 -31.75 -6.76 58.15
N THR D 10 -32.12 -7.68 59.05
CA THR D 10 -31.71 -7.62 60.45
C THR D 10 -31.07 -8.95 60.84
N LEU D 11 -29.91 -8.87 61.50
CA LEU D 11 -29.22 -10.03 62.01
C LEU D 11 -28.99 -9.86 63.51
N SER D 12 -29.09 -10.96 64.24
CA SER D 12 -28.88 -10.98 65.68
C SER D 12 -27.79 -11.99 65.99
N VAL D 13 -26.62 -11.50 66.39
CA VAL D 13 -25.44 -12.35 66.57
C VAL D 13 -24.85 -12.09 67.95
N SER D 14 -24.07 -13.05 68.40
CA SER D 14 -23.27 -12.97 69.61
C SER D 14 -21.84 -12.59 69.27
N PRO D 15 -21.12 -11.94 70.19
CA PRO D 15 -19.74 -11.55 69.89
C PRO D 15 -18.85 -12.77 69.63
N GLY D 16 -17.95 -12.62 68.67
CA GLY D 16 -16.88 -13.56 68.42
C GLY D 16 -17.16 -14.61 67.36
N GLU D 17 -18.41 -14.76 66.94
CA GLU D 17 -18.78 -15.81 66.00
C GLU D 17 -18.81 -15.27 64.56
N ARG D 18 -19.23 -16.10 63.60
CA ARG D 18 -19.01 -15.87 62.18
C ARG D 18 -20.29 -15.45 61.47
N VAL D 19 -20.18 -14.35 60.71
CA VAL D 19 -21.34 -13.69 60.11
C VAL D 19 -21.06 -13.43 58.64
N THR D 20 -22.11 -13.54 57.82
CA THR D 20 -22.02 -13.31 56.39
C THR D 20 -23.03 -12.27 55.94
N LEU D 21 -22.62 -11.44 54.99
CA LEU D 21 -23.48 -10.44 54.36
C LEU D 21 -23.48 -10.65 52.85
N SER D 22 -24.62 -10.39 52.21
CA SER D 22 -24.78 -10.63 50.78
C SER D 22 -25.05 -9.32 50.04
N CYS D 23 -24.51 -9.21 48.83
CA CYS D 23 -24.66 -8.04 47.98
C CYS D 23 -24.97 -8.53 46.58
N ARG D 24 -26.19 -8.31 46.12
CA ARG D 24 -26.71 -8.92 44.90
C ARG D 24 -26.96 -7.79 43.89
N ALA D 25 -26.26 -7.85 42.77
CA ALA D 25 -26.29 -6.79 41.77
C ALA D 25 -27.36 -7.07 40.71
N SER D 26 -27.31 -6.30 39.62
CA SER D 26 -28.27 -6.47 38.52
C SER D 26 -27.63 -6.76 37.18
N GLN D 27 -26.32 -6.58 37.03
CA GLN D 27 -25.66 -6.78 35.76
C GLN D 27 -24.19 -7.08 36.02
N SER D 28 -23.53 -7.64 35.01
CA SER D 28 -22.11 -7.95 35.14
C SER D 28 -21.31 -6.69 35.43
N VAL D 29 -20.46 -6.76 36.45
CA VAL D 29 -19.72 -5.59 36.90
C VAL D 29 -18.21 -5.80 36.92
N GLY D 30 -17.72 -7.01 37.06
CA GLY D 30 -16.28 -7.25 37.11
C GLY D 30 -15.78 -7.29 38.54
N SER D 31 -14.91 -6.34 38.91
CA SER D 31 -14.35 -6.23 40.25
C SER D 31 -14.41 -4.79 40.71
N SER D 32 -15.57 -4.16 40.55
CA SER D 32 -15.71 -2.72 40.67
C SER D 32 -16.83 -2.35 41.64
N LEU D 33 -16.82 -2.96 42.83
CA LEU D 33 -17.74 -2.56 43.89
C LEU D 33 -16.97 -2.15 45.13
N ALA D 34 -17.67 -1.47 46.03
CA ALA D 34 -17.11 -0.99 47.27
C ALA D 34 -18.13 -1.16 48.40
N TRP D 35 -17.61 -1.17 49.63
CA TRP D 35 -18.43 -1.38 50.82
C TRP D 35 -18.14 -0.30 51.85
N TYR D 36 -19.20 0.13 52.54
CA TYR D 36 -19.11 1.21 53.52
C TYR D 36 -19.77 0.77 54.81
N GLN D 37 -19.23 1.23 55.93
CA GLN D 37 -19.80 0.97 57.24
C GLN D 37 -19.96 2.27 57.99
N GLN D 38 -21.15 2.50 58.55
CA GLN D 38 -21.48 3.77 59.19
C GLN D 38 -21.69 3.59 60.68
N LYS D 39 -20.97 4.41 61.47
CA LYS D 39 -21.12 4.50 62.91
C LYS D 39 -22.05 5.66 63.26
N PRO D 40 -22.91 5.50 64.26
CA PRO D 40 -23.88 6.56 64.59
C PRO D 40 -23.18 7.87 64.93
N GLY D 41 -23.52 8.92 64.19
CA GLY D 41 -22.95 10.23 64.41
C GLY D 41 -21.58 10.45 63.84
N GLN D 42 -21.13 9.60 62.91
CA GLN D 42 -19.80 9.73 62.35
C GLN D 42 -19.84 9.46 60.85
N ALA D 43 -18.85 9.98 60.15
CA ALA D 43 -18.71 9.75 58.72
C ALA D 43 -18.24 8.32 58.47
N PRO D 44 -18.59 7.76 57.32
CA PRO D 44 -18.14 6.40 56.99
C PRO D 44 -16.64 6.35 56.76
N ARG D 45 -16.08 5.15 56.91
CA ARG D 45 -14.68 4.91 56.58
C ARG D 45 -14.60 3.73 55.63
N LEU D 46 -13.49 3.66 54.89
CA LEU D 46 -13.39 2.72 53.78
C LEU D 46 -12.88 1.37 54.26
N LEU D 47 -13.50 0.31 53.76
CA LEU D 47 -13.02 -1.03 54.09
C LEU D 47 -12.68 -1.85 52.87
N ILE D 48 -13.54 -1.86 51.85
CA ILE D 48 -13.34 -2.61 50.61
C ILE D 48 -13.61 -1.66 49.45
N TYR D 49 -12.59 -1.43 48.62
CA TYR D 49 -12.78 -0.58 47.45
C TYR D 49 -12.59 -1.34 46.15
N ALA D 50 -11.59 -2.20 46.06
CA ALA D 50 -11.53 -3.19 45.00
C ALA D 50 -12.12 -4.50 45.53
N ALA D 51 -12.64 -5.31 44.60
CA ALA D 51 -13.37 -6.51 45.00
C ALA D 51 -12.53 -7.48 45.81
N SER D 52 -11.20 -7.41 45.71
CA SER D 52 -10.33 -8.38 46.36
C SER D 52 -9.09 -7.72 46.95
N THR D 53 -9.25 -6.56 47.59
CA THR D 53 -8.13 -5.88 48.24
C THR D 53 -8.61 -5.25 49.53
N ARG D 54 -7.65 -5.01 50.44
CA ARG D 54 -7.97 -4.54 51.78
C ARG D 54 -7.02 -3.43 52.20
N ALA D 55 -6.74 -2.48 51.31
CA ALA D 55 -5.82 -1.41 51.67
C ALA D 55 -6.41 -0.44 52.69
N THR D 56 -7.72 -0.51 52.93
CA THR D 56 -8.39 0.38 53.88
C THR D 56 -9.17 -0.43 54.90
N GLY D 57 -9.18 0.05 56.14
CA GLY D 57 -9.94 -0.59 57.19
C GLY D 57 -9.08 -1.21 58.27
N ILE D 58 -9.57 -2.31 58.86
CA ILE D 58 -8.87 -3.02 59.91
C ILE D 58 -8.51 -4.40 59.38
N PRO D 59 -7.24 -4.80 59.39
CA PRO D 59 -6.87 -6.07 58.78
C PRO D 59 -7.19 -7.27 59.66
N ALA D 60 -7.28 -8.42 59.00
CA ALA D 60 -7.46 -9.73 59.64
C ALA D 60 -8.74 -9.81 60.46
N ARG D 61 -9.74 -8.98 60.16
CA ARG D 61 -10.99 -9.03 60.88
C ARG D 61 -12.18 -9.15 59.94
N PHE D 62 -12.11 -8.49 58.79
CA PHE D 62 -13.16 -8.54 57.79
C PHE D 62 -12.65 -9.26 56.55
N SER D 63 -13.50 -9.34 55.53
CA SER D 63 -13.18 -9.88 54.22
C SER D 63 -14.41 -9.79 53.33
N GLY D 64 -14.17 -9.69 52.03
CA GLY D 64 -15.25 -9.72 51.06
C GLY D 64 -14.74 -10.25 49.74
N SER D 65 -15.61 -10.95 49.02
CA SER D 65 -15.23 -11.53 47.75
C SER D 65 -16.48 -11.87 46.95
N GLY D 66 -16.30 -12.08 45.66
CA GLY D 66 -17.40 -12.42 44.79
C GLY D 66 -17.08 -12.04 43.36
N SER D 67 -18.06 -12.22 42.48
CA SER D 67 -17.88 -11.95 41.06
C SER D 67 -19.25 -12.03 40.39
N GLY D 68 -19.24 -11.89 39.06
CA GLY D 68 -20.46 -11.96 38.29
C GLY D 68 -21.47 -10.92 38.73
N THR D 69 -22.52 -11.37 39.42
CA THR D 69 -23.52 -10.47 39.97
C THR D 69 -23.74 -10.69 41.47
N GLU D 70 -22.86 -11.45 42.14
CA GLU D 70 -23.06 -11.78 43.54
C GLU D 70 -21.76 -11.55 44.28
N PHE D 71 -21.87 -10.94 45.46
CA PHE D 71 -20.73 -10.65 46.31
C PHE D 71 -21.11 -10.91 47.75
N THR D 72 -20.11 -11.15 48.60
CA THR D 72 -20.38 -11.61 49.95
C THR D 72 -19.23 -11.22 50.87
N LEU D 73 -19.58 -10.74 52.06
CA LEU D 73 -18.62 -10.39 53.09
C LEU D 73 -18.68 -11.38 54.24
N THR D 74 -17.50 -11.78 54.71
CA THR D 74 -17.35 -12.63 55.89
C THR D 74 -16.32 -12.00 56.83
N ILE D 75 -16.49 -12.26 58.13
CA ILE D 75 -15.69 -11.62 59.16
C ILE D 75 -14.93 -12.65 60.01
N SER D 76 -15.61 -13.72 60.41
CA SER D 76 -15.06 -14.80 61.24
C SER D 76 -14.80 -14.36 62.69
N SER D 77 -15.03 -13.07 62.98
CA SER D 77 -14.90 -12.54 64.32
C SER D 77 -15.39 -11.10 64.32
N LEU D 78 -15.97 -10.68 65.45
CA LEU D 78 -16.45 -9.31 65.59
C LEU D 78 -16.45 -8.94 67.07
N GLN D 79 -16.19 -7.66 67.34
CA GLN D 79 -16.16 -7.14 68.69
C GLN D 79 -17.36 -6.23 68.94
N SER D 80 -17.39 -5.59 70.11
CA SER D 80 -18.53 -4.78 70.50
C SER D 80 -18.73 -3.56 69.59
N GLU D 81 -17.71 -3.14 68.86
CA GLU D 81 -17.81 -1.96 68.01
C GLU D 81 -18.16 -2.26 66.56
N ASP D 82 -18.32 -3.53 66.21
CA ASP D 82 -18.58 -3.88 64.81
C ASP D 82 -20.05 -3.77 64.43
N PHE D 83 -20.96 -3.64 65.38
CA PHE D 83 -22.37 -3.47 65.05
C PHE D 83 -22.59 -2.09 64.44
N ALA D 84 -23.06 -2.07 63.21
CA ALA D 84 -23.25 -0.83 62.45
C ALA D 84 -24.18 -1.11 61.28
N VAL D 85 -24.26 -0.16 60.36
CA VAL D 85 -25.05 -0.29 59.13
C VAL D 85 -24.09 -0.35 57.95
N TYR D 86 -24.30 -1.32 57.06
CA TYR D 86 -23.39 -1.59 55.96
C TYR D 86 -24.06 -1.28 54.63
N TYR D 87 -23.29 -0.72 53.70
CA TYR D 87 -23.78 -0.31 52.40
C TYR D 87 -22.89 -0.86 51.30
N CYS D 88 -23.49 -1.18 50.16
CA CYS D 88 -22.81 -1.75 49.01
C CYS D 88 -23.02 -0.83 47.82
N GLN D 89 -21.93 -0.44 47.15
CA GLN D 89 -22.02 0.45 46.00
C GLN D 89 -21.18 -0.10 44.85
N GLN D 90 -21.48 0.36 43.65
CA GLN D 90 -20.70 0.02 42.46
C GLN D 90 -19.96 1.25 41.95
N HIS D 91 -18.85 1.00 41.25
CA HIS D 91 -18.12 2.09 40.59
C HIS D 91 -17.62 1.66 39.22
N TYR D 92 -18.37 0.79 38.54
CA TYR D 92 -17.96 0.33 37.22
C TYR D 92 -18.19 1.36 36.12
N ASN D 93 -19.22 2.20 36.27
CA ASN D 93 -19.54 3.16 35.23
C ASN D 93 -20.04 4.44 35.87
N TRP D 94 -19.82 5.55 35.18
CA TRP D 94 -20.24 6.88 35.61
C TRP D 94 -21.21 7.46 34.60
N PRO D 95 -22.03 8.44 34.98
CA PRO D 95 -22.16 9.11 36.30
C PRO D 95 -22.95 8.40 37.41
N PRO D 96 -24.07 7.69 37.19
CA PRO D 96 -24.92 7.33 38.34
C PRO D 96 -24.32 6.28 39.25
N LEU D 97 -23.44 6.71 40.15
CA LEU D 97 -22.88 5.83 41.17
C LEU D 97 -23.90 5.69 42.30
N THR D 98 -24.91 4.86 42.06
CA THR D 98 -25.96 4.66 43.04
C THR D 98 -25.43 3.87 44.24
N PHE D 99 -26.16 3.98 45.34
CA PHE D 99 -25.82 3.28 46.58
C PHE D 99 -26.82 2.17 46.85
N GLY D 100 -26.38 1.16 47.60
CA GLY D 100 -27.26 0.07 47.97
C GLY D 100 -28.12 0.41 49.17
N GLY D 101 -29.04 -0.51 49.46
CA GLY D 101 -29.91 -0.35 50.61
C GLY D 101 -29.19 -0.56 51.92
N GLY D 102 -29.90 -0.27 53.00
CA GLY D 102 -29.35 -0.38 54.34
C GLY D 102 -29.73 -1.68 55.02
N THR D 103 -28.85 -2.14 55.90
CA THR D 103 -29.10 -3.33 56.71
C THR D 103 -28.50 -3.08 58.09
N LYS D 104 -29.14 -3.67 59.10
CA LYS D 104 -28.80 -3.40 60.49
C LYS D 104 -28.46 -4.72 61.18
N VAL D 105 -27.27 -4.77 61.77
CA VAL D 105 -26.84 -5.90 62.59
C VAL D 105 -26.79 -5.42 64.04
N GLU D 106 -27.35 -6.22 64.95
CA GLU D 106 -27.49 -5.80 66.33
C GLU D 106 -27.61 -7.01 67.23
N ILE D 107 -27.40 -6.79 68.53
CA ILE D 107 -27.55 -7.84 69.53
C ILE D 107 -29.01 -8.02 69.88
N GLU E 1 17.50 39.61 -14.54
CA GLU E 1 18.63 38.68 -14.43
C GLU E 1 19.67 39.22 -13.45
N ILE E 2 20.69 38.40 -13.19
CA ILE E 2 21.76 38.82 -12.29
C ILE E 2 22.54 39.96 -12.93
N VAL E 3 22.83 40.99 -12.14
CA VAL E 3 23.58 42.15 -12.61
C VAL E 3 24.55 42.57 -11.52
N MET E 4 25.75 42.95 -11.94
CA MET E 4 26.82 43.34 -11.03
C MET E 4 27.15 44.81 -11.20
N THR E 5 27.69 45.41 -10.13
CA THR E 5 28.05 46.82 -10.15
C THR E 5 29.10 47.07 -9.07
N GLN E 6 30.12 47.85 -9.41
CA GLN E 6 31.15 48.27 -8.46
C GLN E 6 31.12 49.78 -8.35
N SER E 7 31.11 50.29 -7.10
CA SER E 7 30.96 51.73 -6.90
C SER E 7 32.24 52.50 -7.23
N PRO E 8 33.39 52.22 -6.60
CA PRO E 8 34.57 53.05 -6.85
C PRO E 8 35.04 52.94 -8.30
N ALA E 9 35.58 54.03 -8.81
CA ALA E 9 36.05 54.10 -10.18
C ALA E 9 37.56 54.05 -10.29
N THR E 10 38.26 54.94 -9.60
CA THR E 10 39.71 54.97 -9.64
C THR E 10 40.26 55.26 -8.25
N LEU E 11 41.33 54.56 -7.90
CA LEU E 11 42.01 54.74 -6.62
C LEU E 11 43.48 55.02 -6.88
N SER E 12 44.00 56.07 -6.24
CA SER E 12 45.41 56.45 -6.39
C SER E 12 46.21 55.73 -5.32
N VAL E 13 46.78 54.59 -5.70
CA VAL E 13 47.54 53.74 -4.80
C VAL E 13 48.94 53.55 -5.37
N SER E 14 49.97 53.88 -4.58
CA SER E 14 51.34 53.66 -4.98
C SER E 14 51.76 52.23 -4.64
N PRO E 15 52.82 51.71 -5.27
CA PRO E 15 53.28 50.36 -4.92
C PRO E 15 53.86 50.30 -3.52
N GLY E 16 53.26 49.47 -2.66
CA GLY E 16 53.78 49.28 -1.32
C GLY E 16 52.86 49.72 -0.20
N GLU E 17 51.56 49.65 -0.42
CA GLU E 17 50.60 49.98 0.64
C GLU E 17 49.34 49.13 0.42
N ARG E 18 48.24 49.54 1.06
CA ARG E 18 47.00 48.79 1.07
C ARG E 18 46.00 49.38 0.08
N VAL E 19 45.08 48.53 -0.36
CA VAL E 19 44.02 48.92 -1.30
C VAL E 19 42.88 47.90 -1.21
N THR E 20 41.64 48.39 -1.28
CA THR E 20 40.46 47.55 -1.13
C THR E 20 39.46 47.86 -2.24
N LEU E 21 38.89 46.81 -2.82
CA LEU E 21 37.91 46.94 -3.90
C LEU E 21 36.68 46.10 -3.56
N SER E 22 35.49 46.64 -3.85
CA SER E 22 34.23 46.03 -3.49
C SER E 22 33.42 45.67 -4.73
N CYS E 23 32.78 44.50 -4.67
CA CYS E 23 31.90 44.02 -5.73
C CYS E 23 30.49 43.86 -5.15
N ARG E 24 29.50 44.45 -5.82
CA ARG E 24 28.14 44.52 -5.31
C ARG E 24 27.21 43.85 -6.30
N ALA E 25 26.35 42.97 -5.81
CA ALA E 25 25.43 42.20 -6.64
C ALA E 25 23.98 42.61 -6.36
N SER E 26 23.06 42.10 -7.20
CA SER E 26 21.66 42.47 -7.10
C SER E 26 20.78 41.39 -6.50
N GLN E 27 21.32 40.22 -6.17
CA GLN E 27 20.53 39.15 -5.60
C GLN E 27 21.47 38.17 -4.90
N SER E 28 20.90 37.34 -4.03
CA SER E 28 21.69 36.31 -3.37
C SER E 28 22.15 35.27 -4.39
N VAL E 29 23.45 35.00 -4.39
CA VAL E 29 24.06 34.07 -5.33
C VAL E 29 24.81 32.94 -4.63
N GLY E 30 24.75 32.88 -3.31
CA GLY E 30 25.47 31.84 -2.61
C GLY E 30 26.95 32.12 -2.57
N SER E 31 27.74 31.19 -3.11
CA SER E 31 29.20 31.29 -3.13
C SER E 31 29.74 31.19 -4.55
N SER E 32 29.11 31.89 -5.49
CA SER E 32 29.44 31.77 -6.90
C SER E 32 29.78 33.15 -7.47
N LEU E 33 31.07 33.42 -7.65
CA LEU E 33 31.53 34.62 -8.35
C LEU E 33 32.96 34.40 -8.81
N ALA E 34 33.39 35.23 -9.74
CA ALA E 34 34.73 35.12 -10.32
C ALA E 34 35.32 36.51 -10.49
N TRP E 35 36.65 36.58 -10.47
CA TRP E 35 37.37 37.83 -10.58
C TRP E 35 38.49 37.71 -11.61
N TYR E 36 38.60 38.72 -12.47
CA TYR E 36 39.59 38.74 -13.54
C TYR E 36 40.44 40.00 -13.45
N GLN E 37 41.69 39.87 -13.84
CA GLN E 37 42.62 40.98 -13.98
C GLN E 37 43.06 41.07 -15.43
N GLN E 38 43.02 42.27 -16.00
CA GLN E 38 43.32 42.45 -17.42
C GLN E 38 44.22 43.67 -17.59
N LYS E 39 45.52 43.42 -17.76
CA LYS E 39 46.49 44.45 -18.10
C LYS E 39 46.71 44.39 -19.61
N PRO E 40 46.59 45.52 -20.33
CA PRO E 40 46.50 45.47 -21.80
C PRO E 40 47.50 44.57 -22.49
N GLY E 41 47.08 43.92 -23.57
CA GLY E 41 47.91 42.96 -24.29
C GLY E 41 47.70 41.51 -23.88
N GLN E 42 48.04 41.15 -22.65
CA GLN E 42 47.82 39.78 -22.21
C GLN E 42 46.34 39.52 -21.95
N ALA E 43 45.92 38.28 -22.22
CA ALA E 43 44.55 37.88 -21.94
C ALA E 43 44.36 37.77 -20.43
N PRO E 44 43.14 37.97 -19.93
CA PRO E 44 42.93 37.94 -18.47
C PRO E 44 43.12 36.56 -17.85
N ARG E 45 44.10 36.44 -16.96
CA ARG E 45 44.27 35.20 -16.23
C ARG E 45 43.40 35.19 -14.98
N LEU E 46 43.19 34.00 -14.44
CA LEU E 46 42.23 33.80 -13.36
C LEU E 46 42.87 34.04 -12.00
N LEU E 47 42.09 34.61 -11.10
CA LEU E 47 42.50 34.86 -9.73
C LEU E 47 41.59 34.19 -8.71
N ILE E 48 40.28 34.38 -8.83
CA ILE E 48 39.29 33.87 -7.88
C ILE E 48 38.15 33.28 -8.69
N TYR E 49 37.85 31.99 -8.47
CA TYR E 49 36.74 31.35 -9.17
C TYR E 49 35.64 30.84 -8.26
N ALA E 50 35.88 30.72 -6.97
CA ALA E 50 34.83 30.49 -5.99
C ALA E 50 34.98 31.51 -4.87
N ALA E 51 33.96 31.62 -4.04
CA ALA E 51 33.93 32.68 -3.04
C ALA E 51 35.11 32.61 -2.08
N SER E 52 35.62 31.41 -1.80
CA SER E 52 36.65 31.26 -0.78
C SER E 52 37.72 30.25 -1.17
N THR E 53 38.04 30.13 -2.45
CA THR E 53 39.06 29.20 -2.91
C THR E 53 40.14 29.95 -3.67
N ARG E 54 41.26 29.28 -3.90
CA ARG E 54 42.41 29.91 -4.55
C ARG E 54 43.26 28.84 -5.21
N ALA E 55 43.20 28.77 -6.53
CA ALA E 55 44.05 27.84 -7.28
C ALA E 55 44.61 28.46 -8.56
N THR E 56 44.40 29.75 -8.78
CA THR E 56 44.84 30.43 -10.00
C THR E 56 45.54 31.73 -9.63
N GLY E 57 46.68 31.98 -10.28
CA GLY E 57 47.48 33.15 -9.96
C GLY E 57 48.38 32.90 -8.76
N ILE E 58 49.11 33.93 -8.39
CA ILE E 58 50.00 33.85 -7.24
C ILE E 58 49.17 34.01 -5.96
N PRO E 59 49.17 33.01 -5.08
CA PRO E 59 48.18 32.97 -3.98
C PRO E 59 48.45 33.92 -2.83
N ALA E 60 49.71 34.00 -2.39
CA ALA E 60 50.00 34.56 -1.07
C ALA E 60 49.68 36.05 -0.99
N ARG E 61 49.65 36.75 -2.12
CA ARG E 61 49.52 38.20 -2.11
C ARG E 61 48.08 38.66 -2.20
N PHE E 62 47.27 38.02 -3.03
CA PHE E 62 45.90 38.45 -3.29
C PHE E 62 44.92 37.63 -2.47
N SER E 63 43.77 38.24 -2.15
CA SER E 63 42.71 37.54 -1.45
C SER E 63 41.39 38.25 -1.69
N GLY E 64 40.30 37.53 -1.47
CA GLY E 64 38.98 38.11 -1.58
C GLY E 64 37.97 37.24 -0.88
N SER E 65 36.92 37.89 -0.38
CA SER E 65 35.91 37.14 0.36
C SER E 65 34.62 37.95 0.42
N GLY E 66 33.53 37.26 0.70
CA GLY E 66 32.24 37.89 0.81
C GLY E 66 31.14 36.86 0.76
N SER E 67 29.90 37.36 0.81
CA SER E 67 28.73 36.50 0.81
C SER E 67 27.49 37.38 0.63
N GLY E 68 26.33 36.74 0.70
CA GLY E 68 25.08 37.46 0.53
C GLY E 68 25.01 38.14 -0.82
N THR E 69 25.13 39.48 -0.81
CA THR E 69 25.15 40.26 -2.04
C THR E 69 26.36 41.19 -2.09
N GLU E 70 27.37 40.96 -1.26
CA GLU E 70 28.51 41.86 -1.19
C GLU E 70 29.78 41.04 -1.08
N PHE E 71 30.81 41.45 -1.83
CA PHE E 71 32.11 40.80 -1.80
C PHE E 71 33.20 41.87 -1.84
N THR E 72 34.39 41.51 -1.40
CA THR E 72 35.45 42.50 -1.25
C THR E 72 36.80 41.84 -1.54
N LEU E 73 37.75 42.69 -1.93
CA LEU E 73 39.10 42.27 -2.30
C LEU E 73 40.10 42.86 -1.29
N THR E 74 41.05 42.05 -0.85
CA THR E 74 42.10 42.49 0.05
C THR E 74 43.45 41.99 -0.45
N ILE E 75 44.44 42.88 -0.40
CA ILE E 75 45.80 42.57 -0.81
C ILE E 75 46.74 43.03 0.29
N SER E 76 47.81 42.26 0.51
CA SER E 76 48.79 42.62 1.53
C SER E 76 49.56 43.88 1.13
N SER E 77 50.26 43.83 0.01
CA SER E 77 51.00 44.98 -0.50
C SER E 77 51.31 44.76 -1.97
N LEU E 78 50.89 45.69 -2.81
CA LEU E 78 51.05 45.57 -4.25
C LEU E 78 52.42 46.07 -4.68
N GLN E 79 52.75 45.81 -5.95
CA GLN E 79 54.02 46.21 -6.53
C GLN E 79 53.75 46.75 -7.93
N SER E 80 54.82 46.91 -8.72
CA SER E 80 54.72 47.59 -10.01
C SER E 80 53.90 46.78 -11.01
N GLU E 81 53.88 45.46 -10.89
CA GLU E 81 53.21 44.61 -11.85
C GLU E 81 51.73 44.41 -11.55
N ASP E 82 51.21 45.05 -10.50
CA ASP E 82 49.90 44.69 -9.97
C ASP E 82 48.77 45.57 -10.49
N PHE E 83 49.06 46.77 -10.99
CA PHE E 83 48.00 47.65 -11.45
C PHE E 83 47.43 47.18 -12.77
N ALA E 84 46.11 47.05 -12.83
CA ALA E 84 45.40 46.62 -14.03
C ALA E 84 43.92 46.96 -13.83
N VAL E 85 43.08 46.46 -14.72
CA VAL E 85 41.62 46.61 -14.61
C VAL E 85 41.04 45.31 -14.09
N TYR E 86 40.15 45.41 -13.10
CA TYR E 86 39.61 44.25 -12.42
C TYR E 86 38.12 44.10 -12.72
N TYR E 87 37.71 42.87 -13.01
CA TYR E 87 36.34 42.58 -13.43
C TYR E 87 35.73 41.52 -12.52
N CYS E 88 34.43 41.66 -12.28
CA CYS E 88 33.67 40.81 -11.39
C CYS E 88 32.61 40.06 -12.18
N GLN E 89 32.36 38.81 -11.82
CA GLN E 89 31.45 37.93 -12.54
C GLN E 89 30.67 37.05 -11.59
N GLN E 90 29.55 36.55 -12.07
CA GLN E 90 28.75 35.54 -11.38
C GLN E 90 28.62 34.31 -12.27
N HIS E 91 28.48 33.15 -11.62
CA HIS E 91 28.23 31.92 -12.36
C HIS E 91 27.20 31.03 -11.68
N TYR E 92 26.32 31.62 -10.87
CA TYR E 92 25.33 30.83 -10.15
C TYR E 92 24.27 30.27 -11.09
N ASN E 93 23.91 31.02 -12.13
CA ASN E 93 22.86 30.60 -13.05
C ASN E 93 23.24 30.96 -14.47
N TRP E 94 22.84 30.10 -15.41
CA TRP E 94 23.08 30.26 -16.83
C TRP E 94 21.75 30.45 -17.56
N PRO E 95 21.76 30.98 -18.79
CA PRO E 95 22.89 31.46 -19.61
C PRO E 95 23.48 32.86 -19.36
N PRO E 96 22.73 33.93 -19.01
CA PRO E 96 23.30 35.28 -19.09
C PRO E 96 24.40 35.54 -18.07
N LEU E 97 25.59 35.03 -18.33
CA LEU E 97 26.75 35.29 -17.46
C LEU E 97 27.30 36.67 -17.78
N THR E 98 26.63 37.69 -17.25
CA THR E 98 27.07 39.05 -17.48
C THR E 98 28.36 39.34 -16.72
N PHE E 99 29.07 40.37 -17.17
CA PHE E 99 30.32 40.79 -16.57
C PHE E 99 30.12 42.05 -15.74
N GLY E 100 31.07 42.30 -14.84
CA GLY E 100 31.05 43.52 -14.06
C GLY E 100 31.67 44.69 -14.80
N GLY E 101 31.46 45.88 -14.24
CA GLY E 101 32.01 47.08 -14.82
C GLY E 101 33.51 47.19 -14.60
N GLY E 102 34.13 48.09 -15.37
CA GLY E 102 35.55 48.29 -15.27
C GLY E 102 35.94 49.14 -14.07
N THR E 103 37.16 48.90 -13.57
CA THR E 103 37.71 49.67 -12.48
C THR E 103 39.22 49.71 -12.63
N LYS E 104 39.80 50.90 -12.54
CA LYS E 104 41.20 51.12 -12.84
C LYS E 104 41.88 51.68 -11.60
N VAL E 105 42.97 51.06 -11.17
CA VAL E 105 43.74 51.54 -10.03
C VAL E 105 44.92 52.37 -10.55
N GLU E 106 45.14 53.52 -9.93
CA GLU E 106 46.06 54.53 -10.45
C GLU E 106 47.25 54.68 -9.52
N ILE E 107 48.40 55.02 -10.11
CA ILE E 107 49.62 55.21 -9.35
C ILE E 107 49.74 56.67 -8.92
N GLU F 1 -4.51 -34.23 -30.88
CA GLU F 1 -3.76 -34.41 -29.64
C GLU F 1 -2.39 -35.01 -29.93
N ILE F 2 -1.67 -35.36 -28.86
CA ILE F 2 -0.39 -36.03 -29.02
C ILE F 2 -0.61 -37.40 -29.65
N VAL F 3 0.16 -37.69 -30.70
CA VAL F 3 -0.01 -38.92 -31.47
C VAL F 3 1.36 -39.54 -31.65
N MET F 4 1.41 -40.86 -31.74
CA MET F 4 2.66 -41.61 -31.80
C MET F 4 2.74 -42.40 -33.10
N THR F 5 3.98 -42.64 -33.54
CA THR F 5 4.23 -43.36 -34.78
C THR F 5 5.68 -43.83 -34.80
N GLN F 6 5.88 -45.10 -35.17
CA GLN F 6 7.21 -45.65 -35.40
C GLN F 6 7.30 -46.13 -36.84
N SER F 7 8.38 -45.76 -37.52
CA SER F 7 8.53 -46.01 -38.95
C SER F 7 8.89 -47.46 -39.29
N PRO F 8 9.97 -48.04 -38.74
CA PRO F 8 10.36 -49.38 -39.18
C PRO F 8 9.30 -50.42 -38.86
N ALA F 9 9.17 -51.40 -39.75
CA ALA F 9 8.17 -52.47 -39.57
C ALA F 9 8.79 -53.71 -38.93
N THR F 10 9.78 -54.31 -39.59
CA THR F 10 10.40 -55.52 -39.10
C THR F 10 11.90 -55.48 -39.39
N LEU F 11 12.68 -55.99 -38.44
CA LEU F 11 14.13 -56.07 -38.56
C LEU F 11 14.59 -57.49 -38.29
N SER F 12 15.50 -57.98 -39.12
CA SER F 12 16.06 -59.33 -38.98
C SER F 12 17.43 -59.21 -38.33
N VAL F 13 17.50 -59.55 -37.04
CA VAL F 13 18.73 -59.46 -36.26
C VAL F 13 19.01 -60.81 -35.63
N SER F 14 20.24 -61.31 -35.84
CA SER F 14 20.66 -62.54 -35.20
C SER F 14 20.94 -62.30 -33.72
N PRO F 15 20.93 -63.35 -32.90
CA PRO F 15 21.22 -63.16 -31.47
C PRO F 15 22.65 -62.73 -31.24
N GLY F 16 22.83 -61.59 -30.57
CA GLY F 16 24.13 -61.16 -30.12
C GLY F 16 24.73 -59.95 -30.79
N GLU F 17 23.93 -59.03 -31.30
CA GLU F 17 24.47 -57.78 -31.84
C GLU F 17 23.44 -56.67 -31.67
N ARG F 18 23.63 -55.57 -32.39
CA ARG F 18 22.94 -54.32 -32.15
C ARG F 18 21.63 -54.26 -32.94
N VAL F 19 20.66 -53.51 -32.40
CA VAL F 19 19.40 -53.22 -33.09
C VAL F 19 18.87 -51.91 -32.55
N THR F 20 18.31 -51.08 -33.42
CA THR F 20 17.85 -49.74 -33.09
C THR F 20 16.38 -49.57 -33.42
N LEU F 21 15.65 -48.92 -32.51
CA LEU F 21 14.24 -48.63 -32.70
C LEU F 21 13.99 -47.16 -32.35
N SER F 22 13.08 -46.52 -33.09
CA SER F 22 12.86 -45.08 -32.98
C SER F 22 11.42 -44.79 -32.61
N CYS F 23 11.20 -43.61 -32.05
CA CYS F 23 9.90 -43.18 -31.53
C CYS F 23 9.82 -41.67 -31.66
N ARG F 24 9.07 -41.17 -32.64
CA ARG F 24 8.97 -39.74 -32.86
C ARG F 24 7.52 -39.27 -32.75
N ALA F 25 7.34 -38.12 -32.10
CA ALA F 25 6.03 -37.61 -31.73
C ALA F 25 5.74 -36.31 -32.47
N SER F 26 4.47 -35.92 -32.46
CA SER F 26 4.03 -34.75 -33.21
C SER F 26 4.28 -33.44 -32.49
N GLN F 27 4.66 -33.47 -31.21
CA GLN F 27 4.87 -32.24 -30.46
C GLN F 27 5.85 -32.50 -29.33
N SER F 28 6.43 -31.42 -28.80
CA SER F 28 7.35 -31.54 -27.69
C SER F 28 6.62 -32.03 -26.45
N VAL F 29 7.21 -33.02 -25.78
CA VAL F 29 6.62 -33.62 -24.59
C VAL F 29 7.56 -33.54 -23.38
N GLY F 30 8.67 -32.84 -23.52
CA GLY F 30 9.62 -32.77 -22.41
C GLY F 30 10.33 -34.10 -22.24
N SER F 31 10.35 -34.58 -21.00
CA SER F 31 11.01 -35.84 -20.65
C SER F 31 10.01 -36.86 -20.13
N SER F 32 8.86 -36.95 -20.78
CA SER F 32 7.75 -37.79 -20.31
C SER F 32 7.34 -38.76 -21.41
N LEU F 33 7.87 -39.99 -21.34
CA LEU F 33 7.41 -41.07 -22.21
C LEU F 33 7.76 -42.39 -21.56
N ALA F 34 7.12 -43.45 -22.06
CA ALA F 34 7.31 -44.79 -21.53
C ALA F 34 7.39 -45.78 -22.69
N TRP F 35 8.02 -46.92 -22.42
CA TRP F 35 8.16 -47.99 -23.41
C TRP F 35 7.71 -49.31 -22.82
N TYR F 36 6.89 -50.05 -23.58
CA TYR F 36 6.30 -51.29 -23.12
C TYR F 36 6.59 -52.40 -24.12
N GLN F 37 6.68 -53.62 -23.62
CA GLN F 37 6.93 -54.78 -24.46
C GLN F 37 6.19 -55.98 -23.88
N GLN F 38 5.52 -56.72 -24.76
CA GLN F 38 4.72 -57.87 -24.36
C GLN F 38 5.24 -59.13 -25.02
N LYS F 39 5.05 -60.22 -24.34
CA LYS F 39 5.39 -61.56 -24.81
C LYS F 39 4.13 -62.29 -25.26
N PRO F 40 4.24 -63.22 -26.21
CA PRO F 40 3.04 -63.92 -26.69
C PRO F 40 2.35 -64.72 -25.60
N GLY F 41 1.13 -64.32 -25.26
CA GLY F 41 0.28 -65.07 -24.35
C GLY F 41 0.04 -64.47 -22.99
N GLN F 42 0.79 -63.44 -22.59
CA GLN F 42 0.59 -62.85 -21.26
C GLN F 42 0.77 -61.34 -21.33
N ALA F 43 0.52 -60.70 -20.19
CA ALA F 43 0.47 -59.25 -20.11
C ALA F 43 1.85 -58.63 -20.27
N PRO F 44 1.92 -57.37 -20.73
CA PRO F 44 3.23 -56.73 -20.88
C PRO F 44 3.74 -56.20 -19.55
N ARG F 45 5.06 -56.01 -19.50
CA ARG F 45 5.73 -55.49 -18.32
C ARG F 45 6.38 -54.15 -18.65
N LEU F 46 6.74 -53.43 -17.58
CA LEU F 46 7.28 -52.09 -17.70
C LEU F 46 8.80 -52.13 -17.71
N LEU F 47 9.41 -51.35 -18.61
CA LEU F 47 10.87 -51.33 -18.74
C LEU F 47 11.46 -49.94 -18.60
N ILE F 48 10.80 -48.92 -19.14
CA ILE F 48 11.30 -47.55 -19.14
C ILE F 48 10.10 -46.63 -18.93
N TYR F 49 10.04 -45.96 -17.77
CA TYR F 49 8.90 -45.09 -17.49
C TYR F 49 9.21 -43.61 -17.64
N ALA F 50 10.45 -43.20 -17.46
CA ALA F 50 10.86 -41.82 -17.69
C ALA F 50 11.84 -41.79 -18.86
N ALA F 51 12.19 -40.58 -19.28
CA ALA F 51 13.02 -40.44 -20.47
C ALA F 51 14.39 -41.10 -20.29
N SER F 52 14.99 -40.98 -19.11
CA SER F 52 16.38 -41.40 -18.92
C SER F 52 16.56 -42.14 -17.59
N THR F 53 15.66 -43.08 -17.28
CA THR F 53 15.84 -43.89 -16.09
C THR F 53 15.27 -45.28 -16.32
N ARG F 54 15.74 -46.23 -15.51
CA ARG F 54 15.36 -47.64 -15.66
C ARG F 54 14.19 -47.97 -14.74
N ALA F 55 13.20 -48.66 -15.30
CA ALA F 55 12.00 -49.01 -14.54
C ALA F 55 12.07 -50.39 -13.93
N THR F 56 12.17 -51.42 -14.75
CA THR F 56 12.18 -52.80 -14.29
C THR F 56 12.85 -53.65 -15.35
N GLY F 57 13.23 -54.87 -14.96
CA GLY F 57 13.99 -55.76 -15.81
C GLY F 57 15.48 -55.61 -15.60
N ILE F 58 16.21 -56.58 -16.14
CA ILE F 58 17.67 -56.56 -15.96
C ILE F 58 18.25 -55.36 -16.72
N PRO F 59 19.25 -54.68 -16.17
CA PRO F 59 19.69 -53.41 -16.77
C PRO F 59 20.76 -53.54 -17.83
N ALA F 60 21.47 -54.66 -17.83
CA ALA F 60 22.71 -54.78 -18.61
C ALA F 60 22.48 -54.81 -20.12
N ARG F 61 21.25 -55.00 -20.59
CA ARG F 61 21.02 -55.21 -22.01
C ARG F 61 20.10 -54.19 -22.67
N PHE F 62 19.31 -53.44 -21.90
CA PHE F 62 18.39 -52.47 -22.49
C PHE F 62 18.84 -51.05 -22.15
N SER F 63 18.31 -50.10 -22.90
CA SER F 63 18.52 -48.67 -22.66
C SER F 63 17.68 -47.89 -23.68
N GLY F 64 17.62 -46.58 -23.48
CA GLY F 64 16.91 -45.71 -24.38
C GLY F 64 17.01 -44.28 -23.92
N SER F 65 16.97 -43.36 -24.89
CA SER F 65 17.13 -41.94 -24.57
C SER F 65 16.59 -41.10 -25.71
N GLY F 66 16.39 -39.82 -25.41
CA GLY F 66 15.90 -38.89 -26.40
C GLY F 66 15.36 -37.64 -25.73
N SER F 67 14.86 -36.74 -26.57
CA SER F 67 14.33 -35.47 -26.10
C SER F 67 13.61 -34.79 -27.25
N GLY F 68 13.10 -33.59 -27.00
CA GLY F 68 12.40 -32.83 -28.01
C GLY F 68 11.19 -33.58 -28.54
N THR F 69 11.29 -34.07 -29.78
CA THR F 69 10.24 -34.88 -30.37
C THR F 69 10.79 -36.20 -30.91
N GLU F 70 11.98 -36.61 -30.49
CA GLU F 70 12.59 -37.83 -31.01
C GLU F 70 13.18 -38.62 -29.86
N PHE F 71 12.96 -39.93 -29.88
CA PHE F 71 13.47 -40.84 -28.87
C PHE F 71 13.91 -42.12 -29.56
N THR F 72 14.83 -42.84 -28.92
CA THR F 72 15.43 -44.00 -29.56
C THR F 72 15.91 -44.98 -28.50
N LEU F 73 15.64 -46.26 -28.74
CA LEU F 73 16.11 -47.33 -27.86
C LEU F 73 17.47 -47.82 -28.32
N THR F 74 18.34 -48.11 -27.35
CA THR F 74 19.65 -48.69 -27.62
C THR F 74 19.86 -49.89 -26.70
N ILE F 75 20.44 -50.95 -27.26
CA ILE F 75 20.75 -52.14 -26.49
C ILE F 75 22.20 -52.52 -26.74
N SER F 76 22.73 -53.36 -25.85
CA SER F 76 24.08 -53.89 -26.01
C SER F 76 24.06 -55.15 -26.87
N SER F 77 23.30 -56.16 -26.45
CA SER F 77 23.10 -57.37 -27.22
C SER F 77 21.77 -57.98 -26.80
N LEU F 78 21.23 -58.82 -27.68
CA LEU F 78 19.96 -59.48 -27.43
C LEU F 78 20.12 -60.99 -27.48
N GLN F 79 19.06 -61.70 -27.09
CA GLN F 79 19.09 -63.15 -27.04
C GLN F 79 17.82 -63.75 -27.63
N SER F 80 17.62 -65.05 -27.42
CA SER F 80 16.50 -65.76 -28.03
C SER F 80 15.14 -65.33 -27.50
N GLU F 81 15.10 -64.65 -26.35
CA GLU F 81 13.84 -64.29 -25.71
C GLU F 81 13.55 -62.80 -25.75
N ASP F 82 14.25 -62.04 -26.60
CA ASP F 82 14.01 -60.60 -26.69
C ASP F 82 13.06 -60.21 -27.80
N PHE F 83 12.81 -61.08 -28.77
CA PHE F 83 11.93 -60.73 -29.88
C PHE F 83 10.50 -60.59 -29.41
N ALA F 84 9.91 -59.43 -29.69
CA ALA F 84 8.56 -59.11 -29.24
C ALA F 84 8.04 -57.93 -30.04
N VAL F 85 6.93 -57.36 -29.60
CA VAL F 85 6.36 -56.14 -30.16
C VAL F 85 6.54 -55.03 -29.14
N TYR F 86 7.03 -53.88 -29.60
CA TYR F 86 7.37 -52.76 -28.71
C TYR F 86 6.41 -51.61 -28.94
N TYR F 87 6.01 -50.96 -27.85
CA TYR F 87 5.02 -49.89 -27.88
C TYR F 87 5.57 -48.67 -27.17
N CYS F 88 5.35 -47.50 -27.75
CA CYS F 88 5.84 -46.23 -27.22
C CYS F 88 4.66 -45.40 -26.76
N GLN F 89 4.78 -44.80 -25.57
CA GLN F 89 3.67 -44.13 -24.91
C GLN F 89 4.12 -42.78 -24.40
N GLN F 90 3.17 -41.86 -24.28
CA GLN F 90 3.42 -40.54 -23.72
C GLN F 90 2.62 -40.37 -22.43
N HIS F 91 3.19 -39.61 -21.49
CA HIS F 91 2.47 -39.31 -20.25
C HIS F 91 2.69 -37.87 -19.80
N TYR F 92 2.94 -36.97 -20.75
CA TYR F 92 3.12 -35.56 -20.43
C TYR F 92 1.83 -34.87 -20.05
N ASN F 93 0.69 -35.33 -20.55
CA ASN F 93 -0.60 -34.74 -20.25
C ASN F 93 -1.65 -35.83 -20.39
N TRP F 94 -2.45 -36.06 -19.35
CA TRP F 94 -3.27 -37.26 -19.41
C TRP F 94 -4.78 -37.09 -19.24
N PRO F 95 -5.44 -36.13 -19.89
CA PRO F 95 -6.89 -36.27 -20.08
C PRO F 95 -7.19 -37.36 -21.10
N PRO F 96 -6.56 -37.35 -22.31
CA PRO F 96 -6.56 -38.58 -23.12
C PRO F 96 -5.30 -39.38 -22.88
N LEU F 97 -5.18 -40.54 -23.53
CA LEU F 97 -3.94 -41.30 -23.50
C LEU F 97 -3.91 -42.29 -24.66
N THR F 98 -2.88 -42.22 -25.48
CA THR F 98 -2.78 -43.04 -26.68
C THR F 98 -1.51 -43.88 -26.63
N PHE F 99 -1.53 -44.98 -27.38
CA PHE F 99 -0.42 -45.90 -27.49
C PHE F 99 0.21 -45.82 -28.88
N GLY F 100 1.44 -46.31 -28.98
CA GLY F 100 2.12 -46.35 -30.26
C GLY F 100 1.70 -47.55 -31.09
N GLY F 101 2.16 -47.54 -32.35
CA GLY F 101 1.88 -48.62 -33.26
C GLY F 101 2.75 -49.85 -32.98
N GLY F 102 2.48 -50.90 -33.75
CA GLY F 102 3.19 -52.14 -33.58
C GLY F 102 4.50 -52.20 -34.35
N THR F 103 5.43 -52.99 -33.84
CA THR F 103 6.73 -53.21 -34.48
C THR F 103 7.24 -54.58 -34.07
N LYS F 104 7.89 -55.27 -35.00
CA LYS F 104 8.36 -56.63 -34.76
C LYS F 104 9.85 -56.71 -35.03
N VAL F 105 10.56 -57.41 -34.14
CA VAL F 105 11.95 -57.77 -34.34
C VAL F 105 12.05 -59.28 -34.35
N GLU F 106 12.86 -59.81 -35.26
CA GLU F 106 12.95 -61.25 -35.47
C GLU F 106 14.28 -61.56 -36.15
N ILE F 107 14.40 -62.79 -36.66
CA ILE F 107 15.58 -63.20 -37.39
C ILE F 107 15.18 -63.98 -38.63
N ILE G 19 -64.56 34.96 -20.74
CA ILE G 19 -63.82 33.89 -20.08
C ILE G 19 -62.33 34.17 -20.14
N CYS G 20 -61.70 34.25 -18.97
CA CYS G 20 -60.27 34.53 -18.85
C CYS G 20 -59.64 33.51 -17.93
N ILE G 21 -58.75 32.68 -18.49
CA ILE G 21 -58.02 31.67 -17.73
C ILE G 21 -56.58 31.65 -18.22
N GLY G 22 -55.65 31.62 -17.27
CA GLY G 22 -54.24 31.60 -17.62
C GLY G 22 -53.32 31.20 -16.48
N TYR G 23 -52.18 31.90 -16.39
CA TYR G 23 -51.18 31.59 -15.38
C TYR G 23 -51.71 31.88 -13.98
N HIS G 24 -51.22 31.10 -13.01
CA HIS G 24 -51.49 31.37 -11.60
C HIS G 24 -50.54 32.47 -11.15
N ALA G 25 -51.07 33.67 -10.98
CA ALA G 25 -50.24 34.82 -10.64
C ALA G 25 -49.61 34.64 -9.27
N ASN G 26 -48.41 35.18 -9.11
CA ASN G 26 -47.68 35.07 -7.85
C ASN G 26 -46.62 36.17 -7.79
N ASN G 27 -46.10 36.38 -6.59
CA ASN G 27 -44.99 37.29 -6.35
C ASN G 27 -43.81 36.52 -5.78
N SER G 28 -42.61 36.91 -6.17
CA SER G 28 -41.41 36.17 -5.81
C SER G 28 -40.26 37.14 -5.56
N THR G 29 -39.19 36.62 -4.97
CA THR G 29 -38.01 37.42 -4.67
C THR G 29 -36.69 36.77 -5.04
N GLU G 30 -36.63 35.46 -5.27
CA GLU G 30 -35.38 34.75 -5.49
C GLU G 30 -35.38 34.06 -6.85
N GLN G 31 -34.21 33.57 -7.23
CA GLN G 31 -34.05 32.91 -8.52
C GLN G 31 -33.44 31.52 -8.39
N VAL G 32 -33.14 30.90 -9.53
CA VAL G 32 -32.61 29.54 -9.57
C VAL G 32 -31.88 29.38 -10.90
N ASP G 33 -31.01 28.38 -10.97
CA ASP G 33 -30.25 28.09 -12.17
C ASP G 33 -30.84 26.90 -12.92
N THR G 34 -30.39 26.72 -14.15
CA THR G 34 -30.87 25.64 -15.00
C THR G 34 -29.80 25.36 -16.07
N ILE G 35 -30.14 24.48 -17.01
CA ILE G 35 -29.19 24.09 -18.05
C ILE G 35 -28.93 25.25 -19.00
N MET G 36 -29.99 25.91 -19.46
CA MET G 36 -29.87 26.94 -20.49
C MET G 36 -29.73 28.34 -19.93
N GLU G 37 -29.89 28.54 -18.63
CA GLU G 37 -29.81 29.85 -18.03
C GLU G 37 -29.17 29.75 -16.66
N LYS G 38 -28.80 30.91 -16.10
CA LYS G 38 -28.15 30.96 -14.81
C LYS G 38 -28.97 31.68 -13.74
N ASN G 39 -29.95 32.50 -14.12
CA ASN G 39 -30.73 33.24 -13.14
C ASN G 39 -32.16 33.38 -13.68
N VAL G 40 -33.06 32.55 -13.16
CA VAL G 40 -34.48 32.58 -13.53
C VAL G 40 -35.28 32.69 -12.24
N THR G 41 -36.13 33.70 -12.13
CA THR G 41 -36.87 33.92 -10.90
C THR G 41 -37.87 32.80 -10.65
N VAL G 42 -38.11 32.53 -9.36
CA VAL G 42 -38.97 31.43 -8.96
C VAL G 42 -39.72 31.84 -7.70
N THR G 43 -40.94 31.32 -7.54
CA THR G 43 -41.79 31.70 -6.42
C THR G 43 -41.63 30.78 -5.21
N HIS G 44 -41.63 29.48 -5.42
CA HIS G 44 -41.46 28.51 -4.33
C HIS G 44 -40.01 28.05 -4.27
N ALA G 45 -39.15 28.97 -3.85
CA ALA G 45 -37.70 28.73 -3.85
C ALA G 45 -37.35 27.78 -2.70
N GLN G 46 -37.60 26.50 -2.94
CA GLN G 46 -37.29 25.48 -1.94
C GLN G 46 -35.78 25.27 -1.86
N ASP G 47 -35.25 25.27 -0.64
CA ASP G 47 -33.83 25.08 -0.40
C ASP G 47 -33.57 23.67 0.14
N ILE G 48 -32.38 23.15 -0.15
CA ILE G 48 -32.06 21.77 0.20
C ILE G 48 -30.70 21.68 0.88
N LEU G 49 -29.93 22.76 0.82
CA LEU G 49 -28.57 22.77 1.34
C LEU G 49 -28.50 23.52 2.66
N GLU G 50 -27.92 22.88 3.67
CA GLU G 50 -27.76 23.49 4.98
C GLU G 50 -26.36 24.09 5.12
N LYS G 51 -26.30 25.31 5.64
CA LYS G 51 -25.04 26.05 5.74
C LYS G 51 -24.67 26.47 7.15
N THR G 52 -25.61 26.54 8.08
CA THR G 52 -25.37 27.10 9.40
C THR G 52 -25.11 25.99 10.42
N HIS G 53 -24.12 26.21 11.28
CA HIS G 53 -23.77 25.28 12.34
C HIS G 53 -23.75 26.01 13.67
N ASN G 54 -23.99 25.28 14.75
CA ASN G 54 -23.98 25.88 16.09
C ASN G 54 -22.61 26.46 16.42
N GLY G 55 -21.59 25.61 16.49
CA GLY G 55 -20.24 26.11 16.59
C GLY G 55 -19.42 25.62 17.76
N LYS G 56 -20.03 24.85 18.67
CA LYS G 56 -19.30 24.34 19.82
C LYS G 56 -19.53 22.84 19.96
N LEU G 57 -18.51 22.15 20.46
CA LEU G 57 -18.61 20.73 20.74
C LEU G 57 -19.63 20.47 21.83
N CYS G 58 -20.31 19.33 21.73
CA CYS G 58 -21.38 19.02 22.68
C CYS G 58 -21.65 17.53 22.67
N ASP G 59 -22.44 17.10 23.65
CA ASP G 59 -22.63 15.68 23.92
C ASP G 59 -23.41 15.01 22.79
N LEU G 60 -23.20 13.70 22.65
CA LEU G 60 -23.87 12.91 21.63
C LEU G 60 -24.69 11.81 22.31
N ASN G 61 -26.00 11.83 22.09
CA ASN G 61 -26.92 10.81 22.59
C ASN G 61 -26.88 10.68 24.10
N GLY G 62 -26.55 11.78 24.79
CA GLY G 62 -26.59 11.81 26.23
C GLY G 62 -25.38 11.21 26.93
N VAL G 63 -24.36 10.77 26.19
CA VAL G 63 -23.14 10.23 26.78
C VAL G 63 -22.00 11.16 26.42
N LYS G 64 -21.25 11.60 27.42
CA LYS G 64 -20.24 12.62 27.22
C LYS G 64 -19.07 12.07 26.42
N PRO G 65 -18.71 12.70 25.30
CA PRO G 65 -17.50 12.27 24.57
C PRO G 65 -16.24 12.63 25.34
N LEU G 66 -15.18 11.88 25.06
CA LEU G 66 -13.89 12.12 25.69
C LEU G 66 -13.12 13.17 24.92
N ILE G 67 -12.66 14.20 25.62
CA ILE G 67 -11.88 15.28 25.02
C ILE G 67 -10.62 15.48 25.84
N LEU G 68 -9.51 15.73 25.15
CA LEU G 68 -8.24 16.03 25.78
C LEU G 68 -7.89 17.49 25.54
N LYS G 69 -6.96 18.01 26.33
CA LYS G 69 -6.54 19.40 26.24
C LYS G 69 -5.15 19.56 25.65
N ASP G 70 -4.16 18.84 26.19
CA ASP G 70 -2.82 18.82 25.61
C ASP G 70 -2.27 17.41 25.47
N CYS G 71 -2.93 16.41 26.03
CA CYS G 71 -2.45 15.04 26.00
C CYS G 71 -2.58 14.47 24.60
N SER G 72 -1.87 13.37 24.35
CA SER G 72 -1.98 12.64 23.11
C SER G 72 -2.40 11.21 23.43
N VAL G 73 -2.62 10.43 22.36
CA VAL G 73 -2.93 9.02 22.54
C VAL G 73 -1.77 8.31 23.23
N ALA G 74 -0.54 8.57 22.76
CA ALA G 74 0.64 7.99 23.38
C ALA G 74 0.76 8.45 24.83
N GLY G 75 0.51 9.73 25.07
CA GLY G 75 0.55 10.26 26.42
C GLY G 75 -0.48 9.62 27.34
N TRP G 76 -1.69 9.43 26.84
CA TRP G 76 -2.74 8.87 27.68
C TRP G 76 -2.46 7.40 28.00
N LEU G 77 -2.18 6.61 26.96
CA LEU G 77 -1.98 5.17 27.19
C LEU G 77 -0.74 4.91 28.04
N LEU G 78 0.35 5.63 27.78
CA LEU G 78 1.57 5.38 28.52
C LEU G 78 1.61 6.07 29.87
N GLY G 79 0.54 6.77 30.25
CA GLY G 79 0.50 7.40 31.56
C GLY G 79 1.52 8.50 31.71
N ASN G 80 1.35 9.57 30.94
CA ASN G 80 2.27 10.69 31.02
C ASN G 80 2.12 11.38 32.38
N PRO G 81 3.22 11.81 33.01
CA PRO G 81 3.11 12.46 34.33
C PRO G 81 2.17 13.65 34.34
N MET G 82 2.17 14.41 33.25
CA MET G 82 1.25 15.54 33.13
C MET G 82 -0.13 15.14 32.65
N CYS G 83 -0.32 13.87 32.30
CA CYS G 83 -1.62 13.39 31.84
C CYS G 83 -2.42 12.70 32.94
N ASP G 84 -2.00 12.84 34.19
CA ASP G 84 -2.54 12.07 35.30
C ASP G 84 -4.05 12.22 35.48
N GLU G 85 -4.60 13.34 35.02
CA GLU G 85 -6.02 13.60 35.18
C GLU G 85 -6.86 12.55 34.45
N PHE G 86 -6.36 12.08 33.31
CA PHE G 86 -7.07 11.06 32.52
C PHE G 86 -6.47 9.70 32.81
N ILE G 87 -7.10 8.96 33.72
CA ILE G 87 -6.64 7.60 34.04
C ILE G 87 -7.76 6.60 33.82
N ARG G 88 -8.89 6.77 34.51
CA ARG G 88 -10.03 5.86 34.36
C ARG G 88 -11.17 6.61 33.70
N VAL G 89 -11.16 6.61 32.37
CA VAL G 89 -12.20 7.30 31.62
C VAL G 89 -13.39 6.34 31.45
N PRO G 90 -14.58 6.76 31.80
CA PRO G 90 -15.76 5.88 31.64
C PRO G 90 -16.19 5.76 30.19
N GLU G 91 -17.33 5.11 29.96
CA GLU G 91 -17.84 4.93 28.61
C GLU G 91 -18.02 6.27 27.93
N TRP G 92 -17.54 6.37 26.69
CA TRP G 92 -17.61 7.59 25.91
C TRP G 92 -18.22 7.32 24.54
N SER G 93 -18.40 8.38 23.77
CA SER G 93 -18.91 8.26 22.41
C SER G 93 -17.77 8.29 21.40
N TYR G 94 -16.97 9.35 21.39
CA TYR G 94 -15.87 9.51 20.45
C TYR G 94 -14.70 10.20 21.13
N ILE G 95 -13.56 10.18 20.46
CA ILE G 95 -12.33 10.76 20.98
C ILE G 95 -12.08 12.07 20.24
N VAL G 96 -11.92 13.16 20.99
CA VAL G 96 -11.51 14.44 20.42
C VAL G 96 -10.18 14.83 21.03
N GLU G 97 -9.10 14.62 20.30
CA GLU G 97 -7.77 14.93 20.82
C GLU G 97 -7.30 16.26 20.25
N ARG G 98 -6.69 17.08 21.10
CA ARG G 98 -6.18 18.38 20.68
C ARG G 98 -5.17 18.22 19.55
N ALA G 99 -5.35 18.98 18.48
CA ALA G 99 -4.41 18.95 17.38
C ALA G 99 -3.05 19.46 17.84
N ASN G 100 -1.98 18.80 17.38
CA ASN G 100 -0.61 19.11 17.76
C ASN G 100 -0.48 19.09 19.28
N PRO G 101 -0.57 17.93 19.91
CA PRO G 101 -0.54 17.87 21.39
C PRO G 101 0.78 18.38 21.94
N ALA G 102 0.70 19.08 23.07
CA ALA G 102 1.91 19.57 23.73
C ALA G 102 2.43 18.56 24.75
N ASN G 103 1.53 17.96 25.53
CA ASN G 103 1.90 16.95 26.51
C ASN G 103 2.55 15.77 25.82
N ASP G 104 1.79 15.09 24.97
CA ASP G 104 2.23 13.91 24.21
C ASP G 104 3.16 13.01 25.00
N LEU G 105 4.36 12.78 24.47
CA LEU G 105 5.39 12.01 25.15
C LEU G 105 6.56 12.96 25.41
N CYS G 106 6.83 13.22 26.69
CA CYS G 106 7.93 14.11 27.04
C CYS G 106 9.27 13.51 26.67
N PHE G 107 9.43 12.21 26.85
CA PHE G 107 10.68 11.55 26.47
C PHE G 107 10.76 11.45 24.95
N PRO G 108 11.95 11.64 24.37
CA PRO G 108 12.10 11.63 22.91
C PRO G 108 12.13 10.23 22.29
N GLY G 109 11.16 9.40 22.67
CA GLY G 109 11.08 8.04 22.18
C GLY G 109 10.29 7.93 20.89
N SER G 110 9.93 6.70 20.55
CA SER G 110 9.13 6.43 19.37
C SER G 110 8.49 5.05 19.46
N LEU G 111 7.17 4.99 19.33
CA LEU G 111 6.42 3.74 19.43
C LEU G 111 6.19 3.18 18.03
N ASN G 112 6.56 1.91 17.84
CA ASN G 112 6.55 1.33 16.50
C ASN G 112 5.14 1.17 15.98
N ASP G 113 4.92 1.65 14.75
CA ASP G 113 3.66 1.54 14.05
C ASP G 113 2.55 2.18 14.89
N TYR G 114 2.66 3.49 15.05
CA TYR G 114 1.64 4.24 15.77
C TYR G 114 0.30 4.22 15.03
N GLU G 115 0.35 4.21 13.70
CA GLU G 115 -0.85 4.39 12.89
C GLU G 115 -1.81 3.22 13.05
N GLU G 116 -1.30 1.99 13.09
CA GLU G 116 -2.20 0.85 13.23
C GLU G 116 -2.87 0.85 14.59
N LEU G 117 -2.14 1.25 15.63
CA LEU G 117 -2.75 1.37 16.95
C LEU G 117 -3.86 2.41 16.95
N LYS G 118 -3.61 3.56 16.32
CA LYS G 118 -4.64 4.59 16.25
C LYS G 118 -5.85 4.10 15.48
N HIS G 119 -5.62 3.35 14.39
CA HIS G 119 -6.73 2.80 13.64
C HIS G 119 -7.53 1.79 14.46
N MET G 120 -6.82 0.95 15.22
CA MET G 120 -7.50 -0.03 16.08
C MET G 120 -8.35 0.67 17.12
N LEU G 121 -7.88 1.78 17.65
CA LEU G 121 -8.65 2.51 18.65
C LEU G 121 -9.94 3.10 18.10
N SER G 122 -10.31 2.89 16.85
CA SER G 122 -11.52 3.51 16.31
C SER G 122 -12.77 2.66 16.45
N ARG G 123 -12.66 1.44 17.01
CA ARG G 123 -13.81 0.56 17.14
C ARG G 123 -13.94 0.02 18.56
N ILE G 124 -13.56 0.82 19.55
CA ILE G 124 -13.63 0.43 20.95
C ILE G 124 -14.39 1.51 21.71
N ASN G 125 -15.34 1.09 22.54
CA ASN G 125 -16.19 2.02 23.27
C ASN G 125 -16.00 1.97 24.78
N HIS G 126 -15.14 1.09 25.28
CA HIS G 126 -14.91 1.03 26.72
C HIS G 126 -13.55 0.40 26.98
N PHE G 127 -13.06 0.60 28.20
CA PHE G 127 -11.77 0.08 28.61
C PHE G 127 -11.85 -0.33 30.08
N GLU G 128 -10.88 -1.11 30.51
CA GLU G 128 -10.72 -1.41 31.92
C GLU G 128 -9.27 -1.73 32.21
N LYS G 129 -8.65 -0.98 33.11
CA LYS G 129 -7.29 -1.29 33.52
C LYS G 129 -7.31 -2.50 34.45
N ILE G 130 -6.42 -3.45 34.20
CA ILE G 130 -6.31 -4.65 34.99
C ILE G 130 -4.90 -4.74 35.54
N GLN G 131 -4.80 -4.87 36.86
CA GLN G 131 -3.51 -4.89 37.54
C GLN G 131 -2.98 -6.32 37.45
N ILE G 132 -2.35 -6.62 36.32
CA ILE G 132 -1.97 -8.00 36.01
C ILE G 132 -0.74 -8.43 36.79
N ILE G 133 0.28 -7.57 36.85
CA ILE G 133 1.56 -7.92 37.44
C ILE G 133 1.81 -6.97 38.62
N PRO G 134 1.50 -7.39 39.84
CA PRO G 134 1.62 -6.48 40.98
C PRO G 134 3.06 -6.07 41.23
N LYS G 135 3.22 -4.86 41.77
CA LYS G 135 4.56 -4.33 42.02
C LYS G 135 5.32 -5.19 43.02
N SER G 136 4.63 -5.65 44.07
CA SER G 136 5.27 -6.49 45.07
C SER G 136 5.73 -7.82 44.50
N SER G 137 5.10 -8.29 43.42
CA SER G 137 5.49 -9.56 42.82
C SER G 137 6.88 -9.52 42.21
N TRP G 138 7.41 -8.33 41.96
CA TRP G 138 8.73 -8.24 41.36
C TRP G 138 9.79 -8.75 42.33
N PRO G 139 10.78 -9.48 41.82
CA PRO G 139 11.84 -10.00 42.69
C PRO G 139 12.80 -8.92 43.15
N ASN G 140 13.90 -9.34 43.76
CA ASN G 140 14.92 -8.45 44.31
C ASN G 140 15.29 -7.30 43.38
N HIS G 141 15.09 -7.47 42.08
CA HIS G 141 15.35 -6.44 41.08
C HIS G 141 14.87 -5.06 41.55
N GLU G 142 15.79 -4.10 41.57
CA GLU G 142 15.46 -2.76 42.03
C GLU G 142 14.52 -2.06 41.05
N THR G 143 13.54 -1.34 41.58
CA THR G 143 12.56 -0.65 40.76
C THR G 143 12.26 0.78 41.20
N SER G 144 12.94 1.30 42.22
CA SER G 144 12.61 2.60 42.77
C SER G 144 13.49 3.73 42.26
N LEU G 145 14.40 3.45 41.33
CA LEU G 145 15.29 4.47 40.79
C LEU G 145 14.89 4.93 39.40
N GLY G 146 13.70 4.56 38.93
CA GLY G 146 13.26 4.95 37.62
C GLY G 146 12.63 6.33 37.57
N VAL G 147 13.47 7.37 37.63
CA VAL G 147 12.99 8.75 37.56
C VAL G 147 13.72 9.46 36.43
N SER G 148 13.09 10.51 35.92
CA SER G 148 13.65 11.30 34.83
C SER G 148 13.37 12.77 35.07
N ALA G 149 14.28 13.62 34.60
CA ALA G 149 14.11 15.06 34.67
C ALA G 149 13.38 15.63 33.46
N ALA G 150 13.15 14.83 32.42
CA ALA G 150 12.48 15.33 31.23
C ALA G 150 10.98 15.48 31.46
N CYS G 151 10.44 14.82 32.47
CA CYS G 151 9.00 14.83 32.75
C CYS G 151 8.80 15.16 34.22
N PRO G 152 9.07 16.40 34.62
CA PRO G 152 8.99 16.75 36.04
C PRO G 152 7.55 16.77 36.54
N TYR G 153 7.40 16.46 37.83
CA TYR G 153 6.12 16.58 38.52
C TYR G 153 6.33 17.50 39.73
N GLN G 154 5.63 18.64 39.72
CA GLN G 154 5.79 19.65 40.77
C GLN G 154 7.25 20.08 40.89
N GLY G 155 7.97 20.07 39.78
CA GLY G 155 9.37 20.41 39.79
C GLY G 155 10.30 19.30 40.22
N ALA G 156 9.80 18.08 40.40
CA ALA G 156 10.62 16.97 40.85
C ALA G 156 10.70 15.89 39.79
N PRO G 157 11.81 15.14 39.74
CA PRO G 157 11.93 14.07 38.75
C PRO G 157 10.85 13.01 38.94
N SER G 158 10.43 12.44 37.82
CA SER G 158 9.36 11.44 37.83
C SER G 158 9.50 10.58 36.58
N PHE G 159 8.46 9.81 36.28
CA PHE G 159 8.46 8.90 35.14
C PHE G 159 7.01 8.54 34.82
N PHE G 160 6.84 7.64 33.86
CA PHE G 160 5.51 7.18 33.49
C PHE G 160 4.86 6.42 34.65
N ARG G 161 3.54 6.40 34.64
CA ARG G 161 2.75 5.70 35.65
C ARG G 161 2.00 4.50 35.04
N ASN G 162 2.57 3.91 33.99
CA ASN G 162 2.00 2.72 33.37
C ASN G 162 3.01 1.62 33.08
N VAL G 163 4.31 1.87 33.24
CA VAL G 163 5.34 0.88 33.03
C VAL G 163 6.35 0.98 34.16
N VAL G 164 7.20 -0.02 34.28
CA VAL G 164 8.23 -0.07 35.31
C VAL G 164 9.58 -0.31 34.64
N TRP G 165 10.52 0.61 34.83
CA TRP G 165 11.86 0.50 34.27
C TRP G 165 12.75 -0.17 35.30
N LEU G 166 12.90 -1.49 35.17
CA LEU G 166 13.73 -2.23 36.11
C LEU G 166 15.20 -1.87 35.96
N ILE G 167 15.87 -1.69 37.09
CA ILE G 167 17.29 -1.36 37.12
C ILE G 167 17.98 -2.29 38.09
N LYS G 168 19.26 -2.55 37.84
CA LYS G 168 20.06 -3.49 38.64
C LYS G 168 20.02 -3.17 40.13
N LYS G 169 20.32 -4.15 40.96
CA LYS G 169 20.44 -3.94 42.40
C LYS G 169 21.66 -4.70 42.90
N ASN G 170 22.51 -4.00 43.66
CA ASN G 170 23.73 -4.57 44.22
C ASN G 170 24.61 -5.17 43.13
N ASP G 171 24.64 -4.51 41.97
CA ASP G 171 25.38 -4.99 40.80
C ASP G 171 24.96 -6.42 40.44
N ALA G 172 23.67 -6.57 40.14
CA ALA G 172 23.12 -7.85 39.76
C ALA G 172 21.89 -7.65 38.90
N TYR G 173 21.58 -8.63 38.07
CA TYR G 173 20.42 -8.59 37.20
C TYR G 173 20.07 -9.99 36.73
N PRO G 174 19.42 -10.80 37.56
CA PRO G 174 19.00 -12.14 37.11
C PRO G 174 18.02 -12.04 35.94
N THR G 175 18.10 -13.03 35.05
CA THR G 175 17.24 -13.07 33.89
C THR G 175 15.78 -13.19 34.30
N ILE G 176 14.93 -12.39 33.66
CA ILE G 176 13.50 -12.38 33.96
C ILE G 176 12.80 -13.38 33.07
N LYS G 177 11.97 -14.23 33.66
CA LYS G 177 11.28 -15.30 32.95
C LYS G 177 9.80 -15.34 33.29
N ILE G 178 9.16 -14.18 33.34
CA ILE G 178 7.75 -14.16 33.70
C ILE G 178 6.90 -14.70 32.54
N SER G 179 5.68 -15.11 32.87
CA SER G 179 4.72 -15.61 31.91
C SER G 179 3.34 -15.17 32.34
N TYR G 180 2.36 -15.33 31.46
CA TYR G 180 1.00 -14.99 31.81
C TYR G 180 0.03 -15.84 31.01
N ASN G 181 -1.11 -16.15 31.61
CA ASN G 181 -2.18 -16.91 30.99
C ASN G 181 -3.46 -16.07 31.04
N ASN G 182 -4.13 -15.96 29.91
CA ASN G 182 -5.37 -15.19 29.83
C ASN G 182 -6.54 -16.11 30.18
N THR G 183 -7.28 -15.74 31.22
CA THR G 183 -8.34 -16.61 31.72
C THR G 183 -9.72 -16.03 31.50
N ASN G 184 -9.89 -14.73 31.67
CA ASN G 184 -11.19 -14.10 31.46
C ASN G 184 -11.52 -14.00 29.97
N ARG G 185 -12.80 -14.13 29.64
CA ARG G 185 -13.24 -14.08 28.25
C ARG G 185 -13.20 -12.67 27.69
N GLU G 186 -12.00 -12.14 27.53
CA GLU G 186 -11.80 -10.78 27.02
C GLU G 186 -10.50 -10.74 26.25
N ASP G 187 -10.36 -9.74 25.39
CA ASP G 187 -9.18 -9.59 24.54
C ASP G 187 -8.27 -8.54 25.15
N LEU G 188 -7.28 -8.99 25.92
CA LEU G 188 -6.37 -8.08 26.59
C LEU G 188 -5.41 -7.45 25.58
N LEU G 189 -4.88 -6.29 25.97
CA LEU G 189 -3.93 -5.54 25.15
C LEU G 189 -2.72 -5.23 26.01
N ILE G 190 -1.52 -5.54 25.51
CA ILE G 190 -0.31 -5.45 26.31
C ILE G 190 0.67 -4.51 25.62
N LEU G 191 1.39 -3.74 26.44
CA LEU G 191 2.42 -2.82 25.96
C LEU G 191 3.68 -3.00 26.79
N TRP G 192 4.82 -2.81 26.15
CA TRP G 192 6.11 -2.84 26.84
C TRP G 192 7.13 -2.07 26.00
N GLY G 193 8.40 -2.16 26.37
CA GLY G 193 9.38 -1.38 25.64
C GLY G 193 10.80 -1.85 25.86
N ILE G 194 11.71 -1.22 25.11
CA ILE G 194 13.15 -1.49 25.15
C ILE G 194 13.88 -0.14 25.17
N HIS G 195 15.10 -0.15 25.69
CA HIS G 195 15.85 1.07 25.94
C HIS G 195 17.16 1.07 25.15
N HIS G 196 17.40 2.14 24.40
CA HIS G 196 18.67 2.38 23.72
C HIS G 196 19.47 3.36 24.56
N SER G 197 20.61 2.91 25.07
CA SER G 197 21.50 3.76 25.86
C SER G 197 22.32 4.64 24.91
N ASN G 198 23.35 5.29 25.44
CA ASN G 198 24.20 6.18 24.66
C ASN G 198 25.58 5.60 24.37
N ASN G 199 26.29 5.17 25.39
CA ASN G 199 27.64 4.64 25.23
C ASN G 199 27.81 3.42 26.13
N ALA G 200 29.03 2.87 26.14
CA ALA G 200 29.28 1.64 26.87
C ALA G 200 29.22 1.85 28.37
N GLU G 201 29.79 2.96 28.87
CA GLU G 201 29.86 3.17 30.31
C GLU G 201 28.47 3.33 30.91
N GLU G 202 27.58 4.04 30.22
CA GLU G 202 26.20 4.18 30.71
C GLU G 202 25.52 2.82 30.80
N GLN G 203 25.69 1.99 29.78
CA GLN G 203 25.10 0.65 29.79
C GLN G 203 25.63 -0.18 30.95
N THR G 204 26.95 -0.19 31.13
CA THR G 204 27.53 -0.99 32.19
C THR G 204 27.29 -0.38 33.58
N ASN G 205 26.85 0.87 33.64
CA ASN G 205 26.53 1.49 34.92
C ASN G 205 25.08 1.21 35.33
N LEU G 206 24.13 1.51 34.45
CA LEU G 206 22.73 1.23 34.77
C LEU G 206 22.47 -0.26 34.83
N TYR G 207 22.90 -1.00 33.82
CA TYR G 207 22.76 -2.44 33.77
C TYR G 207 24.10 -3.09 34.10
N LYS G 208 24.18 -4.40 33.96
CA LYS G 208 25.35 -5.15 34.37
C LYS G 208 26.17 -5.70 33.23
N ASN G 209 25.55 -6.15 32.15
CA ASN G 209 26.28 -6.81 31.08
C ASN G 209 25.95 -6.20 29.73
N PRO G 210 26.90 -6.23 28.79
CA PRO G 210 26.60 -5.78 27.42
C PRO G 210 25.77 -6.80 26.65
N ILE G 211 25.60 -6.55 25.35
CA ILE G 211 24.93 -7.44 24.39
C ILE G 211 23.58 -7.93 24.93
N THR G 212 22.87 -7.04 25.62
CA THR G 212 21.55 -7.40 26.13
C THR G 212 20.59 -7.70 24.98
N TYR G 213 19.61 -8.54 25.26
CA TYR G 213 18.59 -8.89 24.28
C TYR G 213 17.29 -9.15 24.99
N ILE G 214 16.19 -9.00 24.25
CA ILE G 214 14.88 -9.39 24.73
C ILE G 214 14.25 -10.31 23.71
N SER G 215 13.38 -11.18 24.22
CA SER G 215 12.66 -12.16 23.40
C SER G 215 11.24 -12.27 23.90
N VAL G 216 10.30 -12.37 22.96
CA VAL G 216 8.87 -12.45 23.26
C VAL G 216 8.33 -13.71 22.63
N GLY G 217 7.53 -14.47 23.38
CA GLY G 217 6.97 -15.68 22.86
C GLY G 217 5.46 -15.76 23.00
N THR G 218 4.79 -16.14 21.92
CA THR G 218 3.34 -16.31 21.94
C THR G 218 3.00 -17.42 20.96
N SER G 219 1.71 -17.55 20.65
CA SER G 219 1.25 -18.56 19.71
C SER G 219 1.09 -18.03 18.29
N THR G 220 1.43 -16.75 18.05
CA THR G 220 1.23 -16.16 16.74
C THR G 220 2.43 -15.42 16.17
N LEU G 221 3.45 -15.11 16.96
CA LEU G 221 4.59 -14.36 16.45
C LEU G 221 5.80 -14.61 17.34
N ASN G 222 6.94 -14.13 16.87
CA ASN G 222 8.19 -14.21 17.61
C ASN G 222 8.90 -12.87 17.51
N GLN G 223 9.94 -12.70 18.32
CA GLN G 223 10.70 -11.45 18.34
C GLN G 223 12.00 -11.67 19.07
N ARG G 224 13.07 -11.09 18.56
CA ARG G 224 14.37 -11.12 19.22
C ARG G 224 15.08 -9.81 18.91
N LEU G 225 15.31 -8.99 19.94
CA LEU G 225 15.83 -7.65 19.71
C LEU G 225 16.98 -7.33 20.64
N ALA G 226 17.82 -6.41 20.20
CA ALA G 226 18.99 -5.94 20.93
C ALA G 226 19.07 -4.43 20.80
N PRO G 227 19.70 -3.76 21.77
CA PRO G 227 19.77 -2.29 21.71
C PRO G 227 20.81 -1.81 20.71
N LYS G 228 20.66 -0.54 20.31
CA LYS G 228 21.57 0.15 19.40
C LYS G 228 22.32 1.21 20.20
N ILE G 229 23.64 1.12 20.20
CA ILE G 229 24.49 2.06 20.94
C ILE G 229 25.28 2.88 19.95
N ALA G 230 25.13 4.20 20.01
CA ALA G 230 25.84 5.13 19.13
C ALA G 230 25.67 6.53 19.71
N THR G 231 26.13 7.54 18.97
CA THR G 231 25.99 8.92 19.37
C THR G 231 24.91 9.60 18.55
N ARG G 232 24.26 10.58 19.15
CA ARG G 232 23.18 11.31 18.50
C ARG G 232 23.24 12.78 18.93
N SER G 233 22.32 13.57 18.38
CA SER G 233 22.21 14.96 18.75
C SER G 233 21.59 15.09 20.14
N GLN G 234 21.42 16.34 20.59
CA GLN G 234 20.84 16.63 21.89
C GLN G 234 19.44 17.17 21.69
N VAL G 235 18.45 16.47 22.24
CA VAL G 235 17.07 16.92 22.27
C VAL G 235 16.58 16.84 23.70
N ASN G 236 16.17 17.97 24.25
CA ASN G 236 15.74 18.08 25.65
C ASN G 236 16.84 17.63 26.61
N GLY G 237 18.09 17.83 26.22
CA GLY G 237 19.21 17.46 27.07
C GLY G 237 19.31 15.98 27.37
N GLN G 238 19.07 15.14 26.37
CA GLN G 238 19.11 13.70 26.55
C GLN G 238 19.81 13.05 25.36
N ARG G 239 20.43 11.90 25.61
CA ARG G 239 21.13 11.15 24.58
C ARG G 239 20.71 9.68 24.54
N GLY G 240 19.52 9.36 25.07
CA GLY G 240 19.02 8.01 25.06
C GLY G 240 17.63 7.96 24.46
N ARG G 241 17.20 6.74 24.14
CA ARG G 241 15.92 6.55 23.47
C ARG G 241 15.18 5.36 24.05
N MET G 242 13.87 5.33 23.83
CA MET G 242 13.04 4.21 24.24
C MET G 242 12.10 3.85 23.09
N ASP G 243 12.09 2.58 22.71
CA ASP G 243 11.23 2.07 21.65
C ASP G 243 10.20 1.12 22.25
N PHE G 244 8.93 1.44 22.08
CA PHE G 244 7.86 0.64 22.67
C PHE G 244 7.27 -0.32 21.66
N PHE G 245 6.59 -1.33 22.17
CA PHE G 245 5.92 -2.33 21.36
C PHE G 245 4.64 -2.74 22.05
N TRP G 246 3.74 -3.34 21.27
CA TRP G 246 2.41 -3.68 21.75
C TRP G 246 1.94 -4.95 21.07
N THR G 247 0.94 -5.59 21.69
CA THR G 247 0.37 -6.80 21.13
C THR G 247 -1.03 -7.03 21.70
N ILE G 248 -1.79 -7.87 20.99
CA ILE G 248 -3.14 -8.24 21.37
C ILE G 248 -3.15 -9.73 21.72
N LEU G 249 -3.78 -10.07 22.84
CA LEU G 249 -3.79 -11.43 23.34
C LEU G 249 -5.19 -12.01 23.22
N LYS G 250 -5.28 -13.22 22.67
CA LYS G 250 -6.55 -13.90 22.51
C LYS G 250 -6.96 -14.60 23.80
N PRO G 251 -8.26 -14.88 23.97
CA PRO G 251 -8.69 -15.65 25.14
C PRO G 251 -8.13 -17.06 25.11
N ASP G 252 -7.89 -17.60 26.32
CA ASP G 252 -7.35 -18.94 26.50
C ASP G 252 -5.97 -19.11 25.86
N ASP G 253 -5.17 -18.05 25.88
CA ASP G 253 -3.83 -18.06 25.32
C ASP G 253 -2.81 -17.83 26.42
N ALA G 254 -1.54 -17.85 26.04
CA ALA G 254 -0.44 -17.64 26.97
C ALA G 254 0.60 -16.74 26.30
N ILE G 255 1.34 -16.00 27.12
CA ILE G 255 2.38 -15.11 26.64
C ILE G 255 3.59 -15.24 27.55
N HIS G 256 4.78 -15.12 26.96
CA HIS G 256 6.02 -15.30 27.71
C HIS G 256 7.00 -14.19 27.33
N PHE G 257 7.75 -13.73 28.32
CA PHE G 257 8.78 -12.73 28.13
C PHE G 257 10.12 -13.26 28.63
N GLU G 258 11.19 -12.84 27.97
CA GLU G 258 12.54 -13.12 28.45
C GLU G 258 13.41 -11.90 28.17
N SER G 259 14.25 -11.55 29.13
CA SER G 259 15.13 -10.40 28.97
C SER G 259 16.42 -10.64 29.74
N ASN G 260 17.54 -10.32 29.09
CA ASN G 260 18.87 -10.47 29.68
C ASN G 260 19.53 -9.13 29.96
N GLY G 261 18.74 -8.08 30.11
CA GLY G 261 19.29 -6.75 30.19
C GLY G 261 18.22 -5.67 30.11
N ASN G 262 18.41 -4.73 29.18
CA ASN G 262 17.48 -3.63 29.00
C ASN G 262 16.06 -4.16 28.85
N PHE G 263 15.12 -3.52 29.54
CA PHE G 263 13.76 -4.02 29.61
C PHE G 263 12.87 -2.95 30.20
N ILE G 264 11.67 -2.82 29.63
CA ILE G 264 10.65 -1.91 30.15
C ILE G 264 9.45 -2.78 30.49
N ALA G 265 9.39 -3.22 31.73
CA ALA G 265 8.36 -4.18 32.12
C ALA G 265 7.01 -3.50 32.24
N PRO G 266 5.93 -4.22 31.95
CA PRO G 266 4.59 -3.67 32.13
C PRO G 266 4.03 -3.95 33.52
N GLU G 267 3.17 -3.03 33.96
CA GLU G 267 2.48 -3.16 35.23
C GLU G 267 0.97 -3.28 35.08
N TYR G 268 0.36 -2.43 34.26
CA TYR G 268 -1.08 -2.46 34.03
C TYR G 268 -1.38 -2.90 32.61
N ALA G 269 -2.40 -3.73 32.46
CA ALA G 269 -2.89 -4.13 31.15
C ALA G 269 -4.23 -3.48 30.88
N TYR G 270 -4.64 -3.50 29.62
CA TYR G 270 -5.92 -2.93 29.22
C TYR G 270 -6.85 -4.04 28.75
N LYS G 271 -8.13 -3.89 29.07
CA LYS G 271 -9.13 -4.90 28.76
C LYS G 271 -10.29 -4.26 28.02
N ILE G 272 -10.74 -4.93 26.96
CA ILE G 272 -11.87 -4.48 26.16
C ILE G 272 -13.12 -5.19 26.62
N VAL G 273 -14.21 -4.43 26.76
CA VAL G 273 -15.48 -5.01 27.20
C VAL G 273 -16.64 -4.67 26.28
N LYS G 274 -16.52 -3.70 25.39
CA LYS G 274 -17.61 -3.33 24.49
C LYS G 274 -17.04 -2.89 23.16
N LYS G 275 -17.83 -3.06 22.11
CA LYS G 275 -17.42 -2.63 20.78
C LYS G 275 -18.59 -1.94 20.09
N GLY G 276 -18.26 -1.10 19.12
CA GLY G 276 -19.25 -0.29 18.43
C GLY G 276 -18.62 0.64 17.41
N ASP G 277 -19.00 1.92 17.43
CA ASP G 277 -18.48 2.90 16.49
C ASP G 277 -17.84 4.06 17.25
N SER G 278 -16.71 4.53 16.72
CA SER G 278 -15.99 5.68 17.27
C SER G 278 -15.30 6.38 16.12
N THR G 279 -14.50 7.41 16.45
CA THR G 279 -13.81 8.19 15.44
C THR G 279 -12.74 9.04 16.11
N ILE G 280 -11.54 9.08 15.52
CA ILE G 280 -10.49 9.99 15.95
C ILE G 280 -10.77 11.36 15.36
N MET G 281 -10.58 12.40 16.16
CA MET G 281 -11.08 13.73 15.83
C MET G 281 -9.97 14.73 16.06
N LYS G 282 -9.94 15.77 15.22
CA LYS G 282 -8.88 16.77 15.29
C LYS G 282 -9.45 18.18 15.20
N SER G 283 -10.50 18.45 15.98
CA SER G 283 -11.17 19.73 15.94
C SER G 283 -10.45 20.73 16.86
N GLY G 284 -11.05 21.90 17.07
CA GLY G 284 -10.41 22.94 17.82
C GLY G 284 -11.30 23.77 18.72
N VAL G 285 -12.48 23.24 19.06
CA VAL G 285 -13.46 24.04 19.79
C VAL G 285 -13.55 23.54 21.23
N GLU G 286 -14.09 24.40 22.10
CA GLU G 286 -14.26 24.05 23.51
C GLU G 286 -15.53 23.21 23.71
N TYR G 287 -15.90 23.00 24.96
CA TYR G 287 -16.99 22.12 25.32
C TYR G 287 -18.19 22.93 25.78
N GLY G 288 -19.39 22.44 25.44
CA GLY G 288 -20.60 23.05 25.89
C GLY G 288 -21.59 21.99 26.36
N HIS G 289 -22.70 22.46 26.92
CA HIS G 289 -23.73 21.56 27.41
C HIS G 289 -24.87 21.54 26.41
N CYS G 290 -25.20 20.34 25.94
CA CYS G 290 -25.98 20.17 24.72
C CYS G 290 -26.54 18.75 24.66
N ASN G 291 -27.11 18.41 23.51
CA ASN G 291 -27.51 17.04 23.19
C ASN G 291 -27.89 17.02 21.71
N THR G 292 -27.05 16.41 20.88
CA THR G 292 -27.25 16.45 19.43
C THR G 292 -27.27 15.03 18.91
N LYS G 293 -27.20 14.91 17.58
CA LYS G 293 -27.19 13.60 16.93
C LYS G 293 -26.01 13.41 16.00
N CYS G 294 -25.42 14.47 15.48
CA CYS G 294 -24.27 14.38 14.58
C CYS G 294 -23.19 15.36 15.04
N GLN G 295 -22.00 15.23 14.46
CA GLN G 295 -20.91 16.11 14.83
C GLN G 295 -19.95 16.28 13.67
N THR G 296 -19.36 17.47 13.60
CA THR G 296 -18.39 17.88 12.59
C THR G 296 -17.27 18.63 13.29
N PRO G 297 -16.09 18.74 12.66
CA PRO G 297 -14.95 19.41 13.32
C PRO G 297 -15.14 20.89 13.58
N VAL G 298 -16.28 21.49 13.27
CA VAL G 298 -16.46 22.91 13.50
C VAL G 298 -17.65 23.13 14.44
N GLY G 299 -18.60 22.21 14.41
CA GLY G 299 -19.77 22.37 15.26
C GLY G 299 -20.74 21.23 15.07
N ALA G 300 -21.90 21.36 15.72
CA ALA G 300 -22.94 20.36 15.66
C ALA G 300 -23.97 20.72 14.58
N ILE G 301 -24.90 19.79 14.36
CA ILE G 301 -25.94 19.95 13.35
C ILE G 301 -27.29 19.67 14.01
N ASN G 302 -28.26 20.53 13.73
CA ASN G 302 -29.62 20.37 14.24
C ASN G 302 -30.63 20.61 13.12
N SER G 303 -30.36 20.07 11.93
CA SER G 303 -31.19 20.33 10.75
C SER G 303 -31.65 19.00 10.16
N SER G 304 -32.45 19.09 9.10
CA SER G 304 -33.00 17.92 8.44
C SER G 304 -32.71 17.87 6.94
N MET G 305 -32.01 18.85 6.39
CA MET G 305 -31.69 18.84 4.97
C MET G 305 -30.71 17.70 4.67
N PRO G 306 -30.81 17.09 3.49
CA PRO G 306 -29.94 15.95 3.16
C PRO G 306 -28.58 16.33 2.59
N PHE G 307 -28.23 17.61 2.54
CA PHE G 307 -26.95 18.02 1.99
C PHE G 307 -26.34 19.11 2.84
N HIS G 308 -25.01 19.12 2.90
CA HIS G 308 -24.27 20.13 3.65
C HIS G 308 -22.87 20.22 3.04
N ASN G 309 -22.19 21.32 3.37
CA ASN G 309 -20.84 21.53 2.84
C ASN G 309 -19.90 22.10 3.88
N ILE G 310 -20.11 21.77 5.16
CA ILE G 310 -19.24 22.28 6.21
C ILE G 310 -17.90 21.55 6.21
N HIS G 311 -17.94 20.22 6.22
CA HIS G 311 -16.73 19.42 6.23
C HIS G 311 -17.07 17.99 5.88
N PRO G 312 -16.26 17.31 5.07
CA PRO G 312 -16.61 15.93 4.68
C PRO G 312 -16.43 14.91 5.79
N LEU G 313 -15.65 15.22 6.84
CA LEU G 313 -15.33 14.24 7.88
C LEU G 313 -16.30 14.41 9.04
N THR G 314 -17.47 13.80 8.91
CA THR G 314 -18.51 13.86 9.91
C THR G 314 -18.53 12.59 10.76
N ILE G 315 -19.25 12.65 11.87
CA ILE G 315 -19.51 11.47 12.70
C ILE G 315 -20.97 11.46 13.11
N GLY G 316 -21.62 10.32 12.96
CA GLY G 316 -23.03 10.18 13.26
C GLY G 316 -23.84 10.03 11.99
N GLU G 317 -25.16 10.06 12.16
CA GLU G 317 -26.08 9.94 11.04
C GLU G 317 -26.28 11.28 10.35
N CYS G 318 -25.18 11.92 9.96
CA CYS G 318 -25.24 13.21 9.33
C CYS G 318 -25.68 13.08 7.87
N PRO G 319 -26.24 14.14 7.30
CA PRO G 319 -26.57 14.12 5.87
C PRO G 319 -25.31 14.06 5.01
N LYS G 320 -25.53 13.89 3.71
CA LYS G 320 -24.44 13.73 2.78
C LYS G 320 -23.66 15.03 2.60
N TYR G 321 -22.47 14.91 2.02
CA TYR G 321 -21.56 16.04 1.84
C TYR G 321 -21.29 16.27 0.37
N VAL G 322 -21.29 17.54 -0.04
CA VAL G 322 -20.94 17.95 -1.39
C VAL G 322 -19.89 19.05 -1.29
N LYS G 323 -19.51 19.59 -2.44
CA LYS G 323 -18.46 20.61 -2.52
C LYS G 323 -18.91 21.76 -3.39
N SER G 324 -20.12 22.26 -3.17
CA SER G 324 -20.66 23.36 -3.95
C SER G 324 -21.12 24.49 -3.04
N ASN G 325 -21.80 25.49 -3.61
CA ASN G 325 -22.23 26.66 -2.85
C ASN G 325 -23.70 27.01 -3.04
N LYS G 326 -24.36 26.53 -4.08
CA LYS G 326 -25.77 26.87 -4.31
C LYS G 326 -26.48 25.67 -4.90
N LEU G 327 -27.54 25.22 -4.23
CA LEU G 327 -28.34 24.09 -4.70
C LEU G 327 -29.79 24.36 -4.35
N VAL G 328 -30.63 24.52 -5.37
CA VAL G 328 -32.04 24.85 -5.20
C VAL G 328 -32.88 23.85 -5.99
N LEU G 329 -33.89 23.29 -5.34
CA LEU G 329 -34.83 22.36 -5.96
C LEU G 329 -36.22 22.96 -6.02
N ALA G 330 -36.30 24.22 -6.42
CA ALA G 330 -37.54 24.97 -6.33
C ALA G 330 -38.59 24.44 -7.31
N THR G 331 -39.85 24.77 -7.01
CA THR G 331 -40.98 24.49 -7.87
C THR G 331 -41.72 25.80 -8.14
N GLY G 332 -42.71 25.75 -9.01
CA GLY G 332 -43.55 26.89 -9.30
C GLY G 332 -43.38 27.39 -10.73
N LEU G 333 -44.08 28.48 -11.01
CA LEU G 333 -44.09 29.08 -12.34
C LEU G 333 -42.90 30.01 -12.50
N ARG G 334 -42.92 30.81 -13.56
CA ARG G 334 -41.87 31.78 -13.87
C ARG G 334 -40.53 31.10 -14.12
N ILE H 19 -46.69 34.62 -49.66
CA ILE H 19 -45.67 34.63 -48.61
C ILE H 19 -45.23 33.21 -48.30
N CYS H 20 -43.95 32.93 -48.51
CA CYS H 20 -43.38 31.60 -48.30
C CYS H 20 -42.05 31.78 -47.56
N ILE H 21 -42.06 31.54 -46.25
CA ILE H 21 -40.85 31.57 -45.42
C ILE H 21 -40.87 30.33 -44.53
N GLY H 22 -39.75 29.61 -44.51
CA GLY H 22 -39.63 28.39 -43.72
C GLY H 22 -38.23 28.17 -43.24
N TYR H 23 -37.81 26.90 -43.20
CA TYR H 23 -36.49 26.56 -42.70
C TYR H 23 -35.41 27.07 -43.64
N HIS H 24 -34.30 27.53 -43.06
CA HIS H 24 -33.19 28.08 -43.82
C HIS H 24 -32.33 26.93 -44.35
N ALA H 25 -32.80 26.31 -45.43
CA ALA H 25 -32.05 25.23 -46.05
C ALA H 25 -30.74 25.76 -46.61
N ASN H 26 -29.67 24.98 -46.44
CA ASN H 26 -28.34 25.39 -46.87
C ASN H 26 -27.56 24.15 -47.30
N ASN H 27 -26.25 24.29 -47.41
CA ASN H 27 -25.37 23.22 -47.85
C ASN H 27 -24.42 22.83 -46.73
N SER H 28 -24.05 21.55 -46.70
CA SER H 28 -23.18 21.01 -45.67
C SER H 28 -22.23 20.00 -46.30
N THR H 29 -21.26 19.54 -45.52
CA THR H 29 -20.27 18.58 -46.01
C THR H 29 -20.13 17.35 -45.13
N GLU H 30 -20.24 17.49 -43.82
CA GLU H 30 -19.92 16.41 -42.89
C GLU H 30 -21.09 16.18 -41.94
N GLN H 31 -21.18 14.97 -41.41
CA GLN H 31 -22.29 14.53 -40.57
C GLN H 31 -21.87 14.49 -39.11
N VAL H 32 -22.82 14.10 -38.25
CA VAL H 32 -22.62 14.03 -36.81
C VAL H 32 -23.41 12.85 -36.27
N ASP H 33 -23.15 12.50 -35.01
CA ASP H 33 -23.82 11.41 -34.32
C ASP H 33 -24.71 11.95 -33.21
N THR H 34 -25.61 11.10 -32.73
CA THR H 34 -26.56 11.48 -31.68
C THR H 34 -27.01 10.21 -30.98
N ILE H 35 -28.02 10.35 -30.11
CA ILE H 35 -28.53 9.20 -29.36
C ILE H 35 -29.29 8.25 -30.28
N MET H 36 -30.15 8.79 -31.15
CA MET H 36 -31.03 7.98 -31.98
C MET H 36 -30.48 7.73 -33.37
N GLU H 37 -29.27 8.18 -33.67
CA GLU H 37 -28.69 8.00 -35.00
C GLU H 37 -27.18 8.08 -34.89
N LYS H 38 -26.50 7.66 -35.97
CA LYS H 38 -25.05 7.64 -36.00
C LYS H 38 -24.44 8.55 -37.05
N ASN H 39 -25.20 9.01 -38.04
CA ASN H 39 -24.66 9.85 -39.10
C ASN H 39 -25.75 10.82 -39.52
N VAL H 40 -25.67 12.06 -39.03
CA VAL H 40 -26.64 13.11 -39.35
C VAL H 40 -25.85 14.33 -39.82
N THR H 41 -26.14 14.81 -41.03
CA THR H 41 -25.40 15.92 -41.61
C THR H 41 -25.67 17.22 -40.86
N VAL H 42 -24.67 18.08 -40.82
CA VAL H 42 -24.73 19.34 -40.10
C VAL H 42 -24.05 20.43 -40.93
N THR H 43 -24.68 21.61 -40.98
CA THR H 43 -24.15 22.72 -41.77
C THR H 43 -22.94 23.37 -41.12
N HIS H 44 -22.84 23.35 -39.80
CA HIS H 44 -21.73 23.97 -39.07
C HIS H 44 -21.14 22.91 -38.14
N ALA H 45 -20.19 22.14 -38.65
CA ALA H 45 -19.61 21.01 -37.90
C ALA H 45 -18.45 21.52 -37.05
N GLN H 46 -18.79 22.02 -35.86
CA GLN H 46 -17.77 22.44 -34.91
C GLN H 46 -17.03 21.24 -34.37
N ASP H 47 -15.70 21.38 -34.23
CA ASP H 47 -14.85 20.28 -33.79
C ASP H 47 -14.17 20.64 -32.47
N ILE H 48 -13.82 19.61 -31.70
CA ILE H 48 -13.22 19.82 -30.40
C ILE H 48 -11.91 19.04 -30.27
N LEU H 49 -11.94 17.74 -30.56
CA LEU H 49 -10.79 16.90 -30.31
C LEU H 49 -9.58 17.35 -31.14
N GLU H 50 -8.40 17.30 -30.52
CA GLU H 50 -7.16 17.63 -31.17
C GLU H 50 -6.36 16.36 -31.43
N LYS H 51 -5.80 16.25 -32.64
CA LYS H 51 -5.11 15.03 -33.05
C LYS H 51 -3.70 15.27 -33.59
N THR H 52 -3.25 16.51 -33.71
CA THR H 52 -1.97 16.82 -34.34
C THR H 52 -0.98 17.35 -33.31
N HIS H 53 0.24 16.81 -33.35
CA HIS H 53 1.30 17.25 -32.47
C HIS H 53 2.58 17.43 -33.28
N ASN H 54 3.42 18.36 -32.84
CA ASN H 54 4.67 18.64 -33.55
C ASN H 54 5.60 17.43 -33.54
N GLY H 55 5.71 16.77 -32.39
CA GLY H 55 6.55 15.59 -32.28
C GLY H 55 8.01 15.84 -31.99
N LYS H 56 8.35 17.01 -31.46
CA LYS H 56 9.72 17.32 -31.08
C LYS H 56 9.75 17.90 -29.67
N LEU H 57 10.68 17.39 -28.86
CA LEU H 57 10.89 17.96 -27.53
C LEU H 57 11.39 19.39 -27.69
N CYS H 58 10.90 20.29 -26.83
CA CYS H 58 11.21 21.70 -27.03
C CYS H 58 11.11 22.43 -25.70
N ASP H 59 11.65 23.63 -25.69
CA ASP H 59 11.79 24.41 -24.46
C ASP H 59 10.42 24.80 -23.92
N LEU H 60 10.33 24.92 -22.61
CA LEU H 60 9.11 25.29 -21.92
C LEU H 60 9.34 26.60 -21.18
N ASN H 61 8.48 27.59 -21.43
CA ASN H 61 8.53 28.89 -20.76
C ASN H 61 9.87 29.59 -20.96
N GLY H 62 10.60 29.23 -22.02
CA GLY H 62 11.86 29.84 -22.31
C GLY H 62 13.05 29.33 -21.53
N VAL H 63 12.85 28.33 -20.66
CA VAL H 63 13.94 27.72 -19.89
C VAL H 63 14.14 26.30 -20.39
N LYS H 64 15.38 25.95 -20.69
CA LYS H 64 15.66 24.67 -21.33
C LYS H 64 15.44 23.52 -20.36
N PRO H 65 14.63 22.53 -20.72
CA PRO H 65 14.49 21.34 -19.88
C PRO H 65 15.75 20.49 -19.91
N LEU H 66 15.92 19.70 -18.86
CA LEU H 66 17.07 18.82 -18.74
C LEU H 66 16.77 17.49 -19.42
N ILE H 67 17.64 17.08 -20.33
CA ILE H 67 17.50 15.82 -21.05
C ILE H 67 18.77 15.01 -20.88
N LEU H 68 18.62 13.71 -20.66
CA LEU H 68 19.74 12.80 -20.52
C LEU H 68 19.72 11.80 -21.68
N LYS H 69 20.88 11.57 -22.27
CA LYS H 69 20.96 10.70 -23.45
C LYS H 69 20.90 9.23 -23.06
N ASP H 70 21.89 8.76 -22.29
CA ASP H 70 21.97 7.36 -21.90
C ASP H 70 22.08 7.13 -20.41
N CYS H 71 22.48 8.13 -19.63
CA CYS H 71 22.64 7.93 -18.20
C CYS H 71 21.28 7.82 -17.52
N SER H 72 21.22 6.97 -16.50
CA SER H 72 20.02 6.88 -15.67
C SER H 72 20.09 7.94 -14.57
N VAL H 73 19.03 8.02 -13.76
CA VAL H 73 19.01 8.98 -12.67
C VAL H 73 20.10 8.66 -11.66
N ALA H 74 20.25 7.37 -11.33
CA ALA H 74 21.30 6.97 -10.40
C ALA H 74 22.68 7.31 -10.96
N GLY H 75 22.89 7.10 -12.26
CA GLY H 75 24.15 7.46 -12.87
C GLY H 75 24.44 8.95 -12.79
N TRP H 76 23.41 9.77 -13.01
CA TRP H 76 23.60 11.21 -12.93
C TRP H 76 23.94 11.64 -11.51
N LEU H 77 23.14 11.21 -10.53
CA LEU H 77 23.35 11.67 -9.17
C LEU H 77 24.67 11.20 -8.61
N LEU H 78 25.06 9.97 -8.92
CA LEU H 78 26.27 9.38 -8.36
C LEU H 78 27.51 9.72 -9.18
N GLY H 79 27.39 10.55 -10.20
CA GLY H 79 28.53 10.94 -11.00
C GLY H 79 29.10 9.78 -11.80
N ASN H 80 28.35 9.31 -12.78
CA ASN H 80 28.81 8.21 -13.62
C ASN H 80 30.06 8.63 -14.39
N PRO H 81 31.06 7.76 -14.49
CA PRO H 81 32.28 8.13 -15.23
C PRO H 81 32.02 8.50 -16.68
N MET H 82 31.02 7.90 -17.30
CA MET H 82 30.70 8.17 -18.70
C MET H 82 29.66 9.26 -18.87
N CYS H 83 29.24 9.91 -17.79
CA CYS H 83 28.23 10.95 -17.83
C CYS H 83 28.78 12.29 -17.36
N ASP H 84 29.98 12.63 -17.85
CA ASP H 84 30.62 13.89 -17.46
C ASP H 84 29.89 15.11 -18.00
N GLU H 85 28.93 14.93 -18.90
CA GLU H 85 28.23 16.07 -19.49
C GLU H 85 27.48 16.88 -18.45
N PHE H 86 27.09 16.26 -17.34
CA PHE H 86 26.24 16.90 -16.35
C PHE H 86 26.92 16.96 -14.98
N ILE H 87 28.19 17.37 -14.96
CA ILE H 87 28.85 17.61 -13.69
C ILE H 87 28.19 18.78 -12.97
N ARG H 88 27.79 19.81 -13.70
CA ARG H 88 27.03 20.93 -13.18
C ARG H 88 25.86 21.19 -14.11
N VAL H 89 24.77 21.71 -13.55
CA VAL H 89 23.54 21.85 -14.32
C VAL H 89 22.73 23.06 -13.84
N PRO H 90 22.22 23.87 -14.75
CA PRO H 90 21.41 25.03 -14.34
C PRO H 90 19.96 24.67 -14.10
N GLU H 91 19.12 25.69 -13.89
CA GLU H 91 17.70 25.48 -13.68
C GLU H 91 17.07 24.84 -14.91
N TRP H 92 16.00 24.08 -14.68
CA TRP H 92 15.28 23.38 -15.73
C TRP H 92 13.79 23.49 -15.46
N SER H 93 13.00 22.68 -16.18
CA SER H 93 11.58 22.62 -15.93
C SER H 93 11.10 21.18 -15.71
N TYR H 94 11.72 20.22 -16.39
CA TYR H 94 11.35 18.82 -16.21
C TYR H 94 12.52 17.94 -16.62
N ILE H 95 12.36 16.64 -16.40
CA ILE H 95 13.41 15.66 -16.63
C ILE H 95 12.92 14.65 -17.66
N VAL H 96 13.77 14.34 -18.64
CA VAL H 96 13.51 13.33 -19.65
C VAL H 96 14.57 12.26 -19.54
N GLU H 97 14.14 11.00 -19.38
CA GLU H 97 15.04 9.88 -19.21
C GLU H 97 14.69 8.79 -20.22
N ARG H 98 15.71 8.30 -20.94
CA ARG H 98 15.49 7.24 -21.91
C ARG H 98 15.11 5.95 -21.20
N ALA H 99 14.15 5.23 -21.77
CA ALA H 99 13.73 3.96 -21.21
C ALA H 99 14.84 2.92 -21.32
N ASN H 100 14.86 2.00 -20.35
CA ASN H 100 15.88 0.98 -20.16
C ASN H 100 17.27 1.48 -20.55
N PRO H 101 17.78 2.49 -19.85
CA PRO H 101 19.06 3.09 -20.26
C PRO H 101 20.20 2.08 -20.20
N ALA H 102 21.10 2.16 -21.18
CA ALA H 102 22.27 1.29 -21.18
C ALA H 102 23.30 1.77 -20.18
N ASN H 103 23.44 3.08 -20.00
CA ASN H 103 24.41 3.64 -19.06
C ASN H 103 23.82 3.74 -17.66
N ASP H 104 23.47 2.58 -17.12
CA ASP H 104 23.03 2.46 -15.74
C ASP H 104 24.26 2.32 -14.85
N LEU H 105 24.05 1.93 -13.59
CA LEU H 105 25.16 1.67 -12.69
C LEU H 105 26.06 0.60 -13.28
N CYS H 106 27.27 0.98 -13.68
CA CYS H 106 28.20 0.00 -14.24
C CYS H 106 28.56 -1.06 -13.20
N PHE H 107 28.78 -0.64 -11.96
CA PHE H 107 28.96 -1.60 -10.89
C PHE H 107 27.60 -2.21 -10.53
N PRO H 108 27.53 -3.51 -10.37
CA PRO H 108 26.24 -4.20 -10.16
C PRO H 108 25.65 -4.00 -8.76
N GLY H 109 25.56 -2.74 -8.33
CA GLY H 109 24.99 -2.40 -7.04
C GLY H 109 23.48 -2.28 -7.10
N SER H 110 22.92 -1.80 -5.99
CA SER H 110 21.48 -1.59 -5.91
C SER H 110 21.21 -0.58 -4.79
N LEU H 111 20.74 0.61 -5.17
CA LEU H 111 20.42 1.64 -4.19
C LEU H 111 19.00 1.41 -3.67
N ASN H 112 18.86 1.39 -2.35
CA ASN H 112 17.58 1.09 -1.73
C ASN H 112 16.55 2.18 -2.01
N ASP H 113 15.28 1.79 -1.93
CA ASP H 113 14.13 2.70 -2.10
C ASP H 113 14.35 3.71 -3.22
N TYR H 114 14.71 3.18 -4.39
CA TYR H 114 14.93 4.03 -5.55
C TYR H 114 13.66 4.79 -5.93
N GLU H 115 12.52 4.11 -5.86
CA GLU H 115 11.26 4.75 -6.24
C GLU H 115 10.96 5.95 -5.35
N GLU H 116 11.29 5.86 -4.07
CA GLU H 116 11.05 6.97 -3.16
C GLU H 116 11.86 8.20 -3.58
N LEU H 117 13.14 8.00 -3.90
CA LEU H 117 13.96 9.11 -4.34
C LEU H 117 13.45 9.70 -5.65
N LYS H 118 13.04 8.84 -6.58
CA LYS H 118 12.51 9.33 -7.85
C LYS H 118 11.25 10.16 -7.63
N HIS H 119 10.38 9.73 -6.71
CA HIS H 119 9.20 10.51 -6.39
C HIS H 119 9.57 11.83 -5.73
N MET H 120 10.60 11.82 -4.87
CA MET H 120 11.04 13.04 -4.23
C MET H 120 11.52 14.05 -5.25
N LEU H 121 12.25 13.58 -6.27
CA LEU H 121 12.79 14.48 -7.29
C LEU H 121 11.73 15.15 -8.14
N SER H 122 10.45 14.96 -7.86
CA SER H 122 9.38 15.56 -8.65
C SER H 122 8.92 16.90 -8.11
N ARG H 123 9.67 17.49 -7.19
CA ARG H 123 9.27 18.79 -6.62
C ARG H 123 10.43 19.75 -6.48
N ILE H 124 11.55 19.52 -7.15
CA ILE H 124 12.75 20.34 -7.01
C ILE H 124 13.08 20.95 -8.37
N ASN H 125 13.35 22.24 -8.38
CA ASN H 125 13.63 22.96 -9.61
C ASN H 125 15.07 23.44 -9.73
N HIS H 126 15.88 23.25 -8.69
CA HIS H 126 17.28 23.69 -8.76
C HIS H 126 18.11 22.90 -7.77
N PHE H 127 19.41 22.90 -7.99
CA PHE H 127 20.35 22.18 -7.14
C PHE H 127 21.60 23.02 -6.97
N GLU H 128 22.38 22.68 -5.95
CA GLU H 128 23.70 23.29 -5.79
C GLU H 128 24.62 22.31 -5.10
N LYS H 129 25.73 21.99 -5.74
CA LYS H 129 26.71 21.11 -5.12
C LYS H 129 27.52 21.87 -4.09
N ILE H 130 27.70 21.26 -2.93
CA ILE H 130 28.46 21.85 -1.83
C ILE H 130 29.54 20.87 -1.43
N GLN H 131 30.79 21.32 -1.43
CA GLN H 131 31.92 20.49 -1.01
C GLN H 131 31.96 20.53 0.52
N ILE H 132 31.13 19.67 1.12
CA ILE H 132 31.02 19.66 2.57
C ILE H 132 32.27 19.06 3.21
N ILE H 133 32.83 18.02 2.60
CA ILE H 133 33.98 17.33 3.18
C ILE H 133 35.15 17.37 2.20
N PRO H 134 36.12 18.27 2.37
CA PRO H 134 37.22 18.37 1.41
C PRO H 134 38.04 17.10 1.39
N LYS H 135 38.66 16.85 0.22
CA LYS H 135 39.43 15.63 0.04
C LYS H 135 40.57 15.50 1.05
N SER H 136 41.12 16.63 1.49
CA SER H 136 42.22 16.61 2.46
C SER H 136 41.77 16.23 3.87
N SER H 137 40.46 16.13 4.10
CA SER H 137 39.96 15.84 5.45
C SER H 137 40.39 14.47 5.95
N TRP H 138 40.79 13.57 5.06
CA TRP H 138 41.18 12.22 5.47
C TRP H 138 42.66 12.23 5.81
N PRO H 139 43.04 12.15 7.08
CA PRO H 139 44.46 12.31 7.44
C PRO H 139 45.34 11.15 7.02
N ASN H 140 44.96 9.93 7.38
CA ASN H 140 45.82 8.77 7.21
C ASN H 140 45.03 7.59 6.67
N HIS H 141 44.21 7.85 5.65
CA HIS H 141 43.47 6.79 4.98
C HIS H 141 43.72 6.87 3.49
N GLU H 142 44.10 5.75 2.89
CA GLU H 142 44.38 5.72 1.47
C GLU H 142 43.10 5.96 0.66
N THR H 143 43.22 6.80 -0.38
CA THR H 143 42.09 7.12 -1.22
C THR H 143 42.37 7.03 -2.71
N SER H 144 43.62 6.77 -3.11
CA SER H 144 43.99 6.78 -4.52
C SER H 144 43.90 5.41 -5.18
N LEU H 145 43.53 4.38 -4.43
CA LEU H 145 43.41 3.03 -4.98
C LEU H 145 41.99 2.63 -5.30
N GLY H 146 41.05 3.58 -5.20
CA GLY H 146 39.66 3.28 -5.50
C GLY H 146 39.33 3.35 -6.97
N VAL H 147 39.77 2.35 -7.73
CA VAL H 147 39.50 2.29 -9.17
C VAL H 147 38.82 0.97 -9.48
N SER H 148 38.08 0.96 -10.60
CA SER H 148 37.36 -0.22 -11.03
C SER H 148 37.50 -0.37 -12.54
N ALA H 149 37.45 -1.63 -12.99
CA ALA H 149 37.47 -1.92 -14.42
C ALA H 149 36.07 -1.98 -15.02
N ALA H 150 35.03 -1.94 -14.20
CA ALA H 150 33.67 -1.99 -14.72
C ALA H 150 33.20 -0.67 -15.30
N CYS H 151 33.88 0.43 -14.97
CA CYS H 151 33.52 1.75 -15.46
C CYS H 151 34.76 2.42 -16.04
N PRO H 152 35.25 1.93 -17.17
CA PRO H 152 36.49 2.48 -17.73
C PRO H 152 36.29 3.89 -18.25
N TYR H 153 37.37 4.68 -18.19
CA TYR H 153 37.40 6.02 -18.75
C TYR H 153 38.61 6.12 -19.67
N GLN H 154 38.35 6.39 -20.95
CA GLN H 154 39.39 6.42 -21.97
C GLN H 154 40.18 5.11 -21.99
N GLY H 155 39.49 4.01 -21.71
CA GLY H 155 40.15 2.72 -21.63
C GLY H 155 40.99 2.51 -20.39
N ALA H 156 40.74 3.24 -19.32
CA ALA H 156 41.51 3.14 -18.10
C ALA H 156 40.59 2.96 -16.91
N PRO H 157 41.05 2.28 -15.86
CA PRO H 157 40.20 2.09 -14.67
C PRO H 157 39.87 3.43 -14.03
N SER H 158 38.68 3.49 -13.44
CA SER H 158 38.19 4.71 -12.81
C SER H 158 37.13 4.33 -11.79
N PHE H 159 36.38 5.33 -11.33
CA PHE H 159 35.34 5.13 -10.32
C PHE H 159 34.38 6.30 -10.38
N PHE H 160 33.44 6.32 -9.44
CA PHE H 160 32.50 7.42 -9.34
C PHE H 160 33.22 8.71 -8.96
N ARG H 161 32.61 9.83 -9.33
CA ARG H 161 33.15 11.16 -9.04
C ARG H 161 32.29 11.92 -8.04
N ASN H 162 31.60 11.19 -7.15
CA ASN H 162 30.83 11.82 -6.09
C ASN H 162 31.03 11.18 -4.73
N VAL H 163 31.70 10.04 -4.61
CA VAL H 163 31.95 9.38 -3.35
C VAL H 163 33.41 8.93 -3.33
N VAL H 164 33.89 8.58 -2.13
CA VAL H 164 35.26 8.12 -1.95
C VAL H 164 35.24 6.76 -1.27
N TRP H 165 35.88 5.78 -1.90
CA TRP H 165 35.98 4.43 -1.34
C TRP H 165 37.26 4.38 -0.52
N LEU H 166 37.14 4.64 0.77
CA LEU H 166 38.30 4.60 1.65
C LEU H 166 38.83 3.18 1.77
N ILE H 167 40.15 3.03 1.61
CA ILE H 167 40.81 1.74 1.72
C ILE H 167 41.96 1.90 2.71
N LYS H 168 42.37 0.78 3.30
CA LYS H 168 43.44 0.79 4.30
C LYS H 168 44.70 1.42 3.74
N LYS H 169 45.44 2.11 4.59
CA LYS H 169 46.70 2.71 4.22
C LYS H 169 47.79 2.21 5.14
N ASN H 170 48.96 1.92 4.57
CA ASN H 170 50.13 1.39 5.27
C ASN H 170 49.74 0.33 6.31
N ASP H 171 48.83 -0.57 5.92
CA ASP H 171 48.30 -1.60 6.81
C ASP H 171 47.69 -1.00 8.07
N ALA H 172 46.82 -0.01 7.87
CA ALA H 172 46.13 0.63 8.98
C ALA H 172 44.75 1.09 8.53
N TYR H 173 43.82 1.14 9.49
CA TYR H 173 42.46 1.62 9.26
C TYR H 173 41.82 1.98 10.59
N PRO H 174 42.13 3.16 11.14
CA PRO H 174 41.50 3.55 12.41
C PRO H 174 40.00 3.76 12.25
N THR H 175 39.29 3.54 13.35
CA THR H 175 37.84 3.68 13.37
C THR H 175 37.41 5.08 12.98
N ILE H 176 36.73 5.21 11.84
CA ILE H 176 36.40 6.53 11.31
C ILE H 176 35.19 7.08 12.04
N LYS H 177 35.31 8.29 12.55
CA LYS H 177 34.23 9.00 13.22
C LYS H 177 34.18 10.42 12.71
N ILE H 178 32.99 10.88 12.31
CA ILE H 178 32.85 12.24 11.79
C ILE H 178 31.49 12.77 12.18
N SER H 179 31.37 14.10 12.18
CA SER H 179 30.13 14.79 12.48
C SER H 179 29.99 15.99 11.55
N TYR H 180 28.77 16.50 11.45
CA TYR H 180 28.53 17.68 10.63
C TYR H 180 27.33 18.44 11.17
N ASN H 181 27.38 19.76 11.05
CA ASN H 181 26.33 20.66 11.51
C ASN H 181 25.80 21.45 10.31
N ASN H 182 24.48 21.53 10.19
CA ASN H 182 23.85 22.23 9.08
C ASN H 182 23.66 23.69 9.46
N THR H 183 24.72 24.48 9.24
CA THR H 183 24.73 25.85 9.72
C THR H 183 23.83 26.76 8.88
N ASN H 184 23.86 26.61 7.56
CA ASN H 184 23.11 27.51 6.69
C ASN H 184 21.62 27.20 6.78
N ARG H 185 20.82 28.00 6.07
CA ARG H 185 19.37 28.00 6.22
C ARG H 185 18.66 27.18 5.15
N GLU H 186 19.27 26.08 4.71
CA GLU H 186 18.67 25.22 3.71
C GLU H 186 18.82 23.76 4.13
N ASP H 187 17.94 22.92 3.61
CA ASP H 187 17.98 21.49 3.88
C ASP H 187 18.93 20.81 2.90
N LEU H 188 19.70 19.85 3.40
CA LEU H 188 20.67 19.15 2.59
C LEU H 188 20.23 17.73 2.32
N LEU H 189 20.83 17.13 1.28
CA LEU H 189 20.57 15.75 0.90
C LEU H 189 21.90 15.01 0.84
N ILE H 190 22.01 13.92 1.60
CA ILE H 190 23.29 13.24 1.74
C ILE H 190 23.14 11.80 1.26
N LEU H 191 24.21 11.30 0.64
CA LEU H 191 24.27 9.92 0.15
C LEU H 191 25.57 9.28 0.61
N TRP H 192 25.50 7.98 0.87
CA TRP H 192 26.71 7.21 1.21
C TRP H 192 26.43 5.75 0.86
N GLY H 193 27.35 4.86 1.26
CA GLY H 193 27.19 3.47 0.89
C GLY H 193 28.03 2.52 1.72
N ILE H 194 27.81 1.23 1.48
CA ILE H 194 28.49 0.14 2.17
C ILE H 194 28.85 -0.92 1.14
N HIS H 195 29.98 -1.59 1.36
CA HIS H 195 30.55 -2.52 0.40
C HIS H 195 30.35 -3.96 0.86
N HIS H 196 29.67 -4.76 0.03
CA HIS H 196 29.54 -6.20 0.25
C HIS H 196 30.69 -6.90 -0.46
N SER H 197 31.64 -7.43 0.31
CA SER H 197 32.77 -8.13 -0.27
C SER H 197 32.33 -9.50 -0.78
N ASN H 198 33.30 -10.30 -1.22
CA ASN H 198 33.02 -11.61 -1.78
C ASN H 198 33.28 -12.74 -0.78
N ASN H 199 34.49 -12.84 -0.26
CA ASN H 199 34.86 -13.90 0.65
C ASN H 199 35.72 -13.33 1.77
N ALA H 200 36.17 -14.21 2.67
CA ALA H 200 36.97 -13.76 3.81
C ALA H 200 38.32 -13.21 3.36
N GLU H 201 38.95 -13.85 2.39
CA GLU H 201 40.28 -13.43 1.97
C GLU H 201 40.26 -12.03 1.38
N GLU H 202 39.28 -11.76 0.52
CA GLU H 202 39.17 -10.42 -0.07
C GLU H 202 38.95 -9.35 0.99
N GLN H 203 38.07 -9.64 1.96
CA GLN H 203 37.79 -8.68 3.02
C GLN H 203 39.04 -8.41 3.85
N THR H 204 39.73 -9.47 4.27
CA THR H 204 40.92 -9.29 5.08
C THR H 204 42.08 -8.71 4.28
N ASN H 205 42.01 -8.76 2.95
CA ASN H 205 43.05 -8.14 2.14
C ASN H 205 42.82 -6.65 2.00
N LEU H 206 41.59 -6.25 1.64
CA LEU H 206 41.31 -4.83 1.47
C LEU H 206 41.21 -4.12 2.81
N TYR H 207 40.55 -4.74 3.79
CA TYR H 207 40.36 -4.15 5.10
C TYR H 207 41.08 -5.00 6.14
N LYS H 208 41.44 -4.38 7.26
CA LYS H 208 42.27 -5.07 8.24
C LYS H 208 41.49 -6.07 9.09
N ASN H 209 40.22 -5.79 9.38
CA ASN H 209 39.51 -6.60 10.36
C ASN H 209 38.20 -7.12 9.81
N PRO H 210 37.78 -8.31 10.25
CA PRO H 210 36.45 -8.82 9.86
C PRO H 210 35.34 -8.17 10.66
N ILE H 211 34.12 -8.70 10.51
CA ILE H 211 32.92 -8.30 11.25
C ILE H 211 32.76 -6.78 11.29
N THR H 212 33.05 -6.12 10.17
CA THR H 212 32.91 -4.69 10.09
C THR H 212 31.45 -4.28 10.27
N TYR H 213 31.24 -3.01 10.60
CA TYR H 213 29.91 -2.48 10.76
C TYR H 213 29.96 -0.96 10.56
N ILE H 214 28.80 -0.39 10.27
CA ILE H 214 28.65 1.05 10.22
C ILE H 214 27.45 1.44 11.08
N SER H 215 27.49 2.67 11.58
CA SER H 215 26.41 3.22 12.39
C SER H 215 26.21 4.68 12.03
N VAL H 216 24.94 5.07 11.95
CA VAL H 216 24.55 6.43 11.58
C VAL H 216 23.75 7.02 12.72
N GLY H 217 24.13 8.23 13.15
CA GLY H 217 23.44 8.86 14.24
C GLY H 217 22.87 10.22 13.88
N THR H 218 21.58 10.41 14.12
CA THR H 218 20.91 11.68 13.88
C THR H 218 19.58 11.67 14.59
N SER H 219 18.92 12.82 14.61
CA SER H 219 17.57 12.89 15.11
C SER H 219 16.62 12.19 14.15
N THR H 220 15.57 11.60 14.71
CA THR H 220 14.43 10.98 14.02
C THR H 220 14.75 9.66 13.33
N LEU H 221 15.99 9.18 13.37
CA LEU H 221 16.27 7.86 12.81
C LEU H 221 17.58 7.33 13.36
N ASN H 222 17.75 6.02 13.22
CA ASN H 222 18.97 5.33 13.61
C ASN H 222 19.27 4.25 12.57
N GLN H 223 20.50 3.77 12.56
CA GLN H 223 20.88 2.74 11.60
C GLN H 223 22.18 2.09 12.05
N ARG H 224 22.19 0.75 12.06
CA ARG H 224 23.37 -0.03 12.38
C ARG H 224 23.40 -1.22 11.43
N LEU H 225 24.45 -1.36 10.64
CA LEU H 225 24.49 -2.36 9.59
C LEU H 225 25.84 -3.05 9.52
N ALA H 226 25.83 -4.24 8.94
CA ALA H 226 27.00 -5.09 8.75
C ALA H 226 26.95 -5.69 7.35
N PRO H 227 28.10 -6.05 6.79
CA PRO H 227 28.13 -6.59 5.43
C PRO H 227 27.71 -8.05 5.37
N LYS H 228 27.36 -8.48 4.16
CA LYS H 228 26.98 -9.86 3.87
C LYS H 228 28.07 -10.49 3.00
N ILE H 229 28.57 -11.64 3.43
CA ILE H 229 29.63 -12.35 2.71
C ILE H 229 29.08 -13.70 2.27
N ALA H 230 29.12 -13.96 0.97
CA ALA H 230 28.65 -15.22 0.40
C ALA H 230 29.18 -15.31 -1.02
N THR H 231 28.74 -16.35 -1.74
CA THR H 231 29.10 -16.54 -3.13
C THR H 231 27.93 -16.21 -4.04
N ARG H 232 28.26 -15.73 -5.23
CA ARG H 232 27.27 -15.34 -6.23
C ARG H 232 27.81 -15.70 -7.61
N SER H 233 27.02 -15.41 -8.63
CA SER H 233 27.41 -15.68 -10.01
C SER H 233 28.32 -14.55 -10.50
N GLN H 234 28.59 -14.54 -11.80
CA GLN H 234 29.43 -13.51 -12.41
C GLN H 234 28.56 -12.60 -13.26
N VAL H 235 28.54 -11.32 -12.93
CA VAL H 235 27.87 -10.30 -13.72
C VAL H 235 28.87 -9.19 -13.97
N ASN H 236 29.17 -8.93 -15.25
CA ASN H 236 30.18 -7.94 -15.65
C ASN H 236 31.54 -8.26 -15.05
N GLY H 237 31.84 -9.54 -14.84
CA GLY H 237 33.12 -9.93 -14.31
C GLY H 237 33.40 -9.44 -12.91
N GLN H 238 32.41 -9.49 -12.02
CA GLN H 238 32.57 -9.04 -10.66
C GLN H 238 31.81 -9.96 -9.72
N ARG H 239 32.25 -9.99 -8.45
CA ARG H 239 31.64 -10.82 -7.44
C ARG H 239 31.44 -10.05 -6.13
N GLY H 240 31.36 -8.73 -6.22
CA GLY H 240 31.10 -7.91 -5.05
C GLY H 240 30.06 -6.86 -5.37
N ARG H 241 29.46 -6.32 -4.31
CA ARG H 241 28.32 -5.43 -4.46
C ARG H 241 28.49 -4.18 -3.60
N MET H 242 27.66 -3.17 -3.89
CA MET H 242 27.61 -1.96 -3.10
C MET H 242 26.15 -1.57 -2.87
N ASP H 243 25.81 -1.25 -1.63
CA ASP H 243 24.47 -0.83 -1.26
C ASP H 243 24.54 0.60 -0.76
N PHE H 244 23.79 1.50 -1.39
CA PHE H 244 23.81 2.90 -1.05
C PHE H 244 22.61 3.28 -0.20
N PHE H 245 22.73 4.41 0.50
CA PHE H 245 21.68 4.93 1.34
C PHE H 245 21.72 6.45 1.27
N TRP H 246 20.61 7.07 1.65
CA TRP H 246 20.46 8.51 1.53
C TRP H 246 19.61 9.03 2.68
N THR H 247 19.71 10.34 2.91
CA THR H 247 18.93 10.96 3.97
C THR H 247 18.81 12.46 3.70
N ILE H 248 17.86 13.08 4.40
CA ILE H 248 17.58 14.51 4.28
C ILE H 248 17.84 15.16 5.64
N LEU H 249 18.52 16.30 5.62
CA LEU H 249 18.92 17.01 6.83
C LEU H 249 18.24 18.37 6.87
N LYS H 250 17.56 18.66 7.98
CA LYS H 250 16.86 19.92 8.18
C LYS H 250 17.82 20.99 8.68
N PRO H 251 17.43 22.27 8.55
CA PRO H 251 18.30 23.35 9.04
C PRO H 251 18.52 23.26 10.55
N ASP H 252 19.72 23.66 10.96
CA ASP H 252 20.15 23.63 12.36
C ASP H 252 20.05 22.23 12.96
N ASP H 253 20.46 21.22 12.20
CA ASP H 253 20.52 19.85 12.69
C ASP H 253 21.98 19.41 12.79
N ALA H 254 22.18 18.13 13.14
CA ALA H 254 23.50 17.56 13.24
C ALA H 254 23.45 16.11 12.84
N ILE H 255 24.49 15.64 12.16
CA ILE H 255 24.56 14.26 11.71
C ILE H 255 25.92 13.69 12.11
N HIS H 256 25.96 12.39 12.37
CA HIS H 256 27.19 11.74 12.79
C HIS H 256 27.34 10.40 12.09
N PHE H 257 28.56 10.10 11.66
CA PHE H 257 28.88 8.83 11.03
C PHE H 257 29.95 8.13 11.85
N GLU H 258 29.78 6.82 12.04
CA GLU H 258 30.82 5.99 12.63
C GLU H 258 30.97 4.74 11.79
N SER H 259 32.22 4.35 11.54
CA SER H 259 32.47 3.16 10.73
C SER H 259 33.73 2.46 11.23
N ASN H 260 33.67 1.13 11.24
CA ASN H 260 34.78 0.29 11.69
C ASN H 260 35.28 -0.63 10.57
N GLY H 261 35.06 -0.24 9.32
CA GLY H 261 35.38 -1.12 8.21
C GLY H 261 34.85 -0.60 6.89
N ASN H 262 34.13 -1.44 6.16
CA ASN H 262 33.62 -1.07 4.85
C ASN H 262 32.80 0.20 4.95
N PHE H 263 33.14 1.18 4.10
CA PHE H 263 32.55 2.51 4.22
C PHE H 263 32.76 3.24 2.91
N ILE H 264 31.67 3.59 2.24
CA ILE H 264 31.72 4.40 1.03
C ILE H 264 31.44 5.83 1.48
N ALA H 265 32.50 6.57 1.76
CA ALA H 265 32.33 7.88 2.37
C ALA H 265 31.85 8.90 1.33
N PRO H 266 31.14 9.94 1.77
CA PRO H 266 30.72 10.99 0.85
C PRO H 266 31.73 12.12 0.76
N GLU H 267 31.79 12.75 -0.41
CA GLU H 267 32.63 13.91 -0.65
C GLU H 267 31.79 15.16 -0.91
N TYR H 268 30.89 15.10 -1.87
CA TYR H 268 30.03 16.23 -2.19
C TYR H 268 28.63 16.01 -1.63
N ALA H 269 27.91 17.12 -1.46
CA ALA H 269 26.53 17.09 -1.00
C ALA H 269 25.69 17.97 -1.90
N TYR H 270 24.37 17.79 -1.83
CA TYR H 270 23.44 18.53 -2.67
C TYR H 270 22.59 19.44 -1.80
N LYS H 271 22.32 20.64 -2.32
CA LYS H 271 21.53 21.64 -1.61
C LYS H 271 20.36 22.07 -2.48
N ILE H 272 19.17 22.09 -1.88
CA ILE H 272 17.96 22.57 -2.52
C ILE H 272 17.85 24.07 -2.29
N VAL H 273 17.56 24.82 -3.35
CA VAL H 273 17.42 26.26 -3.23
C VAL H 273 16.07 26.77 -3.73
N LYS H 274 15.30 25.97 -4.46
CA LYS H 274 14.02 26.42 -4.98
C LYS H 274 13.10 25.22 -5.13
N LYS H 275 11.80 25.46 -5.04
CA LYS H 275 10.80 24.41 -5.20
C LYS H 275 9.69 24.91 -6.11
N GLY H 276 8.98 23.95 -6.70
CA GLY H 276 7.95 24.26 -7.68
C GLY H 276 7.31 23.01 -8.26
N ASP H 277 7.19 22.96 -9.59
CA ASP H 277 6.59 21.82 -10.27
C ASP H 277 7.58 21.21 -11.25
N SER H 278 7.60 19.88 -11.29
CA SER H 278 8.46 19.14 -12.20
C SER H 278 7.73 17.86 -12.60
N THR H 279 8.39 17.05 -13.43
CA THR H 279 7.81 15.81 -13.92
C THR H 279 8.92 14.95 -14.53
N ILE H 280 8.80 13.64 -14.38
CA ILE H 280 9.71 12.67 -15.00
C ILE H 280 9.01 12.10 -16.22
N MET H 281 9.68 12.14 -17.37
CA MET H 281 9.10 11.65 -18.61
C MET H 281 10.05 10.66 -19.27
N LYS H 282 9.53 9.50 -19.66
CA LYS H 282 10.31 8.45 -20.29
C LYS H 282 9.93 8.35 -21.76
N SER H 283 10.83 8.77 -22.64
CA SER H 283 10.62 8.73 -24.08
C SER H 283 11.92 9.14 -24.76
N GLY H 284 11.98 8.89 -26.07
CA GLY H 284 13.13 9.32 -26.84
C GLY H 284 12.76 10.14 -28.06
N VAL H 285 13.12 11.42 -28.02
CA VAL H 285 12.82 12.36 -29.10
C VAL H 285 13.97 13.36 -29.18
N GLU H 286 14.34 13.73 -30.40
CA GLU H 286 15.42 14.70 -30.58
C GLU H 286 15.00 16.08 -30.11
N TYR H 287 15.99 16.91 -29.83
CA TYR H 287 15.75 18.25 -29.32
C TYR H 287 15.47 19.21 -30.47
N GLY H 288 14.60 20.19 -30.19
CA GLY H 288 14.28 21.22 -31.16
C GLY H 288 14.30 22.57 -30.48
N HIS H 289 14.08 23.61 -31.28
CA HIS H 289 14.07 24.97 -30.77
C HIS H 289 12.68 25.54 -30.89
N CYS H 290 12.15 26.01 -29.77
CA CYS H 290 10.70 26.16 -29.63
C CYS H 290 10.32 27.09 -28.48
N ASN H 291 9.01 27.16 -28.20
CA ASN H 291 8.50 27.81 -27.00
C ASN H 291 7.05 27.41 -26.76
N THR H 292 6.81 26.38 -25.96
CA THR H 292 5.45 25.89 -25.77
C THR H 292 4.93 26.29 -24.40
N LYS H 293 3.64 26.02 -24.19
CA LYS H 293 2.99 26.20 -22.89
C LYS H 293 2.55 24.86 -22.32
N CYS H 294 2.94 23.76 -22.96
CA CYS H 294 2.54 22.42 -22.54
C CYS H 294 3.43 21.36 -23.19
N GLN H 295 3.43 20.15 -22.64
CA GLN H 295 4.26 19.10 -23.23
C GLN H 295 3.69 17.73 -22.92
N THR H 296 3.93 16.81 -23.84
CA THR H 296 3.59 15.40 -23.74
C THR H 296 4.79 14.58 -24.16
N PRO H 297 4.88 13.31 -23.74
CA PRO H 297 6.08 12.52 -24.06
C PRO H 297 6.21 12.12 -25.52
N VAL H 298 5.36 12.65 -26.40
CA VAL H 298 5.44 12.32 -27.80
C VAL H 298 5.59 13.59 -28.63
N GLY H 299 5.11 14.71 -28.11
CA GLY H 299 5.22 15.95 -28.85
C GLY H 299 4.71 17.12 -28.05
N ALA H 300 4.66 18.27 -28.72
CA ALA H 300 4.19 19.51 -28.13
C ALA H 300 2.76 19.81 -28.57
N ILE H 301 2.17 20.82 -27.93
CA ILE H 301 0.80 21.22 -28.22
C ILE H 301 0.78 22.73 -28.43
N ASN H 302 0.06 23.17 -29.46
CA ASN H 302 -0.10 24.58 -29.76
C ASN H 302 -1.56 24.87 -30.12
N SER H 303 -2.48 24.30 -29.36
CA SER H 303 -3.91 24.38 -29.66
C SER H 303 -4.66 25.06 -28.51
N SER H 304 -5.98 25.13 -28.64
CA SER H 304 -6.82 25.81 -27.67
C SER H 304 -8.05 25.02 -27.23
N MET H 305 -8.51 24.04 -28.00
CA MET H 305 -9.68 23.29 -27.61
C MET H 305 -9.38 22.42 -26.39
N PRO H 306 -10.38 22.16 -25.54
CA PRO H 306 -10.13 21.55 -24.23
C PRO H 306 -10.08 20.03 -24.20
N PHE H 307 -9.93 19.35 -25.33
CA PHE H 307 -9.88 17.89 -25.31
C PHE H 307 -8.82 17.39 -26.28
N HIS H 308 -8.18 16.28 -25.90
CA HIS H 308 -7.16 15.65 -26.72
C HIS H 308 -7.07 14.19 -26.31
N ASN H 309 -6.42 13.39 -27.16
CA ASN H 309 -6.26 11.97 -26.86
C ASN H 309 -4.89 11.44 -27.22
N ILE H 310 -3.86 12.30 -27.27
CA ILE H 310 -2.53 11.84 -27.63
C ILE H 310 -1.96 10.93 -26.55
N HIS H 311 -2.05 11.36 -25.29
CA HIS H 311 -1.52 10.57 -24.19
C HIS H 311 -2.08 11.09 -22.88
N PRO H 312 -2.46 10.22 -21.95
CA PRO H 312 -3.01 10.70 -20.67
C PRO H 312 -2.02 11.49 -19.81
N LEU H 313 -0.72 11.32 -20.02
CA LEU H 313 0.29 11.97 -19.19
C LEU H 313 0.77 13.25 -19.87
N THR H 314 0.56 14.38 -19.21
CA THR H 314 0.94 15.68 -19.73
C THR H 314 1.68 16.47 -18.64
N ILE H 315 2.34 17.54 -19.06
CA ILE H 315 2.95 18.49 -18.12
C ILE H 315 2.63 19.90 -18.60
N GLY H 316 2.19 20.74 -17.68
CA GLY H 316 1.83 22.11 -18.00
C GLY H 316 0.34 22.37 -17.85
N GLU H 317 -0.18 23.33 -18.61
CA GLU H 317 -1.60 23.67 -18.60
C GLU H 317 -2.35 23.04 -19.77
N CYS H 318 -1.98 21.81 -20.12
CA CYS H 318 -2.57 21.15 -21.28
C CYS H 318 -4.05 20.88 -21.05
N PRO H 319 -4.84 20.81 -22.13
CA PRO H 319 -6.26 20.45 -21.99
C PRO H 319 -6.43 19.03 -21.48
N LYS H 320 -7.67 18.70 -21.16
CA LYS H 320 -7.98 17.41 -20.56
C LYS H 320 -7.82 16.28 -21.56
N TYR H 321 -7.82 15.05 -21.05
CA TYR H 321 -7.57 13.85 -21.84
C TYR H 321 -8.77 12.92 -21.77
N VAL H 322 -9.13 12.35 -22.91
CA VAL H 322 -10.18 11.35 -23.01
C VAL H 322 -9.63 10.15 -23.78
N LYS H 323 -10.49 9.17 -24.03
CA LYS H 323 -10.09 7.93 -24.68
C LYS H 323 -11.06 7.58 -25.81
N SER H 324 -11.39 8.56 -26.65
CA SER H 324 -12.30 8.33 -27.75
C SER H 324 -11.69 8.78 -29.07
N ASN H 325 -12.48 8.78 -30.14
CA ASN H 325 -11.97 9.11 -31.47
C ASN H 325 -12.78 10.14 -32.23
N LYS H 326 -13.99 10.48 -31.79
CA LYS H 326 -14.83 11.41 -32.53
C LYS H 326 -15.70 12.17 -31.54
N LEU H 327 -15.41 13.46 -31.34
CA LEU H 327 -16.19 14.32 -30.47
C LEU H 327 -16.58 15.56 -31.25
N VAL H 328 -17.88 15.79 -31.40
CA VAL H 328 -18.40 16.91 -32.17
C VAL H 328 -19.49 17.59 -31.37
N LEU H 329 -19.41 18.92 -31.29
CA LEU H 329 -20.45 19.71 -30.63
C LEU H 329 -21.05 20.67 -31.64
N ALA H 330 -21.39 20.16 -32.83
CA ALA H 330 -21.82 20.99 -33.92
C ALA H 330 -23.21 21.60 -33.64
N THR H 331 -23.50 22.68 -34.37
CA THR H 331 -24.78 23.36 -34.31
C THR H 331 -25.28 23.62 -35.71
N GLY H 332 -26.58 23.78 -35.86
CA GLY H 332 -27.20 24.10 -37.13
C GLY H 332 -28.40 23.23 -37.42
N LEU H 333 -28.90 23.36 -38.64
CA LEU H 333 -30.09 22.64 -39.07
C LEU H 333 -29.69 21.26 -39.58
N ARG H 334 -30.62 20.58 -40.25
CA ARG H 334 -30.42 19.24 -40.80
C ARG H 334 -30.10 18.22 -39.71
N ILE I 19 -64.43 6.83 -40.31
CA ILE I 19 -63.00 6.68 -40.05
C ILE I 19 -62.75 6.54 -38.55
N CYS I 20 -62.18 5.41 -38.15
CA CYS I 20 -61.90 5.11 -36.75
C CYS I 20 -60.47 4.57 -36.65
N ILE I 21 -59.51 5.47 -36.46
CA ILE I 21 -58.10 5.12 -36.31
C ILE I 21 -57.56 5.87 -35.10
N GLY I 22 -56.88 5.15 -34.22
CA GLY I 22 -56.29 5.75 -33.04
C GLY I 22 -55.24 4.87 -32.43
N TYR I 23 -55.01 5.08 -31.13
CA TYR I 23 -54.03 4.29 -30.41
C TYR I 23 -54.43 2.82 -30.38
N HIS I 24 -53.46 1.95 -30.64
CA HIS I 24 -53.70 0.51 -30.73
C HIS I 24 -53.78 -0.06 -29.32
N ALA I 25 -54.96 0.02 -28.72
CA ALA I 25 -55.18 -0.58 -27.42
C ALA I 25 -55.05 -2.10 -27.51
N ASN I 26 -54.39 -2.68 -26.52
CA ASN I 26 -54.13 -4.11 -26.53
C ASN I 26 -54.16 -4.63 -25.09
N ASN I 27 -53.69 -5.86 -24.90
CA ASN I 27 -53.68 -6.51 -23.60
C ASN I 27 -52.25 -6.61 -23.05
N SER I 28 -52.15 -6.64 -21.73
CA SER I 28 -50.86 -6.69 -21.06
C SER I 28 -51.01 -7.48 -19.76
N THR I 29 -49.88 -7.85 -19.19
CA THR I 29 -49.86 -8.68 -17.98
C THR I 29 -49.17 -8.01 -16.79
N GLU I 30 -47.99 -7.45 -17.00
CA GLU I 30 -47.21 -6.89 -15.90
C GLU I 30 -46.96 -5.39 -16.14
N GLN I 31 -46.14 -4.80 -15.28
CA GLN I 31 -45.92 -3.36 -15.26
C GLN I 31 -44.44 -3.05 -15.46
N VAL I 32 -44.10 -1.76 -15.34
CA VAL I 32 -42.73 -1.29 -15.49
C VAL I 32 -42.62 0.03 -14.76
N ASP I 33 -41.40 0.39 -14.36
CA ASP I 33 -41.14 1.62 -13.63
C ASP I 33 -40.53 2.67 -14.56
N THR I 34 -40.54 3.92 -14.08
CA THR I 34 -40.02 5.05 -14.85
C THR I 34 -39.56 6.12 -13.87
N ILE I 35 -39.24 7.30 -14.41
CA ILE I 35 -38.76 8.39 -13.56
C ILE I 35 -39.88 8.96 -12.70
N MET I 36 -41.04 9.21 -13.30
CA MET I 36 -42.13 9.87 -12.60
C MET I 36 -43.10 8.91 -11.95
N GLU I 37 -42.96 7.60 -12.16
CA GLU I 37 -43.86 6.62 -11.58
C GLU I 37 -43.09 5.37 -11.23
N LYS I 38 -43.71 4.51 -10.42
CA LYS I 38 -43.09 3.28 -9.97
C LYS I 38 -43.75 2.02 -10.51
N ASN I 39 -45.00 2.11 -11.00
CA ASN I 39 -45.70 0.94 -11.50
C ASN I 39 -46.59 1.38 -12.66
N VAL I 40 -46.14 1.10 -13.88
CA VAL I 40 -46.90 1.42 -15.09
C VAL I 40 -46.99 0.16 -15.94
N THR I 41 -48.22 -0.22 -16.31
CA THR I 41 -48.43 -1.44 -17.08
C THR I 41 -47.82 -1.31 -18.47
N VAL I 42 -47.32 -2.44 -18.98
CA VAL I 42 -46.66 -2.48 -20.27
C VAL I 42 -47.00 -3.82 -20.94
N THR I 43 -47.08 -3.79 -22.28
CA THR I 43 -47.45 -4.98 -23.03
C THR I 43 -46.24 -5.80 -23.47
N HIS I 44 -45.20 -5.16 -24.00
CA HIS I 44 -43.99 -5.88 -24.41
C HIS I 44 -42.93 -5.71 -23.32
N ALA I 45 -43.12 -6.45 -22.23
CA ALA I 45 -42.27 -6.33 -21.05
C ALA I 45 -40.97 -7.09 -21.28
N GLN I 46 -40.07 -6.48 -22.03
CA GLN I 46 -38.76 -7.07 -22.26
C GLN I 46 -37.94 -7.05 -20.98
N ASP I 47 -37.23 -8.15 -20.73
CA ASP I 47 -36.38 -8.28 -19.55
C ASP I 47 -34.93 -8.39 -19.97
N ILE I 48 -34.03 -7.89 -19.11
CA ILE I 48 -32.62 -7.81 -19.46
C ILE I 48 -31.76 -8.37 -18.34
N LEU I 49 -32.36 -8.69 -17.20
CA LEU I 49 -31.62 -9.14 -16.03
C LEU I 49 -31.80 -10.64 -15.84
N GLU I 50 -30.69 -11.35 -15.67
CA GLU I 50 -30.71 -12.78 -15.43
C GLU I 50 -30.55 -13.07 -13.94
N LYS I 51 -31.34 -14.01 -13.44
CA LYS I 51 -31.38 -14.29 -12.01
C LYS I 51 -31.14 -15.75 -11.63
N THR I 52 -31.43 -16.70 -12.52
CA THR I 52 -31.39 -18.12 -12.18
C THR I 52 -30.04 -18.73 -12.52
N HIS I 53 -29.56 -19.61 -11.65
CA HIS I 53 -28.30 -20.30 -11.86
C HIS I 53 -28.46 -21.78 -11.53
N ASN I 54 -27.63 -22.61 -12.16
CA ASN I 54 -27.72 -24.05 -11.98
C ASN I 54 -27.19 -24.49 -10.62
N GLY I 55 -26.23 -23.77 -10.06
CA GLY I 55 -25.68 -24.13 -8.77
C GLY I 55 -24.90 -25.43 -8.73
N LYS I 56 -24.03 -25.67 -9.71
CA LYS I 56 -23.17 -26.84 -9.72
C LYS I 56 -21.85 -26.53 -10.40
N LEU I 57 -20.77 -27.08 -9.85
CA LEU I 57 -19.46 -26.96 -10.49
C LEU I 57 -19.36 -27.92 -11.66
N CYS I 58 -18.95 -27.40 -12.82
CA CYS I 58 -18.71 -28.23 -13.99
C CYS I 58 -17.48 -27.73 -14.72
N ASP I 59 -17.16 -28.40 -15.82
CA ASP I 59 -15.95 -28.13 -16.57
C ASP I 59 -16.06 -26.81 -17.34
N LEU I 60 -14.90 -26.28 -17.71
CA LEU I 60 -14.79 -25.04 -18.47
C LEU I 60 -14.13 -25.35 -19.81
N ASN I 61 -14.90 -25.18 -20.89
CA ASN I 61 -14.42 -25.38 -22.26
C ASN I 61 -13.84 -26.77 -22.46
N GLY I 62 -14.38 -27.78 -21.77
CA GLY I 62 -14.00 -29.15 -21.99
C GLY I 62 -12.77 -29.64 -21.25
N VAL I 63 -12.11 -28.79 -20.46
CA VAL I 63 -10.96 -29.20 -19.66
C VAL I 63 -11.34 -29.07 -18.20
N LYS I 64 -11.13 -30.15 -17.45
CA LYS I 64 -11.61 -30.23 -16.08
C LYS I 64 -10.85 -29.26 -15.19
N PRO I 65 -11.54 -28.42 -14.41
CA PRO I 65 -10.85 -27.58 -13.45
C PRO I 65 -10.32 -28.38 -12.27
N LEU I 66 -9.43 -27.75 -11.51
CA LEU I 66 -8.81 -28.38 -10.35
C LEU I 66 -9.56 -27.95 -9.09
N ILE I 67 -9.96 -28.94 -8.29
CA ILE I 67 -10.67 -28.70 -7.04
C ILE I 67 -9.94 -29.43 -5.92
N LEU I 68 -9.89 -28.80 -4.75
CA LEU I 68 -9.28 -29.41 -3.59
C LEU I 68 -10.32 -29.55 -2.49
N LYS I 69 -10.33 -30.72 -1.84
CA LYS I 69 -11.38 -31.00 -0.87
C LYS I 69 -11.07 -30.37 0.49
N ASP I 70 -9.97 -30.79 1.12
CA ASP I 70 -9.64 -30.36 2.48
C ASP I 70 -8.19 -29.94 2.60
N CYS I 71 -7.60 -29.46 1.50
CA CYS I 71 -6.20 -29.06 1.50
C CYS I 71 -6.08 -27.63 0.98
N SER I 72 -5.24 -26.84 1.64
CA SER I 72 -4.98 -25.49 1.18
C SER I 72 -3.92 -25.50 0.08
N VAL I 73 -3.60 -24.31 -0.43
CA VAL I 73 -2.56 -24.20 -1.46
C VAL I 73 -1.22 -24.62 -0.89
N ALA I 74 -0.90 -24.20 0.34
CA ALA I 74 0.35 -24.59 0.95
C ALA I 74 0.45 -26.10 1.13
N GLY I 75 -0.65 -26.73 1.53
CA GLY I 75 -0.65 -28.18 1.65
C GLY I 75 -0.41 -28.89 0.33
N TRP I 76 -1.01 -28.37 -0.74
CA TRP I 76 -0.81 -28.98 -2.05
C TRP I 76 0.63 -28.82 -2.52
N LEU I 77 1.16 -27.60 -2.45
CA LEU I 77 2.50 -27.36 -2.97
C LEU I 77 3.55 -28.16 -2.21
N LEU I 78 3.41 -28.22 -0.88
CA LEU I 78 4.42 -28.88 -0.05
C LEU I 78 4.18 -30.37 0.10
N GLY I 79 3.17 -30.93 -0.56
CA GLY I 79 2.94 -32.35 -0.48
C GLY I 79 2.47 -32.79 0.89
N ASN I 80 1.27 -32.39 1.27
CA ASN I 80 0.72 -32.79 2.56
C ASN I 80 0.59 -34.31 2.62
N PRO I 81 0.93 -34.93 3.75
CA PRO I 81 0.89 -36.40 3.81
C PRO I 81 -0.49 -36.98 3.54
N MET I 82 -1.55 -36.30 3.96
CA MET I 82 -2.91 -36.78 3.78
C MET I 82 -3.57 -36.24 2.53
N CYS I 83 -2.86 -35.47 1.71
CA CYS I 83 -3.39 -34.92 0.47
C CYS I 83 -2.62 -35.44 -0.74
N ASP I 84 -2.27 -36.72 -0.73
CA ASP I 84 -1.50 -37.35 -1.79
C ASP I 84 -2.30 -37.57 -3.05
N GLU I 85 -3.56 -37.11 -3.10
CA GLU I 85 -4.36 -37.29 -4.30
C GLU I 85 -3.78 -36.53 -5.48
N PHE I 86 -3.09 -35.43 -5.23
CA PHE I 86 -2.60 -34.53 -6.28
C PHE I 86 -1.08 -34.50 -6.31
N ILE I 87 -0.44 -35.66 -6.20
CA ILE I 87 1.00 -35.72 -6.36
C ILE I 87 1.41 -35.29 -7.76
N ARG I 88 0.62 -35.67 -8.76
CA ARG I 88 0.79 -35.23 -10.13
C ARG I 88 -0.57 -34.79 -10.67
N VAL I 89 -0.57 -33.75 -11.51
CA VAL I 89 -1.83 -33.16 -11.94
C VAL I 89 -1.71 -32.62 -13.35
N PRO I 90 -2.69 -32.87 -14.22
CA PRO I 90 -2.65 -32.34 -15.58
C PRO I 90 -3.17 -30.91 -15.68
N GLU I 91 -3.32 -30.43 -16.90
CA GLU I 91 -3.75 -29.05 -17.13
C GLU I 91 -5.17 -28.83 -16.60
N TRP I 92 -5.45 -27.59 -16.23
CA TRP I 92 -6.75 -27.22 -15.65
C TRP I 92 -7.16 -25.88 -16.25
N SER I 93 -8.16 -25.27 -15.65
CA SER I 93 -8.58 -23.92 -16.03
C SER I 93 -8.65 -22.97 -14.85
N TYR I 94 -9.05 -23.44 -13.68
CA TYR I 94 -9.08 -22.59 -12.48
C TYR I 94 -8.96 -23.48 -11.25
N ILE I 95 -8.82 -22.83 -10.10
CA ILE I 95 -8.58 -23.51 -8.83
C ILE I 95 -9.74 -23.26 -7.90
N VAL I 96 -10.26 -24.34 -7.30
CA VAL I 96 -11.31 -24.26 -6.29
C VAL I 96 -10.74 -24.78 -4.98
N GLU I 97 -10.85 -23.96 -3.94
CA GLU I 97 -10.27 -24.26 -2.63
C GLU I 97 -11.32 -24.03 -1.56
N ARG I 98 -11.58 -25.05 -0.74
CA ARG I 98 -12.53 -24.90 0.35
C ARG I 98 -11.96 -23.98 1.43
N ALA I 99 -12.85 -23.22 2.05
CA ALA I 99 -12.43 -22.27 3.08
C ALA I 99 -11.94 -23.00 4.32
N ASN I 100 -10.90 -22.45 4.94
CA ASN I 100 -10.26 -22.92 6.18
C ASN I 100 -10.18 -24.44 6.24
N PRO I 101 -9.35 -25.07 5.41
CA PRO I 101 -9.22 -26.53 5.46
C PRO I 101 -8.56 -26.98 6.76
N ALA I 102 -8.90 -28.19 7.17
CA ALA I 102 -8.33 -28.74 8.39
C ALA I 102 -6.89 -29.21 8.22
N ASN I 103 -6.54 -29.69 7.03
CA ASN I 103 -5.22 -30.26 6.79
C ASN I 103 -4.16 -29.21 6.44
N ASP I 104 -4.54 -27.94 6.37
CA ASP I 104 -3.59 -26.89 6.00
C ASP I 104 -2.47 -26.76 7.03
N LEU I 105 -1.25 -27.13 6.63
CA LEU I 105 -0.06 -26.96 7.45
C LEU I 105 -0.24 -27.64 8.81
N CYS I 106 -0.33 -28.96 8.76
CA CYS I 106 -0.46 -29.75 9.98
C CYS I 106 0.65 -29.43 10.96
N PHE I 107 1.85 -29.18 10.47
CA PHE I 107 2.90 -28.64 11.32
C PHE I 107 2.68 -27.14 11.52
N PRO I 108 2.79 -26.64 12.75
CA PRO I 108 2.42 -25.24 13.00
C PRO I 108 3.45 -24.24 12.49
N GLY I 109 3.76 -24.29 11.21
CA GLY I 109 4.72 -23.39 10.60
C GLY I 109 4.05 -22.15 10.04
N SER I 110 4.80 -21.42 9.22
CA SER I 110 4.29 -20.22 8.56
C SER I 110 5.19 -19.89 7.39
N LEU I 111 4.61 -19.83 6.19
CA LEU I 111 5.37 -19.53 4.98
C LEU I 111 5.29 -18.05 4.66
N ASN I 112 6.45 -17.43 4.50
CA ASN I 112 6.51 -15.98 4.28
C ASN I 112 5.90 -15.60 2.94
N ASP I 113 5.26 -14.42 2.92
CA ASP I 113 4.63 -13.88 1.71
C ASP I 113 3.67 -14.88 1.09
N TYR I 114 2.89 -15.55 1.93
CA TYR I 114 1.89 -16.48 1.43
C TYR I 114 0.95 -15.80 0.44
N GLU I 115 0.46 -14.62 0.80
CA GLU I 115 -0.45 -13.89 -0.06
C GLU I 115 0.20 -13.54 -1.39
N GLU I 116 1.46 -13.12 -1.36
CA GLU I 116 2.15 -12.79 -2.60
C GLU I 116 2.28 -14.01 -3.50
N LEU I 117 2.61 -15.16 -2.92
CA LEU I 117 2.68 -16.39 -3.71
C LEU I 117 1.35 -16.74 -4.33
N LYS I 118 0.26 -16.59 -3.56
CA LYS I 118 -1.06 -16.91 -4.10
C LYS I 118 -1.42 -16.01 -5.28
N HIS I 119 -0.78 -14.86 -5.40
CA HIS I 119 -1.04 -13.98 -6.53
C HIS I 119 -0.42 -14.52 -7.81
N MET I 120 0.76 -15.14 -7.71
CA MET I 120 1.45 -15.61 -8.91
C MET I 120 0.68 -16.71 -9.62
N LEU I 121 -0.07 -17.52 -8.87
CA LEU I 121 -0.76 -18.64 -9.48
C LEU I 121 -1.92 -18.22 -10.36
N SER I 122 -2.31 -16.95 -10.35
CA SER I 122 -3.41 -16.49 -11.18
C SER I 122 -3.07 -16.46 -12.67
N ARG I 123 -1.81 -16.62 -13.04
CA ARG I 123 -1.40 -16.54 -14.43
C ARG I 123 -0.73 -17.79 -14.96
N ILE I 124 -0.76 -18.90 -14.21
CA ILE I 124 -0.12 -20.13 -14.61
C ILE I 124 -1.19 -21.17 -14.91
N ASN I 125 -1.03 -21.87 -16.04
CA ASN I 125 -2.01 -22.84 -16.48
C ASN I 125 -1.48 -24.28 -16.51
N HIS I 126 -0.20 -24.49 -16.20
CA HIS I 126 0.33 -25.85 -16.18
C HIS I 126 1.57 -25.88 -15.30
N PHE I 127 1.94 -27.09 -14.90
CA PHE I 127 3.10 -27.32 -14.06
C PHE I 127 3.82 -28.57 -14.52
N GLU I 128 5.06 -28.72 -14.06
CA GLU I 128 5.78 -29.97 -14.27
C GLU I 128 6.83 -30.13 -13.18
N LYS I 129 6.77 -31.24 -12.46
CA LYS I 129 7.78 -31.51 -11.44
C LYS I 129 9.08 -31.97 -12.08
N ILE I 130 10.19 -31.45 -11.57
CA ILE I 130 11.51 -31.80 -12.04
C ILE I 130 12.34 -32.24 -10.85
N GLN I 131 12.92 -33.44 -10.92
CA GLN I 131 13.78 -33.97 -9.87
C GLN I 131 15.16 -33.35 -10.06
N ILE I 132 15.30 -32.12 -9.57
CA ILE I 132 16.56 -31.41 -9.74
C ILE I 132 17.66 -32.00 -8.88
N ILE I 133 17.35 -32.40 -7.66
CA ILE I 133 18.36 -32.92 -6.74
C ILE I 133 17.98 -34.32 -6.28
N PRO I 134 18.56 -35.36 -6.86
CA PRO I 134 18.18 -36.73 -6.47
C PRO I 134 18.56 -37.01 -5.03
N LYS I 135 17.81 -37.96 -4.43
CA LYS I 135 18.03 -38.29 -3.03
C LYS I 135 19.44 -38.80 -2.77
N SER I 136 20.06 -39.43 -3.77
CA SER I 136 21.41 -39.93 -3.60
C SER I 136 22.46 -38.83 -3.60
N SER I 137 22.08 -37.59 -3.91
CA SER I 137 23.06 -36.50 -3.98
C SER I 137 23.70 -36.23 -2.63
N TRP I 138 22.99 -36.53 -1.55
CA TRP I 138 23.52 -36.28 -0.22
C TRP I 138 24.54 -37.34 0.14
N PRO I 139 25.81 -36.99 0.34
CA PRO I 139 26.85 -38.01 0.54
C PRO I 139 26.74 -38.73 1.87
N ASN I 140 26.68 -37.98 2.97
CA ASN I 140 26.73 -38.59 4.29
C ASN I 140 25.72 -38.06 5.28
N HIS I 141 25.05 -36.94 5.01
CA HIS I 141 24.07 -36.43 5.96
C HIS I 141 22.89 -37.38 6.07
N GLU I 142 22.52 -37.71 7.30
CA GLU I 142 21.40 -38.61 7.53
C GLU I 142 20.09 -37.96 7.10
N THR I 143 19.26 -38.74 6.41
CA THR I 143 17.99 -38.22 5.90
C THR I 143 16.79 -39.11 6.21
N SER I 144 16.98 -40.25 6.86
CA SER I 144 15.90 -41.19 7.09
C SER I 144 15.20 -41.00 8.43
N LEU I 145 15.62 -40.03 9.24
CA LEU I 145 15.02 -39.78 10.54
C LEU I 145 14.07 -38.60 10.53
N GLY I 146 13.74 -38.06 9.35
CA GLY I 146 12.85 -36.92 9.28
C GLY I 146 11.39 -37.31 9.31
N VAL I 147 10.89 -37.71 10.49
CA VAL I 147 9.50 -38.08 10.66
C VAL I 147 8.90 -37.25 11.79
N SER I 148 7.58 -37.11 11.75
CA SER I 148 6.86 -36.34 12.75
C SER I 148 5.52 -37.00 13.03
N ALA I 149 5.02 -36.78 14.24
CA ALA I 149 3.70 -37.26 14.63
C ALA I 149 2.60 -36.25 14.38
N ALA I 150 2.96 -35.04 13.93
CA ALA I 150 1.95 -34.02 13.68
C ALA I 150 1.08 -34.37 12.47
N CYS I 151 1.64 -35.06 11.49
CA CYS I 151 0.92 -35.44 10.27
C CYS I 151 1.09 -36.92 10.04
N PRO I 152 0.45 -37.76 10.85
CA PRO I 152 0.63 -39.20 10.71
C PRO I 152 0.01 -39.73 9.44
N TYR I 153 0.60 -40.81 8.93
CA TYR I 153 0.08 -41.51 7.76
C TYR I 153 -0.21 -42.96 8.16
N GLN I 154 -1.47 -43.37 7.99
CA GLN I 154 -1.92 -44.70 8.39
C GLN I 154 -1.60 -44.97 9.86
N GLY I 155 -1.67 -43.92 10.68
CA GLY I 155 -1.33 -44.04 12.08
C GLY I 155 0.14 -44.16 12.37
N ALA I 156 1.00 -43.74 11.46
CA ALA I 156 2.44 -43.83 11.64
C ALA I 156 3.10 -42.49 11.36
N PRO I 157 4.22 -42.20 12.01
CA PRO I 157 4.89 -40.91 11.78
C PRO I 157 5.35 -40.77 10.34
N SER I 158 5.33 -39.54 9.85
CA SER I 158 5.69 -39.24 8.47
C SER I 158 6.11 -37.78 8.39
N PHE I 159 6.21 -37.28 7.15
CA PHE I 159 6.64 -35.90 6.92
C PHE I 159 6.18 -35.51 5.52
N PHE I 160 6.61 -34.34 5.08
CA PHE I 160 6.28 -33.87 3.74
C PHE I 160 6.98 -34.73 2.69
N ARG I 161 6.47 -34.68 1.46
CA ARG I 161 7.01 -35.43 0.34
C ARG I 161 7.54 -34.50 -0.75
N ASN I 162 8.00 -33.31 -0.36
CA ASN I 162 8.62 -32.39 -1.31
C ASN I 162 9.91 -31.76 -0.79
N VAL I 163 10.27 -31.97 0.47
CA VAL I 163 11.49 -31.42 1.05
C VAL I 163 12.14 -32.50 1.89
N VAL I 164 13.41 -32.28 2.23
CA VAL I 164 14.19 -33.22 3.03
C VAL I 164 14.76 -32.48 4.23
N TRP I 165 14.48 -32.98 5.42
CA TRP I 165 15.00 -32.39 6.66
C TRP I 165 16.30 -33.11 6.99
N LEU I 166 17.42 -32.54 6.57
CA LEU I 166 18.72 -33.15 6.83
C LEU I 166 19.03 -33.11 8.32
N ILE I 167 19.48 -34.25 8.86
CA ILE I 167 19.85 -34.37 10.26
C ILE I 167 21.23 -34.98 10.33
N LYS I 168 21.94 -34.69 11.43
CA LYS I 168 23.31 -35.15 11.61
C LYS I 168 23.41 -36.67 11.50
N LYS I 169 24.58 -37.15 11.13
CA LYS I 169 24.87 -38.57 11.10
C LYS I 169 26.22 -38.83 11.76
N ASN I 170 26.24 -39.80 12.67
CA ASN I 170 27.45 -40.17 13.41
C ASN I 170 28.04 -38.97 14.13
N ASP I 171 27.16 -38.10 14.66
CA ASP I 171 27.55 -36.87 15.33
C ASP I 171 28.45 -36.02 14.43
N ALA I 172 27.91 -35.67 13.27
CA ALA I 172 28.64 -34.85 12.32
C ALA I 172 27.66 -34.14 11.41
N TYR I 173 28.08 -32.99 10.90
CA TYR I 173 27.28 -32.19 9.98
C TYR I 173 28.19 -31.25 9.20
N PRO I 174 28.84 -31.72 8.13
CA PRO I 174 29.70 -30.83 7.35
C PRO I 174 28.90 -29.71 6.71
N THR I 175 29.56 -28.56 6.55
CA THR I 175 28.93 -27.38 5.99
C THR I 175 28.42 -27.66 4.59
N ILE I 176 27.11 -27.58 4.40
CA ILE I 176 26.51 -27.94 3.13
C ILE I 176 26.67 -26.78 2.15
N LYS I 177 27.23 -27.08 0.98
CA LYS I 177 27.39 -26.13 -0.11
C LYS I 177 26.85 -26.76 -1.38
N ILE I 178 26.00 -26.03 -2.11
CA ILE I 178 25.46 -26.58 -3.35
C ILE I 178 25.22 -25.43 -4.32
N SER I 179 25.22 -25.76 -5.61
CA SER I 179 24.95 -24.80 -6.67
C SER I 179 24.08 -25.48 -7.72
N TYR I 180 23.44 -24.67 -8.54
CA TYR I 180 22.64 -25.20 -9.63
C TYR I 180 22.59 -24.20 -10.77
N ASN I 181 22.59 -24.71 -12.00
CA ASN I 181 22.51 -23.91 -13.21
C ASN I 181 21.22 -24.24 -13.93
N ASN I 182 20.47 -23.21 -14.33
CA ASN I 182 19.18 -23.40 -15.01
C ASN I 182 19.44 -23.64 -16.48
N THR I 183 19.79 -24.89 -16.80
CA THR I 183 20.07 -25.28 -18.17
C THR I 183 18.83 -25.38 -19.03
N ASN I 184 17.64 -25.28 -18.44
CA ASN I 184 16.41 -25.38 -19.21
C ASN I 184 16.10 -24.06 -19.92
N ARG I 185 15.19 -24.14 -20.90
CA ARG I 185 14.70 -22.98 -21.63
C ARG I 185 13.57 -22.26 -20.92
N GLU I 186 13.33 -22.57 -19.64
CA GLU I 186 12.21 -21.99 -18.93
C GLU I 186 12.63 -21.44 -17.58
N ASP I 187 11.66 -21.04 -16.76
CA ASP I 187 11.89 -20.48 -15.45
C ASP I 187 11.39 -21.45 -14.38
N LEU I 188 12.20 -21.65 -13.35
CA LEU I 188 11.88 -22.61 -12.30
C LEU I 188 11.44 -21.87 -11.03
N LEU I 189 10.74 -22.62 -10.17
CA LEU I 189 10.28 -22.13 -8.89
C LEU I 189 10.86 -23.01 -7.80
N ILE I 190 11.52 -22.40 -6.82
CA ILE I 190 12.22 -23.17 -5.79
C ILE I 190 11.69 -22.80 -4.42
N LEU I 191 11.59 -23.81 -3.55
CA LEU I 191 11.16 -23.61 -2.17
C LEU I 191 12.15 -24.31 -1.24
N TRP I 192 12.32 -23.74 -0.06
CA TRP I 192 13.14 -24.36 0.98
C TRP I 192 12.69 -23.80 2.33
N GLY I 193 13.44 -24.11 3.39
CA GLY I 193 13.01 -23.66 4.70
C GLY I 193 14.10 -23.74 5.75
N ILE I 194 13.76 -23.22 6.93
CA ILE I 194 14.65 -23.16 8.08
C ILE I 194 13.85 -23.56 9.32
N HIS I 195 14.52 -24.23 10.26
CA HIS I 195 13.86 -24.84 11.41
C HIS I 195 14.20 -24.06 12.68
N HIS I 196 13.17 -23.60 13.38
CA HIS I 196 13.31 -22.98 14.69
C HIS I 196 13.12 -24.05 15.76
N SER I 197 14.17 -24.34 16.51
CA SER I 197 14.09 -25.30 17.60
C SER I 197 13.42 -24.62 18.80
N ASN I 198 13.43 -25.30 19.94
CA ASN I 198 12.81 -24.78 21.16
C ASN I 198 13.85 -24.26 22.15
N ASN I 199 14.81 -25.10 22.53
CA ASN I 199 15.81 -24.74 23.52
C ASN I 199 17.19 -25.17 23.03
N ALA I 200 18.20 -24.92 23.85
CA ALA I 200 19.56 -25.26 23.47
C ALA I 200 19.77 -26.77 23.40
N GLU I 201 19.17 -27.51 24.34
CA GLU I 201 19.37 -28.96 24.38
C GLU I 201 18.85 -29.63 23.12
N GLU I 202 17.65 -29.24 22.67
CA GLU I 202 17.11 -29.81 21.44
C GLU I 202 18.00 -29.49 20.25
N GLN I 203 18.48 -28.24 20.15
CA GLN I 203 19.32 -27.85 19.04
C GLN I 203 20.60 -28.66 19.01
N THR I 204 21.26 -28.81 20.16
CA THR I 204 22.51 -29.56 20.18
C THR I 204 22.27 -31.06 20.05
N ASN I 205 21.07 -31.54 20.37
CA ASN I 205 20.77 -32.96 20.17
C ASN I 205 20.55 -33.28 18.70
N LEU I 206 19.81 -32.43 17.98
CA LEU I 206 19.55 -32.70 16.58
C LEU I 206 20.72 -32.28 15.69
N TYR I 207 21.21 -31.06 15.88
CA TYR I 207 22.32 -30.52 15.10
C TYR I 207 23.56 -30.44 15.97
N LYS I 208 24.72 -30.44 15.32
CA LYS I 208 25.97 -30.56 16.04
C LYS I 208 26.38 -29.26 16.72
N ASN I 209 26.12 -28.12 16.10
CA ASN I 209 26.66 -26.87 16.60
C ASN I 209 25.59 -25.82 16.76
N PRO I 210 25.77 -24.90 17.71
CA PRO I 210 24.84 -23.77 17.84
C PRO I 210 25.07 -22.69 16.79
N ILE I 211 24.40 -21.55 16.96
CA ILE I 211 24.53 -20.35 16.14
C ILE I 211 24.53 -20.67 14.65
N THR I 212 23.66 -21.60 14.24
CA THR I 212 23.56 -21.97 12.85
C THR I 212 23.07 -20.79 12.01
N TYR I 213 23.34 -20.86 10.71
CA TYR I 213 22.93 -19.82 9.78
C TYR I 213 22.82 -20.42 8.39
N ILE I 214 22.05 -19.75 7.54
CA ILE I 214 21.94 -20.11 6.14
C ILE I 214 22.12 -18.85 5.30
N SER I 215 22.61 -19.06 4.07
CA SER I 215 22.82 -17.98 3.13
C SER I 215 22.50 -18.47 1.72
N VAL I 216 21.98 -17.54 0.91
CA VAL I 216 21.51 -17.84 -0.44
C VAL I 216 22.09 -16.80 -1.38
N GLY I 217 22.48 -17.24 -2.58
CA GLY I 217 22.94 -16.32 -3.61
C GLY I 217 22.29 -16.59 -4.95
N THR I 218 21.68 -15.58 -5.56
CA THR I 218 20.97 -15.79 -6.81
C THR I 218 21.18 -14.68 -7.83
N SER I 219 22.25 -13.89 -7.68
CA SER I 219 22.60 -12.84 -8.64
C SER I 219 21.53 -11.76 -8.73
N THR I 220 20.49 -11.85 -7.91
CA THR I 220 19.46 -10.81 -7.87
C THR I 220 19.06 -10.41 -6.47
N LEU I 221 19.41 -11.15 -5.43
CA LEU I 221 19.13 -10.78 -4.06
C LEU I 221 20.05 -11.56 -3.15
N ASN I 222 20.03 -11.21 -1.87
CA ASN I 222 20.85 -11.85 -0.86
C ASN I 222 20.00 -12.18 0.36
N GLN I 223 20.53 -13.08 1.18
CA GLN I 223 19.82 -13.51 2.38
C GLN I 223 20.82 -14.10 3.36
N ARG I 224 20.61 -13.80 4.63
CA ARG I 224 21.49 -14.30 5.69
C ARG I 224 20.63 -14.45 6.93
N LEU I 225 20.36 -15.69 7.33
CA LEU I 225 19.39 -15.92 8.39
C LEU I 225 19.92 -16.88 9.44
N ALA I 226 19.38 -16.75 10.65
CA ALA I 226 19.73 -17.55 11.81
C ALA I 226 18.45 -17.90 12.56
N PRO I 227 18.45 -19.00 13.30
CA PRO I 227 17.24 -19.42 14.02
C PRO I 227 16.97 -18.60 15.26
N LYS I 228 15.71 -18.68 15.72
CA LYS I 228 15.24 -18.01 16.93
C LYS I 228 14.94 -19.08 17.97
N ILE I 229 15.66 -19.05 19.08
CA ILE I 229 15.49 -20.03 20.15
C ILE I 229 14.85 -19.33 21.35
N ALA I 230 13.68 -19.79 21.74
CA ALA I 230 12.97 -19.24 22.89
C ALA I 230 11.84 -20.20 23.24
N THR I 231 11.09 -19.87 24.29
CA THR I 231 9.93 -20.65 24.69
C THR I 231 8.67 -20.09 24.06
N ARG I 232 7.69 -20.97 23.86
CA ARG I 232 6.43 -20.59 23.24
C ARG I 232 5.30 -21.38 23.88
N SER I 233 4.11 -21.22 23.33
CA SER I 233 2.94 -21.96 23.79
C SER I 233 2.98 -23.38 23.24
N GLN I 234 1.95 -24.15 23.56
CA GLN I 234 1.80 -25.52 23.05
C GLN I 234 0.62 -25.54 22.10
N VAL I 235 0.90 -25.69 20.80
CA VAL I 235 -0.11 -25.83 19.78
C VAL I 235 0.14 -27.14 19.05
N ASN I 236 -0.88 -27.99 19.01
CA ASN I 236 -0.79 -29.31 18.39
C ASN I 236 0.30 -30.16 19.05
N GLY I 237 0.54 -29.94 20.34
CA GLY I 237 1.54 -30.71 21.06
C GLY I 237 2.94 -30.58 20.52
N GLN I 238 3.36 -29.36 20.18
CA GLN I 238 4.70 -29.15 19.64
C GLN I 238 5.22 -27.80 20.12
N ARG I 239 6.55 -27.68 20.14
CA ARG I 239 7.21 -26.45 20.58
C ARG I 239 8.27 -25.98 19.61
N GLY I 240 8.20 -26.41 18.35
CA GLY I 240 9.13 -26.00 17.32
C GLY I 240 8.39 -25.46 16.11
N ARG I 241 9.14 -24.73 15.27
CA ARG I 241 8.52 -24.04 14.14
C ARG I 241 9.37 -24.23 12.90
N MET I 242 8.76 -23.92 11.75
CA MET I 242 9.44 -23.98 10.46
C MET I 242 9.03 -22.78 9.63
N ASP I 243 10.01 -22.06 9.08
CA ASP I 243 9.77 -20.91 8.23
C ASP I 243 10.26 -21.24 6.84
N PHE I 244 9.36 -21.19 5.86
CA PHE I 244 9.69 -21.53 4.49
C PHE I 244 9.92 -20.26 3.66
N PHE I 245 10.66 -20.43 2.57
CA PHE I 245 10.94 -19.34 1.66
C PHE I 245 10.93 -19.89 0.24
N TRP I 246 10.77 -18.98 -0.72
CA TRP I 246 10.61 -19.36 -2.11
C TRP I 246 11.29 -18.32 -3.00
N THR I 247 11.57 -18.73 -4.24
CA THR I 247 12.17 -17.82 -5.21
C THR I 247 11.90 -18.32 -6.61
N ILE I 248 12.11 -17.42 -7.58
CA ILE I 248 11.92 -17.69 -9.00
C ILE I 248 13.25 -17.54 -9.71
N LEU I 249 13.58 -18.50 -10.56
CA LEU I 249 14.84 -18.52 -11.29
C LEU I 249 14.56 -18.42 -12.77
N LYS I 250 15.25 -17.52 -13.46
CA LYS I 250 15.10 -17.28 -14.88
C LYS I 250 16.11 -18.09 -15.67
N PRO I 251 15.86 -18.30 -16.97
CA PRO I 251 16.80 -19.10 -17.78
C PRO I 251 18.18 -18.48 -17.83
N ASP I 252 19.18 -19.34 -17.92
CA ASP I 252 20.61 -19.01 -17.99
C ASP I 252 21.14 -18.38 -16.72
N ASP I 253 20.47 -18.57 -15.59
CA ASP I 253 20.93 -18.04 -14.32
C ASP I 253 21.58 -19.16 -13.50
N ALA I 254 21.94 -18.85 -12.26
CA ALA I 254 22.55 -19.82 -11.37
C ALA I 254 22.19 -19.47 -9.94
N ILE I 255 22.05 -20.49 -9.10
CA ILE I 255 21.67 -20.31 -7.71
C ILE I 255 22.65 -21.07 -6.84
N HIS I 256 22.89 -20.56 -5.64
CA HIS I 256 23.83 -21.16 -4.71
C HIS I 256 23.26 -21.15 -3.30
N PHE I 257 23.40 -22.28 -2.61
CA PHE I 257 22.96 -22.43 -1.23
C PHE I 257 24.16 -22.76 -0.36
N GLU I 258 24.24 -22.11 0.80
CA GLU I 258 25.21 -22.47 1.83
C GLU I 258 24.50 -22.57 3.16
N SER I 259 24.80 -23.62 3.91
CA SER I 259 24.17 -23.81 5.21
C SER I 259 25.17 -24.43 6.19
N ASN I 260 25.08 -24.00 7.44
CA ASN I 260 25.97 -24.46 8.50
C ASN I 260 25.19 -25.06 9.67
N GLY I 261 23.98 -25.55 9.42
CA GLY I 261 23.14 -26.00 10.50
C GLY I 261 21.72 -26.29 10.05
N ASN I 262 20.74 -25.72 10.74
CA ASN I 262 19.34 -25.94 10.41
C ASN I 262 19.09 -25.61 8.94
N PHE I 263 18.45 -26.55 8.24
CA PHE I 263 18.31 -26.42 6.80
C PHE I 263 17.24 -27.41 6.33
N ILE I 264 16.24 -26.89 5.61
CA ILE I 264 15.24 -27.74 5.00
C ILE I 264 15.52 -27.82 3.50
N ALA I 265 16.26 -28.84 3.10
CA ALA I 265 16.75 -28.89 1.73
C ALA I 265 15.61 -29.23 0.77
N PRO I 266 15.68 -28.74 -0.47
CA PRO I 266 14.68 -29.10 -1.47
C PRO I 266 15.08 -30.34 -2.26
N GLU I 267 14.05 -31.09 -2.67
CA GLU I 267 14.22 -32.26 -3.51
C GLU I 267 13.63 -32.08 -4.90
N TYR I 268 12.36 -31.71 -4.97
CA TYR I 268 11.71 -31.48 -6.25
C TYR I 268 11.56 -29.98 -6.51
N ALA I 269 11.50 -29.64 -7.80
CA ALA I 269 11.28 -28.27 -8.22
C ALA I 269 10.10 -28.24 -9.18
N TYR I 270 9.53 -27.06 -9.37
CA TYR I 270 8.38 -26.88 -10.23
C TYR I 270 8.78 -26.07 -11.45
N LYS I 271 8.21 -26.44 -12.60
CA LYS I 271 8.53 -25.80 -13.87
C LYS I 271 7.26 -25.35 -14.55
N ILE I 272 7.26 -24.11 -15.03
CA ILE I 272 6.17 -23.53 -15.78
C ILE I 272 6.38 -23.84 -17.26
N VAL I 273 5.31 -24.17 -17.97
CA VAL I 273 5.42 -24.51 -19.38
C VAL I 273 4.38 -23.75 -20.19
N LYS I 274 3.39 -23.15 -19.50
CA LYS I 274 2.33 -22.44 -20.19
C LYS I 274 1.80 -21.34 -19.29
N LYS I 275 1.26 -20.29 -19.91
CA LYS I 275 0.66 -19.18 -19.19
C LYS I 275 -0.66 -18.81 -19.86
N GLY I 276 -1.53 -18.17 -19.07
CA GLY I 276 -2.87 -17.85 -19.53
C GLY I 276 -3.69 -17.16 -18.44
N ASP I 277 -4.92 -17.64 -18.23
CA ASP I 277 -5.82 -17.07 -17.24
C ASP I 277 -6.26 -18.12 -16.25
N SER I 278 -6.31 -17.73 -14.97
CA SER I 278 -6.76 -18.61 -13.89
C SER I 278 -7.17 -17.72 -12.72
N THR I 279 -7.75 -18.34 -11.69
CA THR I 279 -8.27 -17.60 -10.56
C THR I 279 -8.55 -18.55 -9.40
N ILE I 280 -8.25 -18.11 -8.18
CA ILE I 280 -8.60 -18.84 -6.98
C ILE I 280 -10.05 -18.56 -6.63
N MET I 281 -10.82 -19.62 -6.36
CA MET I 281 -12.23 -19.46 -6.00
C MET I 281 -12.54 -20.31 -4.79
N LYS I 282 -13.26 -19.74 -3.83
CA LYS I 282 -13.64 -20.41 -2.61
C LYS I 282 -15.15 -20.67 -2.62
N SER I 283 -15.53 -21.91 -2.38
CA SER I 283 -16.94 -22.31 -2.40
C SER I 283 -17.07 -23.67 -1.73
N GLY I 284 -18.25 -24.26 -1.79
CA GLY I 284 -18.50 -25.55 -1.19
C GLY I 284 -19.40 -26.45 -2.01
N VAL I 285 -19.72 -26.04 -3.24
CA VAL I 285 -20.59 -26.84 -4.08
C VAL I 285 -19.81 -28.00 -4.66
N GLU I 286 -20.48 -29.15 -4.81
CA GLU I 286 -19.85 -30.37 -5.28
C GLU I 286 -19.60 -30.28 -6.79
N TYR I 287 -19.05 -31.36 -7.34
CA TYR I 287 -18.71 -31.43 -8.76
C TYR I 287 -19.81 -32.15 -9.53
N GLY I 288 -20.07 -31.66 -10.74
CA GLY I 288 -21.03 -32.28 -11.63
C GLY I 288 -20.56 -32.21 -13.06
N HIS I 289 -21.16 -33.04 -13.91
CA HIS I 289 -20.78 -33.12 -15.31
C HIS I 289 -21.62 -32.17 -16.16
N CYS I 290 -20.93 -31.28 -16.87
CA CYS I 290 -21.55 -30.29 -17.75
C CYS I 290 -20.53 -29.78 -18.77
N ASN I 291 -20.93 -28.82 -19.59
CA ASN I 291 -19.98 -28.13 -20.47
C ASN I 291 -20.44 -26.70 -20.68
N THR I 292 -19.86 -25.76 -19.94
CA THR I 292 -20.33 -24.39 -19.92
C THR I 292 -19.26 -23.42 -20.41
N LYS I 293 -19.55 -22.13 -20.35
CA LYS I 293 -18.64 -21.09 -20.80
C LYS I 293 -18.19 -20.15 -19.71
N CYS I 294 -19.04 -19.88 -18.72
CA CYS I 294 -18.72 -18.98 -17.63
C CYS I 294 -18.87 -19.71 -16.30
N GLN I 295 -18.40 -19.08 -15.23
CA GLN I 295 -18.49 -19.70 -13.92
C GLN I 295 -18.53 -18.64 -12.84
N THR I 296 -19.26 -18.95 -11.78
CA THR I 296 -19.35 -18.16 -10.56
C THR I 296 -19.18 -19.10 -9.38
N PRO I 297 -18.77 -18.57 -8.21
CA PRO I 297 -18.52 -19.46 -7.06
C PRO I 297 -19.78 -20.03 -6.43
N VAL I 298 -20.94 -19.83 -7.06
CA VAL I 298 -22.18 -20.40 -6.53
C VAL I 298 -22.81 -21.32 -7.57
N GLY I 299 -22.58 -21.04 -8.83
CA GLY I 299 -23.15 -21.87 -9.88
C GLY I 299 -22.73 -21.37 -11.25
N ALA I 300 -23.13 -22.14 -12.26
CA ALA I 300 -22.79 -21.84 -13.64
C ALA I 300 -23.84 -20.95 -14.28
N ILE I 301 -23.55 -20.49 -15.50
CA ILE I 301 -24.42 -19.61 -16.25
C ILE I 301 -24.59 -20.16 -17.66
N ASN I 302 -25.81 -20.17 -18.15
CA ASN I 302 -26.13 -20.60 -19.51
C ASN I 302 -27.12 -19.64 -20.16
N SER I 303 -26.89 -18.34 -19.98
CA SER I 303 -27.83 -17.31 -20.44
C SER I 303 -27.12 -16.37 -21.41
N SER I 304 -27.86 -15.36 -21.87
CA SER I 304 -27.35 -14.39 -22.83
C SER I 304 -27.60 -12.94 -22.46
N MET I 305 -28.35 -12.67 -21.39
CA MET I 305 -28.59 -11.30 -20.99
C MET I 305 -27.29 -10.66 -20.47
N PRO I 306 -27.12 -9.36 -20.69
CA PRO I 306 -25.86 -8.70 -20.31
C PRO I 306 -25.78 -8.26 -18.86
N PHE I 307 -26.73 -8.62 -18.00
CA PHE I 307 -26.68 -8.21 -16.61
C PHE I 307 -27.07 -9.36 -15.70
N HIS I 308 -26.46 -9.38 -14.52
CA HIS I 308 -26.75 -10.40 -13.52
C HIS I 308 -26.36 -9.84 -12.16
N ASN I 309 -26.86 -10.50 -11.11
CA ASN I 309 -26.56 -10.05 -9.76
C ASN I 309 -26.28 -11.20 -8.79
N ILE I 310 -25.88 -12.36 -9.29
CA ILE I 310 -25.60 -13.50 -8.42
C ILE I 310 -24.38 -13.21 -7.55
N HIS I 311 -23.30 -12.76 -8.16
CA HIS I 311 -22.08 -12.48 -7.43
C HIS I 311 -21.14 -11.64 -8.28
N PRO I 312 -20.46 -10.65 -7.69
CA PRO I 312 -19.55 -9.81 -8.49
C PRO I 312 -18.38 -10.55 -9.09
N LEU I 313 -17.91 -11.62 -8.46
CA LEU I 313 -16.71 -12.33 -8.92
C LEU I 313 -17.10 -13.42 -9.91
N THR I 314 -16.54 -13.35 -11.12
CA THR I 314 -16.86 -14.28 -12.19
C THR I 314 -15.59 -14.74 -12.87
N ILE I 315 -15.70 -15.84 -13.63
CA ILE I 315 -14.62 -16.31 -14.48
C ILE I 315 -15.20 -16.63 -15.86
N GLY I 316 -14.55 -16.12 -16.90
CA GLY I 316 -14.99 -16.32 -18.26
C GLY I 316 -15.64 -15.08 -18.83
N GLU I 317 -16.24 -15.24 -20.01
CA GLU I 317 -16.91 -14.14 -20.69
C GLU I 317 -18.32 -13.94 -20.16
N CYS I 318 -18.45 -13.82 -18.84
CA CYS I 318 -19.75 -13.63 -18.22
C CYS I 318 -20.25 -12.20 -18.44
N PRO I 319 -21.56 -12.00 -18.39
CA PRO I 319 -22.10 -10.64 -18.48
C PRO I 319 -21.71 -9.81 -17.26
N LYS I 320 -22.02 -8.53 -17.34
CA LYS I 320 -21.64 -7.58 -16.30
C LYS I 320 -22.46 -7.80 -15.04
N TYR I 321 -22.00 -7.22 -13.94
CA TYR I 321 -22.61 -7.39 -12.63
C TYR I 321 -23.08 -6.05 -12.09
N VAL I 322 -24.27 -6.05 -11.51
CA VAL I 322 -24.84 -4.88 -10.85
C VAL I 322 -25.29 -5.29 -9.44
N LYS I 323 -25.89 -4.35 -8.73
CA LYS I 323 -26.31 -4.57 -7.35
C LYS I 323 -27.76 -4.12 -7.15
N SER I 324 -28.64 -4.53 -8.06
CA SER I 324 -30.04 -4.16 -7.96
C SER I 324 -30.94 -5.39 -8.00
N ASN I 325 -32.25 -5.18 -8.11
CA ASN I 325 -33.21 -6.28 -8.09
C ASN I 325 -34.20 -6.28 -9.25
N LYS I 326 -34.43 -5.15 -9.90
CA LYS I 326 -35.41 -5.08 -10.98
C LYS I 326 -34.88 -4.18 -12.08
N LEU I 327 -34.85 -4.70 -13.31
CA LEU I 327 -34.38 -3.96 -14.48
C LEU I 327 -35.24 -4.36 -15.67
N VAL I 328 -35.94 -3.38 -16.25
CA VAL I 328 -36.83 -3.61 -17.37
C VAL I 328 -36.50 -2.61 -18.47
N LEU I 329 -36.43 -3.09 -19.70
CA LEU I 329 -36.19 -2.27 -20.88
C LEU I 329 -37.31 -2.47 -21.89
N ALA I 330 -38.55 -2.41 -21.38
CA ALA I 330 -39.72 -2.76 -22.18
C ALA I 330 -40.01 -1.69 -23.22
N THR I 331 -40.85 -2.08 -24.18
CA THR I 331 -41.38 -1.19 -25.21
C THR I 331 -42.89 -1.38 -25.29
N GLY I 332 -43.53 -0.58 -26.12
CA GLY I 332 -44.97 -0.69 -26.35
C GLY I 332 -45.74 0.47 -25.77
N LEU I 333 -47.06 0.36 -25.92
CA LEU I 333 -47.98 1.42 -25.49
C LEU I 333 -48.22 1.31 -23.98
N ARG I 334 -49.22 2.04 -23.50
CA ARG I 334 -49.60 2.06 -22.08
C ARG I 334 -48.46 2.54 -21.20
N VAL J 48 -45.52 17.18 -4.22
CA VAL J 48 -44.19 17.46 -4.74
C VAL J 48 -43.13 17.02 -3.73
N THR J 49 -43.56 16.81 -2.48
CA THR J 49 -42.64 16.33 -1.45
C THR J 49 -42.12 14.93 -1.78
N ASN J 50 -42.92 14.12 -2.47
CA ASN J 50 -42.44 12.82 -2.93
C ASN J 50 -41.28 12.99 -3.91
N LYS J 51 -41.38 13.98 -4.81
CA LYS J 51 -40.28 14.27 -5.71
C LYS J 51 -39.04 14.70 -4.94
N VAL J 52 -39.23 15.46 -3.87
CA VAL J 52 -38.09 15.86 -3.03
C VAL J 52 -37.45 14.64 -2.40
N ASN J 53 -38.26 13.72 -1.87
CA ASN J 53 -37.73 12.52 -1.25
C ASN J 53 -37.16 11.55 -2.26
N SER J 54 -37.49 11.71 -3.54
CA SER J 54 -36.92 10.84 -4.57
C SER J 54 -35.41 10.96 -4.63
N ILE J 55 -34.88 12.18 -4.49
CA ILE J 55 -33.45 12.37 -4.60
C ILE J 55 -32.74 11.76 -3.40
N ILE J 56 -33.33 11.85 -2.20
CA ILE J 56 -32.71 11.21 -1.05
C ILE J 56 -32.82 9.70 -1.16
N ASP J 57 -33.88 9.21 -1.82
CA ASP J 57 -33.98 7.77 -2.09
C ASP J 57 -32.89 7.31 -3.03
N LYS J 58 -32.61 8.08 -4.08
CA LYS J 58 -31.58 7.69 -5.04
C LYS J 58 -30.17 7.87 -4.49
N MET J 59 -29.98 8.83 -3.60
CA MET J 59 -28.66 9.25 -3.18
C MET J 59 -28.19 8.51 -1.92
N ASN J 60 -29.04 7.65 -1.35
CA ASN J 60 -28.74 7.05 -0.05
C ASN J 60 -27.48 6.20 -0.07
N THR J 61 -27.02 5.76 -1.24
CA THR J 61 -25.84 4.91 -1.34
C THR J 61 -24.55 5.72 -1.46
N GLN J 62 -24.54 6.94 -0.92
CA GLN J 62 -23.39 7.83 -1.09
C GLN J 62 -22.15 7.24 -0.43
N PHE J 63 -21.01 7.45 -1.09
CA PHE J 63 -19.72 7.06 -0.52
C PHE J 63 -19.40 7.90 0.70
N GLU J 64 -18.77 7.28 1.69
CA GLU J 64 -18.38 7.94 2.93
C GLU J 64 -16.86 7.84 3.11
N ALA J 65 -16.26 8.89 3.63
CA ALA J 65 -14.81 8.98 3.78
C ALA J 65 -14.40 8.78 5.22
N VAL J 66 -13.33 8.01 5.42
CA VAL J 66 -12.77 7.76 6.75
C VAL J 66 -11.30 8.17 6.72
N GLY J 67 -10.89 8.93 7.74
CA GLY J 67 -9.53 9.46 7.76
C GLY J 67 -8.49 8.39 8.08
N ARG J 68 -7.31 8.56 7.49
CA ARG J 68 -6.16 7.71 7.76
C ARG J 68 -4.93 8.59 7.93
N GLU J 69 -3.92 8.05 8.61
CA GLU J 69 -2.82 8.85 9.13
C GLU J 69 -1.48 8.26 8.71
N PHE J 70 -1.33 7.99 7.42
CA PHE J 70 -0.08 7.42 6.92
C PHE J 70 1.11 8.30 7.30
N ASN J 71 2.19 7.65 7.74
CA ASN J 71 3.38 8.37 8.14
C ASN J 71 4.17 8.82 6.91
N ASN J 72 5.23 9.58 7.17
CA ASN J 72 5.96 10.22 6.07
C ASN J 72 6.66 9.20 5.18
N LEU J 73 7.23 8.14 5.77
CA LEU J 73 8.03 7.20 4.99
C LEU J 73 7.22 6.53 3.88
N GLU J 74 5.93 6.28 4.12
CA GLU J 74 5.06 5.65 3.14
C GLU J 74 4.38 6.68 2.23
N ARG J 75 4.98 7.87 2.12
CA ARG J 75 4.36 9.00 1.43
C ARG J 75 3.58 8.59 0.19
N ARG J 76 4.19 7.78 -0.67
CA ARG J 76 3.59 7.45 -1.96
C ARG J 76 2.17 6.93 -1.80
N ILE J 77 1.99 5.90 -0.96
CA ILE J 77 0.66 5.30 -0.87
C ILE J 77 -0.32 6.31 -0.30
N GLU J 78 0.15 7.16 0.63
CA GLU J 78 -0.71 8.20 1.17
C GLU J 78 -1.29 9.06 0.06
N ASN J 79 -0.45 9.39 -0.94
CA ASN J 79 -0.94 10.17 -2.07
C ASN J 79 -2.19 9.54 -2.66
N LEU J 80 -2.14 8.23 -2.91
CA LEU J 80 -3.30 7.54 -3.47
C LEU J 80 -4.54 7.85 -2.64
N ASN J 81 -4.45 7.67 -1.33
CA ASN J 81 -5.59 7.94 -0.46
C ASN J 81 -6.13 9.33 -0.71
N LYS J 82 -5.24 10.33 -0.69
CA LYS J 82 -5.67 11.69 -0.96
C LYS J 82 -6.36 11.77 -2.31
N LYS J 83 -5.68 11.30 -3.36
CA LYS J 83 -6.27 11.32 -4.69
C LYS J 83 -7.61 10.59 -4.68
N MET J 84 -7.69 9.51 -3.92
CA MET J 84 -8.93 8.77 -3.74
C MET J 84 -10.09 9.73 -3.52
N GLU J 85 -10.04 10.50 -2.43
CA GLU J 85 -11.11 11.42 -2.15
C GLU J 85 -11.30 12.40 -3.29
N ASP J 86 -10.20 12.98 -3.76
CA ASP J 86 -10.27 13.99 -4.80
C ASP J 86 -10.92 13.45 -6.07
N GLY J 87 -10.94 12.14 -6.24
CA GLY J 87 -11.76 11.60 -7.30
C GLY J 87 -13.20 11.54 -6.86
N PHE J 88 -13.48 10.69 -5.88
CA PHE J 88 -14.85 10.25 -5.66
C PHE J 88 -15.76 11.41 -5.35
N LEU J 89 -15.39 12.23 -4.36
CA LEU J 89 -16.21 13.38 -4.00
C LEU J 89 -16.53 14.20 -5.24
N ASP J 90 -15.50 14.53 -6.03
CA ASP J 90 -15.74 15.31 -7.23
C ASP J 90 -16.78 14.64 -8.10
N VAL J 91 -16.56 13.36 -8.41
CA VAL J 91 -17.55 12.62 -9.20
C VAL J 91 -18.93 12.82 -8.61
N TRP J 92 -19.06 12.49 -7.32
CA TRP J 92 -20.37 12.56 -6.69
C TRP J 92 -20.96 13.95 -6.84
N THR J 93 -20.19 14.99 -6.50
CA THR J 93 -20.80 16.31 -6.52
C THR J 93 -21.23 16.66 -7.93
N TYR J 94 -20.40 16.32 -8.92
CA TYR J 94 -20.81 16.56 -10.30
C TYR J 94 -22.13 15.87 -10.57
N ASN J 95 -22.19 14.57 -10.27
CA ASN J 95 -23.44 13.85 -10.45
C ASN J 95 -24.58 14.57 -9.78
N ALA J 96 -24.38 14.94 -8.50
CA ALA J 96 -25.44 15.59 -7.75
C ALA J 96 -25.94 16.81 -8.50
N GLU J 97 -25.02 17.69 -8.89
CA GLU J 97 -25.43 18.92 -9.55
C GLU J 97 -26.23 18.58 -10.79
N LEU J 98 -25.73 17.63 -11.59
CA LEU J 98 -26.41 17.23 -12.81
C LEU J 98 -27.87 16.92 -12.52
N LEU J 99 -28.10 16.09 -11.50
CA LEU J 99 -29.47 15.70 -11.15
C LEU J 99 -30.36 16.93 -11.11
N VAL J 100 -30.00 17.88 -10.25
CA VAL J 100 -30.80 19.06 -9.98
C VAL J 100 -31.29 19.61 -11.31
N LEU J 101 -30.33 19.83 -12.21
CA LEU J 101 -30.63 20.52 -13.46
C LEU J 101 -31.85 19.89 -14.14
N MET J 102 -31.77 18.61 -14.50
CA MET J 102 -32.87 18.06 -15.29
C MET J 102 -34.16 18.10 -14.50
N GLU J 103 -34.12 17.77 -13.20
CA GLU J 103 -35.36 17.82 -12.43
C GLU J 103 -35.92 19.22 -12.45
N ASN J 104 -35.07 20.22 -12.24
CA ASN J 104 -35.51 21.60 -12.33
C ASN J 104 -36.23 21.85 -13.65
N GLU J 105 -35.60 21.44 -14.75
CA GLU J 105 -36.22 21.61 -16.06
C GLU J 105 -37.58 20.93 -16.08
N ARG J 106 -37.62 19.67 -15.65
CA ARG J 106 -38.89 18.96 -15.63
C ARG J 106 -39.87 19.68 -14.72
N THR J 107 -39.39 20.16 -13.57
CA THR J 107 -40.27 20.84 -12.63
C THR J 107 -40.96 22.03 -13.27
N LEU J 108 -40.35 22.61 -14.30
CA LEU J 108 -41.07 23.61 -15.09
C LEU J 108 -41.89 22.92 -16.17
N ASP J 109 -41.24 22.10 -17.00
CA ASP J 109 -41.81 21.67 -18.26
C ASP J 109 -43.17 21.03 -18.07
N PHE J 110 -43.21 19.90 -17.36
CA PHE J 110 -44.47 19.21 -17.13
C PHE J 110 -45.50 20.15 -16.55
N HIS J 111 -45.09 20.99 -15.59
CA HIS J 111 -46.02 21.93 -14.99
C HIS J 111 -46.67 22.78 -16.06
N ASP J 112 -45.85 23.44 -16.89
CA ASP J 112 -46.39 24.21 -17.99
C ASP J 112 -47.33 23.35 -18.83
N SER J 113 -46.85 22.17 -19.23
CA SER J 113 -47.67 21.30 -20.07
C SER J 113 -49.04 21.12 -19.45
N ASN J 114 -49.08 20.86 -18.15
CA ASN J 114 -50.36 20.53 -17.53
C ASN J 114 -51.34 21.66 -17.72
N VAL J 115 -50.94 22.90 -17.42
CA VAL J 115 -51.92 23.97 -17.49
C VAL J 115 -52.39 24.14 -18.92
N LYS J 116 -51.48 23.93 -19.88
CA LYS J 116 -51.87 24.05 -21.28
C LYS J 116 -52.99 23.06 -21.60
N ASN J 117 -52.83 21.80 -21.19
CA ASN J 117 -53.88 20.85 -21.50
C ASN J 117 -55.15 21.17 -20.73
N LEU J 118 -55.01 21.81 -19.56
CA LEU J 118 -56.18 22.28 -18.84
C LEU J 118 -56.94 23.29 -19.70
N TYR J 119 -56.22 24.18 -20.36
CA TYR J 119 -56.85 25.07 -21.33
C TYR J 119 -57.49 24.23 -22.44
N ASP J 120 -56.77 23.22 -22.92
CA ASP J 120 -57.37 22.29 -23.86
C ASP J 120 -58.56 21.59 -23.25
N LYS J 121 -58.50 21.31 -21.94
CA LYS J 121 -59.61 20.66 -21.26
C LYS J 121 -60.84 21.56 -21.28
N VAL J 122 -60.64 22.87 -21.44
CA VAL J 122 -61.76 23.79 -21.54
C VAL J 122 -61.82 24.39 -22.93
N ARG J 123 -61.20 23.73 -23.91
CA ARG J 123 -61.17 24.24 -25.26
C ARG J 123 -62.11 23.50 -26.21
N LEU J 124 -62.40 22.23 -25.96
CA LEU J 124 -63.32 21.49 -26.82
C LEU J 124 -64.75 21.98 -26.62
N VAL K 48 -24.28 30.66 -29.20
CA VAL K 48 -24.13 29.31 -28.69
C VAL K 48 -22.66 29.03 -28.39
N THR K 49 -21.77 29.87 -28.94
CA THR K 49 -20.35 29.73 -28.65
C THR K 49 -20.08 29.92 -27.17
N ASN K 50 -20.85 30.80 -26.52
CA ASN K 50 -20.72 30.97 -25.07
C ASN K 50 -21.03 29.68 -24.35
N LYS K 51 -22.06 28.95 -24.81
CA LYS K 51 -22.42 27.69 -24.16
C LYS K 51 -21.30 26.66 -24.28
N VAL K 52 -20.74 26.51 -25.48
CA VAL K 52 -19.69 25.51 -25.67
C VAL K 52 -18.42 25.92 -24.91
N ASN K 53 -18.16 27.23 -24.80
CA ASN K 53 -17.04 27.68 -23.98
C ASN K 53 -17.29 27.37 -22.51
N SER K 54 -18.51 27.59 -22.04
CA SER K 54 -18.86 27.31 -20.65
C SER K 54 -18.93 25.84 -20.34
N ILE K 55 -19.04 24.98 -21.35
CA ILE K 55 -19.09 23.54 -21.13
C ILE K 55 -17.90 23.08 -20.30
N ILE K 56 -16.75 23.73 -20.48
CA ILE K 56 -15.53 23.28 -19.81
C ILE K 56 -15.63 23.41 -18.30
N ASP K 57 -16.46 24.33 -17.81
CA ASP K 57 -16.50 24.54 -16.36
C ASP K 57 -17.26 23.43 -15.64
N LYS K 58 -18.11 22.68 -16.35
CA LYS K 58 -18.84 21.58 -15.71
C LYS K 58 -17.89 20.51 -15.20
N MET K 59 -16.72 20.37 -15.85
CA MET K 59 -15.79 19.30 -15.51
C MET K 59 -14.35 19.76 -15.38
N ASN K 60 -14.10 21.07 -15.23
CA ASN K 60 -12.74 21.59 -15.18
C ASN K 60 -11.93 21.03 -14.03
N THR K 61 -12.58 20.45 -13.03
CA THR K 61 -11.89 19.79 -11.93
C THR K 61 -11.64 18.31 -12.20
N GLN K 62 -11.49 17.95 -13.47
CA GLN K 62 -11.35 16.55 -13.85
C GLN K 62 -10.07 15.95 -13.24
N PHE K 63 -10.13 14.64 -13.00
CA PHE K 63 -9.01 13.93 -12.41
C PHE K 63 -7.78 14.00 -13.32
N GLU K 64 -6.61 14.12 -12.69
CA GLU K 64 -5.33 14.16 -13.39
C GLU K 64 -4.47 13.01 -12.90
N ALA K 65 -3.79 12.35 -13.83
CA ALA K 65 -3.00 11.17 -13.50
C ALA K 65 -1.53 11.54 -13.32
N VAL K 66 -0.91 10.95 -12.29
CA VAL K 66 0.50 11.13 -12.02
C VAL K 66 1.15 9.75 -11.91
N GLY K 67 2.27 9.57 -12.60
CA GLY K 67 2.91 8.27 -12.65
C GLY K 67 3.60 7.90 -11.34
N ARG K 68 3.64 6.59 -11.09
CA ARG K 68 4.33 6.04 -9.94
C ARG K 68 5.13 4.81 -10.41
N GLU K 69 6.18 4.48 -9.66
CA GLU K 69 7.21 3.56 -10.14
C GLU K 69 7.40 2.41 -9.16
N PHE K 70 6.31 1.74 -8.79
CA PHE K 70 6.40 0.61 -7.88
C PHE K 70 7.34 -0.45 -8.43
N ASN K 71 8.19 -1.00 -7.55
CA ASN K 71 9.21 -1.95 -7.95
C ASN K 71 8.63 -3.36 -7.99
N ASN K 72 9.51 -4.36 -8.08
CA ASN K 72 9.14 -5.72 -8.45
C ASN K 72 8.55 -6.55 -7.32
N LEU K 73 8.49 -6.03 -6.09
CA LEU K 73 8.05 -6.81 -4.95
C LEU K 73 6.73 -6.33 -4.36
N GLU K 74 5.97 -5.52 -5.09
CA GLU K 74 4.71 -4.99 -4.59
C GLU K 74 3.65 -4.99 -5.69
N ARG K 75 3.53 -6.13 -6.37
CA ARG K 75 2.66 -6.20 -7.54
C ARG K 75 1.22 -5.84 -7.21
N ARG K 76 0.78 -6.10 -5.97
CA ARG K 76 -0.62 -5.87 -5.63
C ARG K 76 -0.96 -4.38 -5.65
N ILE K 77 -0.14 -3.56 -5.00
CA ILE K 77 -0.48 -2.15 -4.93
C ILE K 77 -0.30 -1.48 -6.29
N GLU K 78 0.65 -1.93 -7.10
CA GLU K 78 0.75 -1.35 -8.44
C GLU K 78 -0.41 -1.78 -9.32
N ASN K 79 -0.93 -2.99 -9.11
CA ASN K 79 -2.18 -3.37 -9.76
C ASN K 79 -3.31 -2.44 -9.35
N LEU K 80 -3.38 -2.13 -8.06
CA LEU K 80 -4.38 -1.18 -7.58
C LEU K 80 -4.21 0.17 -8.27
N ASN K 81 -2.96 0.63 -8.37
CA ASN K 81 -2.69 1.92 -9.00
C ASN K 81 -3.13 1.93 -10.46
N LYS K 82 -2.86 0.85 -11.18
CA LYS K 82 -3.32 0.75 -12.56
C LYS K 82 -4.84 0.80 -12.62
N LYS K 83 -5.50 0.06 -11.72
CA LYS K 83 -6.96 0.04 -11.72
C LYS K 83 -7.54 1.42 -11.43
N MET K 84 -6.86 2.23 -10.62
CA MET K 84 -7.26 3.62 -10.45
C MET K 84 -7.51 4.29 -11.80
N GLU K 85 -6.51 4.24 -12.68
CA GLU K 85 -6.64 4.90 -13.97
C GLU K 85 -7.67 4.21 -14.84
N ASP K 86 -7.61 2.88 -14.94
CA ASP K 86 -8.56 2.19 -15.81
C ASP K 86 -10.00 2.39 -15.38
N GLY K 87 -10.23 2.80 -14.13
CA GLY K 87 -11.58 3.13 -13.72
C GLY K 87 -11.92 4.59 -13.95
N PHE K 88 -11.07 5.49 -13.46
CA PHE K 88 -11.37 6.90 -13.52
C PHE K 88 -11.47 7.41 -14.95
N LEU K 89 -10.55 6.99 -15.81
CA LEU K 89 -10.57 7.45 -17.19
C LEU K 89 -11.83 6.98 -17.91
N ASP K 90 -12.20 5.72 -17.68
CA ASP K 90 -13.42 5.21 -18.29
C ASP K 90 -14.65 5.97 -17.80
N VAL K 91 -14.72 6.24 -16.51
CA VAL K 91 -15.86 6.98 -15.98
C VAL K 91 -15.94 8.37 -16.62
N TRP K 92 -14.79 9.05 -16.69
CA TRP K 92 -14.80 10.41 -17.21
C TRP K 92 -15.14 10.44 -18.69
N THR K 93 -14.61 9.50 -19.48
CA THR K 93 -14.94 9.51 -20.90
C THR K 93 -16.40 9.15 -21.14
N TYR K 94 -16.95 8.23 -20.34
CA TYR K 94 -18.37 7.93 -20.46
C TYR K 94 -19.22 9.15 -20.14
N ASN K 95 -18.86 9.87 -19.07
CA ASN K 95 -19.60 11.09 -18.73
C ASN K 95 -19.51 12.11 -19.86
N ALA K 96 -18.32 12.28 -20.43
CA ALA K 96 -18.13 13.26 -21.49
C ALA K 96 -18.97 12.92 -22.71
N GLU K 97 -18.95 11.65 -23.13
CA GLU K 97 -19.73 11.25 -24.30
C GLU K 97 -21.22 11.45 -24.04
N LEU K 98 -21.69 11.07 -22.84
CA LEU K 98 -23.10 11.22 -22.53
C LEU K 98 -23.52 12.68 -22.57
N LEU K 99 -22.73 13.55 -21.94
CA LEU K 99 -23.11 14.96 -21.93
C LEU K 99 -23.07 15.55 -23.33
N VAL K 100 -22.09 15.13 -24.15
CA VAL K 100 -22.03 15.61 -25.52
C VAL K 100 -23.31 15.24 -26.26
N LEU K 101 -23.74 13.98 -26.10
CA LEU K 101 -24.95 13.54 -26.79
C LEU K 101 -26.16 14.35 -26.36
N MET K 102 -26.36 14.53 -25.05
CA MET K 102 -27.56 15.23 -24.61
C MET K 102 -27.53 16.70 -25.03
N GLU K 103 -26.36 17.35 -24.95
CA GLU K 103 -26.28 18.74 -25.38
C GLU K 103 -26.54 18.89 -26.87
N ASN K 104 -26.01 17.96 -27.68
CA ASN K 104 -26.31 18.02 -29.11
C ASN K 104 -27.80 17.86 -29.37
N GLU K 105 -28.44 16.93 -28.66
CA GLU K 105 -29.87 16.73 -28.83
C GLU K 105 -30.65 17.99 -28.47
N ARG K 106 -30.32 18.59 -27.33
CA ARG K 106 -31.03 19.80 -26.89
C ARG K 106 -30.79 20.96 -27.85
N THR K 107 -29.56 21.09 -28.37
CA THR K 107 -29.27 22.13 -29.34
C THR K 107 -30.14 21.97 -30.58
N LEU K 108 -30.19 20.75 -31.12
CA LEU K 108 -31.05 20.51 -32.28
C LEU K 108 -32.49 20.84 -31.95
N ASP K 109 -32.95 20.43 -30.76
CA ASP K 109 -34.34 20.58 -30.38
C ASP K 109 -34.75 22.05 -30.30
N PHE K 110 -33.97 22.86 -29.58
CA PHE K 110 -34.36 24.26 -29.50
C PHE K 110 -34.15 24.97 -30.84
N HIS K 111 -33.18 24.50 -31.64
CA HIS K 111 -32.96 25.12 -32.93
C HIS K 111 -34.16 24.95 -33.86
N ASP K 112 -34.76 23.76 -33.89
CA ASP K 112 -35.94 23.66 -34.76
C ASP K 112 -37.21 24.04 -34.01
N SER K 113 -37.14 24.26 -32.70
CA SER K 113 -38.30 24.76 -31.99
C SER K 113 -38.50 26.25 -32.25
N ASN K 114 -37.40 27.01 -32.29
CA ASN K 114 -37.52 28.46 -32.45
C ASN K 114 -38.18 28.82 -33.77
N VAL K 115 -37.84 28.10 -34.84
CA VAL K 115 -38.38 28.43 -36.16
C VAL K 115 -39.90 28.24 -36.19
N LYS K 116 -40.39 27.12 -35.64
CA LYS K 116 -41.83 26.93 -35.61
C LYS K 116 -42.48 27.90 -34.64
N ASN K 117 -41.76 28.35 -33.61
CA ASN K 117 -42.28 29.41 -32.75
C ASN K 117 -42.53 30.67 -33.56
N LEU K 118 -41.55 31.07 -34.37
CA LEU K 118 -41.75 32.26 -35.22
C LEU K 118 -42.87 32.02 -36.23
N TYR K 119 -42.95 30.81 -36.78
CA TYR K 119 -44.03 30.51 -37.72
C TYR K 119 -45.40 30.66 -37.08
N ASP K 120 -45.55 30.15 -35.86
CA ASP K 120 -46.81 30.33 -35.14
C ASP K 120 -47.06 31.81 -34.86
N LYS K 121 -46.00 32.55 -34.53
CA LYS K 121 -46.13 33.97 -34.27
C LYS K 121 -46.69 34.71 -35.48
N VAL K 122 -46.18 34.41 -36.67
CA VAL K 122 -46.68 35.09 -37.86
C VAL K 122 -47.98 34.48 -38.35
N ARG K 123 -48.31 33.27 -37.92
CA ARG K 123 -49.49 32.56 -38.42
C ARG K 123 -50.75 32.85 -37.60
N LEU K 124 -50.60 33.21 -36.32
CA LEU K 124 -51.77 33.37 -35.46
C LEU K 124 -52.69 34.46 -35.98
N VAL L 48 -35.86 -1.22 -33.24
CA VAL L 48 -35.36 -0.57 -32.03
C VAL L 48 -34.57 -1.56 -31.19
N THR L 49 -34.68 -2.85 -31.54
CA THR L 49 -33.88 -3.86 -30.86
C THR L 49 -32.40 -3.65 -31.12
N ASN L 50 -32.06 -2.96 -32.21
CA ASN L 50 -30.66 -2.61 -32.46
C ASN L 50 -30.12 -1.74 -31.35
N LYS L 51 -30.92 -0.79 -30.86
CA LYS L 51 -30.50 0.02 -29.73
C LYS L 51 -30.33 -0.85 -28.47
N VAL L 52 -31.22 -1.83 -28.29
CA VAL L 52 -31.09 -2.74 -27.16
C VAL L 52 -29.76 -3.48 -27.22
N ASN L 53 -29.38 -3.95 -28.41
CA ASN L 53 -28.09 -4.60 -28.57
C ASN L 53 -26.95 -3.62 -28.37
N SER L 54 -27.14 -2.37 -28.75
CA SER L 54 -26.12 -1.34 -28.58
C SER L 54 -25.98 -0.87 -27.14
N ILE L 55 -26.93 -1.23 -26.28
CA ILE L 55 -26.81 -0.87 -24.86
C ILE L 55 -25.53 -1.43 -24.28
N ILE L 56 -25.21 -2.69 -24.60
CA ILE L 56 -23.95 -3.27 -24.16
C ILE L 56 -22.78 -2.50 -24.75
N ASP L 57 -22.90 -2.04 -26.00
CA ASP L 57 -21.84 -1.27 -26.63
C ASP L 57 -21.57 0.01 -25.85
N LYS L 58 -22.64 0.67 -25.39
CA LYS L 58 -22.49 1.94 -24.67
C LYS L 58 -21.61 1.77 -23.43
N MET L 59 -21.54 0.56 -22.87
CA MET L 59 -21.09 0.38 -21.49
C MET L 59 -20.09 -0.77 -21.36
N ASN L 60 -19.81 -1.49 -22.46
CA ASN L 60 -19.03 -2.72 -22.41
C ASN L 60 -17.69 -2.58 -21.71
N THR L 61 -17.17 -1.38 -21.53
CA THR L 61 -15.87 -1.17 -20.92
C THR L 61 -15.94 -1.09 -19.40
N GLN L 62 -16.95 -1.69 -18.77
CA GLN L 62 -17.12 -1.57 -17.34
C GLN L 62 -15.92 -2.17 -16.59
N PHE L 63 -15.61 -1.54 -15.46
CA PHE L 63 -14.59 -2.07 -14.56
C PHE L 63 -14.97 -3.45 -14.07
N GLU L 64 -13.98 -4.33 -13.98
CA GLU L 64 -14.16 -5.70 -13.52
C GLU L 64 -13.33 -5.92 -12.25
N ALA L 65 -13.99 -6.40 -11.20
CA ALA L 65 -13.31 -6.62 -9.93
C ALA L 65 -12.47 -7.88 -9.98
N VAL L 66 -11.31 -7.83 -9.33
CA VAL L 66 -10.41 -8.97 -9.21
C VAL L 66 -10.11 -9.19 -7.74
N GLY L 67 -10.16 -10.45 -7.31
CA GLY L 67 -9.96 -10.76 -5.90
C GLY L 67 -8.50 -10.58 -5.49
N ARG L 68 -8.32 -10.00 -4.30
CA ARG L 68 -7.01 -9.83 -3.70
C ARG L 68 -7.10 -10.23 -2.23
N GLU L 69 -5.94 -10.46 -1.63
CA GLU L 69 -5.86 -11.00 -0.28
C GLU L 69 -4.91 -10.14 0.54
N PHE L 70 -5.15 -10.04 1.85
CA PHE L 70 -4.30 -9.24 2.73
C PHE L 70 -4.26 -9.86 4.11
N ASN L 71 -3.07 -9.88 4.71
CA ASN L 71 -2.87 -10.54 5.99
C ASN L 71 -3.42 -9.69 7.13
N ASN L 72 -3.07 -10.06 8.36
CA ASN L 72 -3.72 -9.54 9.56
C ASN L 72 -3.02 -8.31 10.14
N LEU L 73 -1.98 -7.78 9.49
CA LEU L 73 -1.31 -6.59 9.99
C LEU L 73 -1.11 -5.56 8.89
N GLU L 74 -2.01 -5.53 7.91
CA GLU L 74 -2.00 -4.50 6.87
C GLU L 74 -3.42 -4.03 6.60
N ARG L 75 -4.23 -3.91 7.66
CA ARG L 75 -5.67 -3.70 7.49
C ARG L 75 -5.99 -2.42 6.72
N ARG L 76 -5.10 -1.43 6.77
CA ARG L 76 -5.39 -0.16 6.11
C ARG L 76 -5.52 -0.34 4.60
N ILE L 77 -4.62 -1.12 3.99
CA ILE L 77 -4.69 -1.35 2.56
C ILE L 77 -5.93 -2.17 2.20
N GLU L 78 -6.28 -3.13 3.06
CA GLU L 78 -7.48 -3.92 2.82
C GLU L 78 -8.73 -3.04 2.86
N ASN L 79 -8.78 -2.10 3.81
CA ASN L 79 -9.88 -1.15 3.85
C ASN L 79 -9.92 -0.29 2.60
N LEU L 80 -8.74 0.14 2.14
CA LEU L 80 -8.66 0.90 0.89
C LEU L 80 -9.28 0.11 -0.26
N ASN L 81 -8.90 -1.16 -0.38
CA ASN L 81 -9.42 -1.99 -1.46
C ASN L 81 -10.93 -2.17 -1.35
N LYS L 82 -11.43 -2.41 -0.13
CA LYS L 82 -12.86 -2.60 0.05
C LYS L 82 -13.64 -1.35 -0.34
N LYS L 83 -13.18 -0.18 0.11
CA LYS L 83 -13.83 1.07 -0.25
C LYS L 83 -13.77 1.30 -1.75
N MET L 84 -12.63 0.94 -2.36
CA MET L 84 -12.48 1.06 -3.81
C MET L 84 -13.57 0.29 -4.52
N GLU L 85 -13.72 -0.99 -4.18
CA GLU L 85 -14.68 -1.85 -4.85
C GLU L 85 -16.10 -1.35 -4.66
N ASP L 86 -16.45 -1.00 -3.42
CA ASP L 86 -17.81 -0.54 -3.16
C ASP L 86 -18.11 0.76 -3.91
N GLY L 87 -17.16 1.70 -3.93
CA GLY L 87 -17.39 2.93 -4.64
C GLY L 87 -17.59 2.72 -6.13
N PHE L 88 -16.72 1.92 -6.74
CA PHE L 88 -16.85 1.68 -8.17
C PHE L 88 -18.16 0.98 -8.50
N LEU L 89 -18.54 -0.01 -7.70
CA LEU L 89 -19.78 -0.74 -7.97
C LEU L 89 -20.99 0.18 -7.82
N ASP L 90 -20.99 1.02 -6.78
CA ASP L 90 -22.10 1.94 -6.59
C ASP L 90 -22.22 2.92 -7.75
N VAL L 91 -21.08 3.46 -8.20
CA VAL L 91 -21.12 4.39 -9.32
C VAL L 91 -21.68 3.71 -10.56
N TRP L 92 -21.22 2.50 -10.85
CA TRP L 92 -21.66 1.82 -12.06
C TRP L 92 -23.15 1.47 -12.00
N THR L 93 -23.63 0.99 -10.85
CA THR L 93 -25.04 0.65 -10.77
C THR L 93 -25.91 1.90 -10.84
N TYR L 94 -25.44 3.01 -10.27
CA TYR L 94 -26.18 4.26 -10.39
C TYR L 94 -26.27 4.69 -11.85
N ASN L 95 -25.16 4.62 -12.57
CA ASN L 95 -25.18 4.97 -13.99
C ASN L 95 -26.14 4.08 -14.75
N ALA L 96 -26.12 2.79 -14.49
CA ALA L 96 -26.98 1.86 -15.22
C ALA L 96 -28.45 2.17 -14.96
N GLU L 97 -28.81 2.36 -13.69
CA GLU L 97 -30.20 2.65 -13.36
C GLU L 97 -30.66 3.94 -14.02
N LEU L 98 -29.82 4.99 -13.95
CA LEU L 98 -30.19 6.27 -14.53
C LEU L 98 -30.40 6.15 -16.03
N LEU L 99 -29.47 5.48 -16.72
CA LEU L 99 -29.60 5.35 -18.17
C LEU L 99 -30.84 4.56 -18.53
N VAL L 100 -31.12 3.49 -17.78
CA VAL L 100 -32.31 2.69 -18.06
C VAL L 100 -33.56 3.57 -17.96
N LEU L 101 -33.64 4.38 -16.91
CA LEU L 101 -34.81 5.24 -16.73
C LEU L 101 -34.95 6.22 -17.89
N MET L 102 -33.84 6.89 -18.26
CA MET L 102 -33.99 7.92 -19.29
C MET L 102 -34.34 7.31 -20.64
N GLU L 103 -33.74 6.18 -21.01
CA GLU L 103 -34.11 5.61 -22.30
C GLU L 103 -35.51 5.01 -22.28
N ASN L 104 -35.98 4.51 -21.13
CA ASN L 104 -37.38 4.09 -21.07
C ASN L 104 -38.30 5.27 -21.32
N GLU L 105 -38.00 6.42 -20.71
CA GLU L 105 -38.81 7.61 -20.94
C GLU L 105 -38.77 8.02 -22.42
N ARG L 106 -37.58 8.01 -23.02
CA ARG L 106 -37.45 8.41 -24.42
C ARG L 106 -38.20 7.45 -25.33
N THR L 107 -38.14 6.15 -25.03
CA THR L 107 -38.88 5.18 -25.83
C THR L 107 -40.38 5.42 -25.73
N LEU L 108 -40.87 5.71 -24.53
CA LEU L 108 -42.29 6.01 -24.38
C LEU L 108 -42.67 7.26 -25.18
N ASP L 109 -41.81 8.28 -25.15
CA ASP L 109 -42.07 9.50 -25.90
C ASP L 109 -42.13 9.22 -27.40
N PHE L 110 -41.17 8.45 -27.90
CA PHE L 110 -41.20 8.03 -29.30
C PHE L 110 -42.51 7.32 -29.60
N HIS L 111 -42.94 6.45 -28.69
CA HIS L 111 -44.14 5.66 -28.92
C HIS L 111 -45.37 6.56 -29.09
N ASP L 112 -45.59 7.48 -28.16
CA ASP L 112 -46.84 8.25 -28.30
C ASP L 112 -46.69 9.39 -29.30
N SER L 113 -45.46 9.70 -29.73
CA SER L 113 -45.30 10.76 -30.71
C SER L 113 -45.48 10.24 -32.13
N ASN L 114 -45.06 9.00 -32.39
CA ASN L 114 -45.17 8.47 -33.75
C ASN L 114 -46.62 8.38 -34.18
N VAL L 115 -47.50 7.88 -33.30
CA VAL L 115 -48.90 7.74 -33.66
C VAL L 115 -49.53 9.10 -33.93
N LYS L 116 -49.24 10.08 -33.08
CA LYS L 116 -49.83 11.40 -33.26
C LYS L 116 -49.34 12.05 -34.55
N ASN L 117 -48.06 11.92 -34.87
CA ASN L 117 -47.59 12.53 -36.11
C ASN L 117 -48.15 11.82 -37.33
N LEU L 118 -48.32 10.49 -37.28
CA LEU L 118 -48.98 9.81 -38.37
C LEU L 118 -50.43 10.27 -38.54
N TYR L 119 -51.13 10.44 -37.42
CA TYR L 119 -52.51 10.93 -37.48
C TYR L 119 -52.56 12.33 -38.08
N ASP L 120 -51.62 13.19 -37.71
CA ASP L 120 -51.55 14.53 -38.29
C ASP L 120 -51.27 14.43 -39.79
N LYS L 121 -50.38 13.53 -40.19
CA LYS L 121 -50.06 13.37 -41.61
C LYS L 121 -51.30 12.97 -42.40
N VAL L 122 -52.06 11.99 -41.92
CA VAL L 122 -53.26 11.58 -42.63
C VAL L 122 -54.42 12.55 -42.45
N ARG L 123 -54.30 13.48 -41.51
CA ARG L 123 -55.38 14.41 -41.19
C ARG L 123 -55.43 15.60 -42.14
N LEU L 124 -54.29 16.17 -42.49
CA LEU L 124 -54.26 17.32 -43.37
C LEU L 124 -54.58 16.92 -44.80
#